data_4X5T
#
_entry.id   4X5T
#
_cell.length_a   118.894
_cell.length_b   132.304
_cell.length_c   190.517
_cell.angle_alpha   90.00
_cell.angle_beta   90.00
_cell.angle_gamma   90.00
#
_symmetry.space_group_name_H-M   'P 21 21 21'
#
loop_
_entity.id
_entity.type
_entity.pdbx_description
1 polymer 'Proton-gated ion channel,GLRA1 protein,GLRA1 protein'
2 non-polymer 'NICKEL (II) ION'
3 non-polymer 'CHLORIDE ION'
4 non-polymer 'ACETATE ION'
#
_entity_poly.entity_id   1
_entity_poly.type   'polypeptide(L)'
_entity_poly.pdbx_seq_one_letter_code
;QDMVSPPPPIADEPLTVNTGIYLIECYSLDDKAETFKVNAFLSLSWKDRRLAFDPVRSGVRVKTYEPEAIWIPEIRFVNV
ENARDADVVDISVSPDGTVQYLERFSARVLSPLDFRRFPMDSQTLHIYLIVRSVDTRNIVLAVDLEKVGKNDDVFLTGWD
IESFTAVVKPANFALEDRLESKLDYQLRISRQMGYYLIQMYIPSLLIVILSWISFWINMDAAPARVGLGITTVLTMTTQS
SGSRASLPKVSYVKAIDIWMAVCLLFVFSALLEYAAVNFVSRQSQPQRAKKIDKISRIGFPMAFLIFNMFYWIIYFGFGG
HHHHHHHHHH
;
_entity_poly.pdbx_strand_id   A,B,C,D,E
#
# COMPACT_ATOMS: atom_id res chain seq x y z
N VAL A 4 -34.24 -18.14 -19.19
CA VAL A 4 -34.27 -19.41 -18.46
C VAL A 4 -35.03 -19.32 -17.14
N SER A 5 -35.65 -20.42 -16.73
CA SER A 5 -36.42 -20.46 -15.48
C SER A 5 -35.96 -21.67 -14.65
N PRO A 6 -36.19 -21.71 -13.31
CA PRO A 6 -35.71 -22.86 -12.51
C PRO A 6 -36.42 -24.17 -12.85
N PRO A 7 -35.81 -25.35 -12.51
CA PRO A 7 -36.49 -26.63 -12.80
C PRO A 7 -37.78 -26.76 -12.02
N PRO A 8 -38.88 -27.22 -12.64
CA PRO A 8 -40.15 -27.31 -11.90
C PRO A 8 -40.16 -28.45 -10.88
N PRO A 9 -40.81 -28.27 -9.72
CA PRO A 9 -40.85 -29.37 -8.74
C PRO A 9 -41.82 -30.48 -9.14
N ILE A 10 -41.44 -31.76 -8.95
CA ILE A 10 -42.30 -32.90 -9.29
C ILE A 10 -43.52 -32.93 -8.37
N ALA A 11 -43.34 -32.61 -7.08
CA ALA A 11 -44.41 -32.53 -6.10
C ALA A 11 -44.50 -31.07 -5.59
N ASP A 12 -43.73 -30.73 -4.54
CA ASP A 12 -43.67 -29.39 -3.96
C ASP A 12 -42.25 -29.12 -3.42
N GLU A 13 -41.45 -30.20 -3.27
CA GLU A 13 -40.08 -30.25 -2.73
C GLU A 13 -39.13 -29.09 -3.14
N PRO A 14 -38.26 -28.60 -2.24
CA PRO A 14 -37.31 -27.56 -2.64
C PRO A 14 -36.21 -28.14 -3.53
N LEU A 15 -35.57 -27.31 -4.36
CA LEU A 15 -34.49 -27.80 -5.21
C LEU A 15 -33.20 -27.89 -4.40
N THR A 16 -32.62 -29.09 -4.34
CA THR A 16 -31.38 -29.32 -3.61
C THR A 16 -30.21 -29.11 -4.54
N VAL A 17 -29.32 -28.17 -4.18
CA VAL A 17 -28.09 -27.87 -4.91
C VAL A 17 -26.94 -28.39 -4.06
N ASN A 18 -26.31 -29.46 -4.52
CA ASN A 18 -25.18 -30.09 -3.83
C ASN A 18 -23.93 -29.29 -4.12
N THR A 19 -23.20 -28.93 -3.08
CA THR A 19 -22.01 -28.09 -3.19
C THR A 19 -20.73 -28.77 -2.75
N GLY A 20 -19.61 -28.20 -3.16
CA GLY A 20 -18.27 -28.64 -2.82
C GLY A 20 -17.23 -27.59 -3.13
N ILE A 21 -16.25 -27.45 -2.23
CA ILE A 21 -15.15 -26.50 -2.41
C ILE A 21 -13.84 -27.29 -2.29
N TYR A 22 -12.98 -27.20 -3.30
CA TYR A 22 -11.69 -27.87 -3.28
C TYR A 22 -10.61 -26.80 -3.32
N LEU A 23 -9.90 -26.59 -2.21
CA LEU A 23 -8.86 -25.56 -2.10
C LEU A 23 -7.65 -25.87 -2.95
N ILE A 24 -7.28 -24.96 -3.86
CA ILE A 24 -6.10 -25.06 -4.73
C ILE A 24 -4.99 -24.22 -4.11
N GLU A 25 -5.30 -23.02 -3.64
CA GLU A 25 -4.34 -22.13 -3.01
C GLU A 25 -4.96 -21.36 -1.84
N CYS A 26 -4.15 -21.16 -0.79
CA CYS A 26 -4.50 -20.34 0.36
C CYS A 26 -3.35 -19.46 0.62
N TYR A 27 -3.63 -18.17 0.70
CA TYR A 27 -2.58 -17.16 0.82
C TYR A 27 -3.09 -15.89 1.45
N SER A 28 -2.15 -15.00 1.77
CA SER A 28 -2.37 -13.67 2.33
C SER A 28 -3.29 -13.66 3.56
N LEU A 29 -2.95 -14.45 4.59
CA LEU A 29 -3.75 -14.36 5.80
C LEU A 29 -3.26 -13.07 6.45
N ASP A 30 -4.06 -12.00 6.32
CA ASP A 30 -3.80 -10.66 6.83
C ASP A 30 -4.41 -10.59 8.22
N ASP A 31 -3.57 -10.64 9.26
CA ASP A 31 -4.01 -10.62 10.64
C ASP A 31 -4.71 -9.29 10.98
N LYS A 32 -4.14 -8.16 10.51
CA LYS A 32 -4.68 -6.82 10.74
C LYS A 32 -6.05 -6.61 10.09
N ALA A 33 -6.19 -6.97 8.79
CA ALA A 33 -7.44 -6.84 8.03
C ALA A 33 -8.47 -7.95 8.30
N GLU A 34 -8.01 -9.06 8.93
CA GLU A 34 -8.78 -10.27 9.27
C GLU A 34 -9.39 -10.89 8.00
N THR A 35 -8.54 -10.97 6.96
CA THR A 35 -8.86 -11.53 5.65
C THR A 35 -7.84 -12.56 5.23
N PHE A 36 -8.22 -13.40 4.29
CA PHE A 36 -7.36 -14.39 3.68
C PHE A 36 -7.87 -14.57 2.29
N LYS A 37 -6.97 -14.84 1.37
CA LYS A 37 -7.35 -15.03 -0.01
C LYS A 37 -7.39 -16.52 -0.27
N VAL A 38 -8.33 -16.93 -1.11
CA VAL A 38 -8.51 -18.32 -1.47
C VAL A 38 -8.63 -18.50 -2.99
N ASN A 39 -8.13 -19.60 -3.51
CA ASN A 39 -8.24 -19.94 -4.92
C ASN A 39 -8.69 -21.38 -4.89
N ALA A 40 -9.90 -21.65 -5.37
CA ALA A 40 -10.46 -22.99 -5.24
C ALA A 40 -11.40 -23.35 -6.36
N PHE A 41 -11.84 -24.60 -6.34
CA PHE A 41 -12.82 -25.10 -7.26
C PHE A 41 -14.13 -25.02 -6.52
N LEU A 42 -15.20 -24.70 -7.20
CA LEU A 42 -16.52 -24.72 -6.62
C LEU A 42 -17.34 -25.64 -7.51
N SER A 43 -17.88 -26.72 -6.93
CA SER A 43 -18.70 -27.68 -7.66
C SER A 43 -20.14 -27.58 -7.23
N LEU A 44 -21.06 -27.59 -8.20
CA LEU A 44 -22.50 -27.52 -7.94
C LEU A 44 -23.23 -28.62 -8.71
N SER A 45 -24.25 -29.27 -8.08
CA SER A 45 -25.05 -30.33 -8.69
C SER A 45 -26.51 -30.18 -8.34
N TRP A 46 -27.38 -30.28 -9.35
CA TRP A 46 -28.83 -30.18 -9.17
C TRP A 46 -29.53 -30.92 -10.30
N LYS A 47 -30.78 -31.35 -10.06
CA LYS A 47 -31.58 -32.10 -11.01
C LYS A 47 -32.50 -31.19 -11.81
N ASP A 48 -32.35 -31.22 -13.14
CA ASP A 48 -33.17 -30.46 -14.08
C ASP A 48 -33.68 -31.43 -15.13
N ARG A 49 -34.89 -31.94 -14.87
CA ARG A 49 -35.57 -32.92 -15.71
C ARG A 49 -35.79 -32.46 -17.15
N ARG A 50 -35.91 -31.15 -17.40
CA ARG A 50 -36.08 -30.57 -18.73
C ARG A 50 -34.86 -30.82 -19.61
N LEU A 51 -33.72 -31.18 -18.99
CA LEU A 51 -32.46 -31.45 -19.68
C LEU A 51 -32.20 -32.94 -19.87
N ALA A 52 -33.05 -33.80 -19.29
CA ALA A 52 -32.91 -35.26 -19.39
C ALA A 52 -32.96 -35.75 -20.84
N PHE A 53 -32.21 -36.81 -21.13
CA PHE A 53 -32.12 -37.39 -22.47
C PHE A 53 -31.95 -38.90 -22.42
N ASP A 54 -32.20 -39.55 -23.56
CA ASP A 54 -32.04 -40.99 -23.74
C ASP A 54 -30.61 -41.23 -24.28
N PRO A 55 -29.77 -42.08 -23.63
CA PRO A 55 -28.39 -42.26 -24.13
C PRO A 55 -28.30 -43.04 -25.43
N VAL A 56 -29.26 -43.97 -25.65
CA VAL A 56 -29.32 -44.82 -26.85
C VAL A 56 -29.61 -43.96 -28.11
N ARG A 57 -30.67 -43.12 -28.05
CA ARG A 57 -31.11 -42.24 -29.15
C ARG A 57 -30.12 -41.11 -29.46
N SER A 58 -29.56 -40.47 -28.42
CA SER A 58 -28.59 -39.38 -28.57
C SER A 58 -27.18 -39.86 -28.97
N GLY A 59 -26.80 -41.06 -28.55
CA GLY A 59 -25.49 -41.66 -28.84
C GLY A 59 -24.39 -41.25 -27.88
N VAL A 60 -24.72 -40.37 -26.92
CA VAL A 60 -23.81 -39.84 -25.90
C VAL A 60 -24.30 -40.15 -24.50
N ARG A 61 -23.38 -40.33 -23.53
CA ARG A 61 -23.73 -40.60 -22.14
C ARG A 61 -23.71 -39.32 -21.29
N VAL A 62 -23.16 -38.22 -21.84
CA VAL A 62 -23.05 -36.90 -21.21
C VAL A 62 -23.29 -35.78 -22.21
N LYS A 63 -23.84 -34.66 -21.76
CA LYS A 63 -24.07 -33.49 -22.60
C LYS A 63 -23.42 -32.27 -21.98
N THR A 64 -22.64 -31.53 -22.78
CA THR A 64 -21.93 -30.34 -22.32
C THR A 64 -22.63 -29.08 -22.79
N TYR A 65 -22.94 -28.17 -21.86
CA TYR A 65 -23.61 -26.91 -22.17
C TYR A 65 -22.77 -25.68 -21.79
N GLU A 66 -23.14 -24.52 -22.39
CA GLU A 66 -22.56 -23.21 -22.11
C GLU A 66 -23.40 -22.61 -20.97
N PRO A 67 -22.81 -21.88 -19.99
CA PRO A 67 -23.60 -21.36 -18.86
C PRO A 67 -24.89 -20.60 -19.19
N GLU A 68 -24.89 -19.83 -20.30
CA GLU A 68 -26.02 -19.06 -20.76
C GLU A 68 -27.15 -19.94 -21.32
N ALA A 69 -26.80 -21.12 -21.90
CA ALA A 69 -27.74 -22.07 -22.49
C ALA A 69 -28.71 -22.71 -21.50
N ILE A 70 -28.28 -22.92 -20.24
CA ILE A 70 -29.13 -23.56 -19.24
C ILE A 70 -29.33 -22.72 -17.97
N TRP A 71 -30.24 -23.17 -17.09
CA TRP A 71 -30.50 -22.52 -15.81
C TRP A 71 -29.44 -22.96 -14.82
N ILE A 72 -28.83 -21.98 -14.13
CA ILE A 72 -27.80 -22.22 -13.10
C ILE A 72 -28.17 -21.45 -11.82
N PRO A 73 -28.08 -22.09 -10.62
CA PRO A 73 -28.44 -21.39 -9.39
C PRO A 73 -27.48 -20.23 -9.06
N GLU A 74 -28.03 -19.07 -8.63
CA GLU A 74 -27.23 -17.92 -8.22
C GLU A 74 -26.66 -18.21 -6.79
N ILE A 75 -25.44 -18.80 -6.72
CA ILE A 75 -24.75 -19.10 -5.48
C ILE A 75 -23.80 -17.95 -5.20
N ARG A 76 -23.84 -17.41 -3.97
CA ARG A 76 -22.98 -16.30 -3.54
C ARG A 76 -22.23 -16.65 -2.24
N PHE A 77 -21.15 -15.92 -1.97
CA PHE A 77 -20.44 -16.13 -0.72
C PHE A 77 -20.89 -15.01 0.21
N VAL A 78 -21.10 -15.33 1.49
CA VAL A 78 -21.55 -14.31 2.43
C VAL A 78 -20.41 -13.37 2.82
N ASN A 79 -19.37 -13.96 3.44
CA ASN A 79 -18.26 -13.22 4.02
C ASN A 79 -17.10 -12.92 3.04
N VAL A 80 -17.42 -12.31 1.89
CA VAL A 80 -16.38 -11.94 0.90
C VAL A 80 -16.41 -10.45 0.75
N GLU A 81 -15.23 -9.85 0.49
CA GLU A 81 -15.16 -8.39 0.35
C GLU A 81 -15.96 -7.95 -0.86
N ASN A 82 -15.56 -8.46 -2.05
CA ASN A 82 -16.30 -8.27 -3.30
C ASN A 82 -16.67 -9.65 -3.80
N ALA A 83 -17.51 -9.74 -4.85
CA ALA A 83 -17.91 -11.04 -5.39
C ALA A 83 -16.69 -11.79 -5.92
N ARG A 84 -16.68 -13.13 -5.78
CA ARG A 84 -15.58 -14.00 -6.25
C ARG A 84 -15.32 -13.81 -7.76
N ASP A 85 -14.05 -13.95 -8.16
CA ASP A 85 -13.64 -13.90 -9.55
C ASP A 85 -13.85 -15.35 -10.02
N ALA A 86 -14.87 -15.60 -10.86
CA ALA A 86 -15.12 -16.99 -11.24
C ALA A 86 -15.01 -17.23 -12.75
N ASP A 87 -14.49 -18.42 -13.09
CA ASP A 87 -14.30 -18.88 -14.46
C ASP A 87 -14.90 -20.27 -14.50
N VAL A 88 -15.92 -20.48 -15.36
CA VAL A 88 -16.59 -21.79 -15.45
C VAL A 88 -15.64 -22.72 -16.16
N VAL A 89 -15.36 -23.89 -15.54
CA VAL A 89 -14.46 -24.91 -16.09
C VAL A 89 -15.27 -25.88 -16.95
N ASP A 90 -16.39 -26.41 -16.39
CA ASP A 90 -17.23 -27.39 -17.06
C ASP A 90 -18.65 -27.47 -16.55
N ILE A 91 -19.59 -27.78 -17.46
CA ILE A 91 -21.00 -28.04 -17.19
C ILE A 91 -21.34 -29.33 -17.92
N SER A 92 -21.67 -30.39 -17.15
CA SER A 92 -22.00 -31.70 -17.68
C SER A 92 -23.38 -32.16 -17.24
N VAL A 93 -24.20 -32.69 -18.16
CA VAL A 93 -25.55 -33.18 -17.87
C VAL A 93 -25.61 -34.68 -18.10
N SER A 94 -26.04 -35.44 -17.08
CA SER A 94 -26.18 -36.89 -17.17
C SER A 94 -27.54 -37.24 -17.84
N PRO A 95 -27.79 -38.48 -18.32
CA PRO A 95 -29.08 -38.76 -18.99
C PRO A 95 -30.35 -38.44 -18.19
N ASP A 96 -30.30 -38.55 -16.85
CA ASP A 96 -31.44 -38.27 -15.98
C ASP A 96 -31.61 -36.78 -15.61
N GLY A 97 -30.86 -35.91 -16.28
CA GLY A 97 -30.90 -34.47 -16.08
C GLY A 97 -30.14 -33.94 -14.87
N THR A 98 -29.15 -34.72 -14.37
CA THR A 98 -28.33 -34.31 -13.24
C THR A 98 -27.23 -33.43 -13.78
N VAL A 99 -27.26 -32.14 -13.41
CA VAL A 99 -26.28 -31.16 -13.87
C VAL A 99 -25.10 -31.17 -12.91
N GLN A 100 -23.88 -31.16 -13.47
CA GLN A 100 -22.64 -31.10 -12.73
C GLN A 100 -21.87 -29.91 -13.24
N TYR A 101 -21.81 -28.89 -12.38
CA TYR A 101 -21.20 -27.60 -12.61
C TYR A 101 -19.87 -27.51 -11.86
N LEU A 102 -18.84 -26.96 -12.53
CA LEU A 102 -17.53 -26.74 -11.94
C LEU A 102 -16.95 -25.43 -12.40
N GLU A 103 -16.53 -24.59 -11.43
CA GLU A 103 -15.88 -23.33 -11.70
C GLU A 103 -14.66 -23.20 -10.80
N ARG A 104 -13.66 -22.48 -11.28
CA ARG A 104 -12.50 -22.18 -10.46
C ARG A 104 -12.65 -20.69 -10.11
N PHE A 105 -12.63 -20.41 -8.80
CA PHE A 105 -12.79 -19.04 -8.34
C PHE A 105 -11.64 -18.64 -7.43
N SER A 106 -11.49 -17.34 -7.23
CA SER A 106 -10.54 -16.74 -6.29
C SER A 106 -11.37 -15.72 -5.52
N ALA A 107 -11.14 -15.58 -4.20
CA ALA A 107 -11.93 -14.64 -3.39
C ALA A 107 -11.17 -14.17 -2.15
N ARG A 108 -11.46 -12.93 -1.69
CA ARG A 108 -10.90 -12.37 -0.47
C ARG A 108 -11.97 -12.57 0.60
N VAL A 109 -11.67 -13.43 1.57
CA VAL A 109 -12.63 -13.79 2.59
C VAL A 109 -12.43 -13.02 3.90
N LEU A 110 -13.53 -12.50 4.48
CA LEU A 110 -13.60 -11.83 5.78
C LEU A 110 -13.84 -12.95 6.79
N SER A 111 -12.87 -13.18 7.68
CA SER A 111 -13.04 -14.17 8.74
C SER A 111 -12.35 -13.67 10.00
N PRO A 112 -13.16 -13.41 11.05
CA PRO A 112 -12.59 -12.90 12.30
C PRO A 112 -11.58 -13.86 12.93
N LEU A 113 -10.56 -13.28 13.57
CA LEU A 113 -9.50 -14.02 14.25
C LEU A 113 -9.47 -13.70 15.74
N ASP A 114 -9.32 -14.75 16.60
CA ASP A 114 -9.23 -14.60 18.05
C ASP A 114 -7.76 -14.61 18.42
N PHE A 115 -7.23 -13.45 18.80
CA PHE A 115 -5.82 -13.29 19.13
C PHE A 115 -5.49 -13.48 20.63
N ARG A 116 -6.48 -13.83 21.47
CA ARG A 116 -6.31 -14.04 22.92
C ARG A 116 -5.13 -14.94 23.28
N ARG A 117 -4.88 -16.00 22.50
CA ARG A 117 -3.82 -16.96 22.76
C ARG A 117 -2.56 -16.78 21.90
N PHE A 118 -2.45 -15.66 21.15
CA PHE A 118 -1.31 -15.34 20.28
C PHE A 118 0.02 -15.38 21.04
N PRO A 119 1.09 -16.00 20.51
CA PRO A 119 1.22 -16.66 19.20
C PRO A 119 0.94 -18.16 19.21
N MET A 120 0.28 -18.65 20.26
CA MET A 120 -0.03 -20.07 20.40
C MET A 120 -1.52 -20.31 20.14
N ASP A 121 -2.06 -19.58 19.16
CA ASP A 121 -3.46 -19.63 18.80
C ASP A 121 -3.79 -20.54 17.64
N SER A 122 -5.05 -20.96 17.60
CA SER A 122 -5.65 -21.76 16.55
C SER A 122 -6.88 -21.02 16.09
N GLN A 123 -7.19 -21.11 14.78
CA GLN A 123 -8.34 -20.43 14.20
C GLN A 123 -9.17 -21.35 13.32
N THR A 124 -10.45 -21.00 13.16
CA THR A 124 -11.39 -21.66 12.27
C THR A 124 -11.84 -20.58 11.31
N LEU A 125 -11.28 -20.59 10.08
CA LEU A 125 -11.60 -19.64 9.02
C LEU A 125 -12.89 -20.14 8.38
N HIS A 126 -13.82 -19.23 8.08
CA HIS A 126 -15.09 -19.65 7.50
C HIS A 126 -15.27 -19.16 6.10
N ILE A 127 -15.94 -19.95 5.28
CA ILE A 127 -16.32 -19.58 3.92
C ILE A 127 -17.81 -19.94 3.88
N TYR A 128 -18.70 -18.94 3.90
CA TYR A 128 -20.13 -19.23 3.92
C TYR A 128 -20.75 -19.17 2.54
N LEU A 129 -21.31 -20.28 2.10
CA LEU A 129 -21.97 -20.36 0.80
C LEU A 129 -23.44 -20.06 1.00
N ILE A 130 -24.08 -19.29 0.09
CA ILE A 130 -25.50 -18.95 0.25
C ILE A 130 -26.28 -18.95 -1.07
N VAL A 131 -27.57 -19.25 -1.01
CA VAL A 131 -28.46 -19.20 -2.16
C VAL A 131 -29.78 -18.57 -1.74
N ARG A 132 -30.36 -17.68 -2.59
CA ARG A 132 -31.66 -17.07 -2.32
C ARG A 132 -32.72 -17.72 -3.22
N SER A 133 -33.86 -18.12 -2.65
CA SER A 133 -34.95 -18.78 -3.36
C SER A 133 -35.67 -17.84 -4.32
N VAL A 134 -36.30 -18.40 -5.35
CA VAL A 134 -37.07 -17.67 -6.36
C VAL A 134 -38.56 -17.82 -6.10
N ASP A 135 -39.41 -16.96 -6.71
CA ASP A 135 -40.87 -17.07 -6.54
C ASP A 135 -41.41 -18.38 -7.09
N THR A 136 -40.75 -18.92 -8.14
CA THR A 136 -41.09 -20.19 -8.75
C THR A 136 -40.86 -21.34 -7.75
N ARG A 137 -39.68 -21.41 -7.07
CA ARG A 137 -39.46 -22.43 -6.03
C ARG A 137 -38.29 -22.13 -5.05
N ASN A 138 -38.29 -22.89 -3.95
CA ASN A 138 -37.33 -22.77 -2.87
C ASN A 138 -36.05 -23.54 -3.16
N ILE A 139 -34.89 -22.91 -2.96
CA ILE A 139 -33.61 -23.56 -3.22
C ILE A 139 -32.86 -23.76 -1.93
N VAL A 140 -32.41 -25.01 -1.71
CA VAL A 140 -31.70 -25.44 -0.52
C VAL A 140 -30.32 -26.00 -0.90
N LEU A 141 -29.28 -25.74 -0.06
CA LEU A 141 -27.91 -26.20 -0.29
C LEU A 141 -27.56 -27.45 0.50
N ALA A 142 -26.71 -28.32 -0.07
CA ALA A 142 -26.26 -29.55 0.55
C ALA A 142 -24.77 -29.71 0.31
N VAL A 143 -24.09 -30.54 1.11
CA VAL A 143 -22.65 -30.77 0.97
C VAL A 143 -22.39 -32.12 0.34
N ASP A 144 -21.63 -32.14 -0.75
CA ASP A 144 -21.22 -33.38 -1.39
C ASP A 144 -19.81 -33.59 -0.86
N LEU A 145 -19.66 -34.42 0.19
CA LEU A 145 -18.38 -34.65 0.86
C LEU A 145 -17.29 -35.18 -0.05
N GLU A 146 -17.69 -35.81 -1.18
CA GLU A 146 -16.79 -36.35 -2.21
C GLU A 146 -16.08 -35.21 -2.97
N LYS A 147 -16.69 -34.01 -2.94
CA LYS A 147 -16.18 -32.84 -3.66
C LYS A 147 -15.69 -31.70 -2.74
N VAL A 148 -15.35 -32.04 -1.49
CA VAL A 148 -14.80 -31.12 -0.50
C VAL A 148 -13.40 -31.63 -0.21
N GLY A 149 -12.43 -30.74 -0.24
CA GLY A 149 -11.05 -31.12 0.01
C GLY A 149 -10.05 -30.01 -0.21
N LYS A 150 -8.78 -30.40 -0.29
CA LYS A 150 -7.70 -29.47 -0.51
C LYS A 150 -6.50 -30.14 -1.14
N ASN A 151 -5.77 -29.40 -1.96
CA ASN A 151 -4.55 -29.85 -2.60
C ASN A 151 -3.50 -30.03 -1.49
N ASP A 152 -2.64 -31.04 -1.65
CA ASP A 152 -1.60 -31.36 -0.66
C ASP A 152 -0.61 -30.21 -0.50
N ASP A 153 -0.35 -29.48 -1.59
CA ASP A 153 0.56 -28.33 -1.67
C ASP A 153 0.00 -27.06 -1.06
N VAL A 154 -1.29 -27.04 -0.64
CA VAL A 154 -1.93 -25.84 -0.03
C VAL A 154 -1.16 -25.44 1.19
N PHE A 155 -0.49 -24.29 1.11
CA PHE A 155 0.34 -23.82 2.20
C PHE A 155 -0.04 -22.46 2.63
N LEU A 156 -0.10 -22.25 3.94
CA LEU A 156 -0.35 -20.94 4.49
C LEU A 156 0.84 -20.65 5.39
N THR A 157 1.82 -19.85 4.89
CA THR A 157 3.07 -19.50 5.58
C THR A 157 2.79 -19.04 7.00
N GLY A 158 3.49 -19.67 7.94
CA GLY A 158 3.35 -19.38 9.36
C GLY A 158 2.21 -20.10 10.04
N TRP A 159 1.51 -20.97 9.32
CA TRP A 159 0.39 -21.72 9.85
C TRP A 159 0.44 -23.17 9.44
N ASP A 160 -0.15 -24.04 10.27
CA ASP A 160 -0.28 -25.47 10.00
C ASP A 160 -1.73 -25.68 9.64
N ILE A 161 -2.00 -26.30 8.50
CA ILE A 161 -3.39 -26.52 8.09
C ILE A 161 -3.84 -27.86 8.62
N GLU A 162 -4.89 -27.84 9.46
CA GLU A 162 -5.39 -29.07 10.07
C GLU A 162 -6.43 -29.77 9.22
N SER A 163 -7.56 -29.11 8.98
CA SER A 163 -8.67 -29.70 8.25
C SER A 163 -9.51 -28.68 7.51
N PHE A 164 -10.14 -29.14 6.42
CA PHE A 164 -11.08 -28.34 5.65
C PHE A 164 -12.33 -29.19 5.52
N THR A 165 -13.33 -28.85 6.33
CA THR A 165 -14.60 -29.57 6.41
C THR A 165 -15.77 -28.64 6.21
N ALA A 166 -16.96 -29.21 6.03
CA ALA A 166 -18.16 -28.41 5.89
C ALA A 166 -19.22 -28.89 6.87
N VAL A 167 -19.97 -27.96 7.46
CA VAL A 167 -21.09 -28.25 8.35
C VAL A 167 -22.20 -28.67 7.38
N VAL A 168 -22.47 -29.99 7.30
CA VAL A 168 -23.38 -30.64 6.34
C VAL A 168 -24.83 -30.12 6.36
N LYS A 169 -25.29 -29.61 7.51
CA LYS A 169 -26.64 -29.08 7.65
C LYS A 169 -26.66 -27.58 7.34
N PRO A 170 -27.40 -27.13 6.31
CA PRO A 170 -27.45 -25.69 6.02
C PRO A 170 -28.31 -24.94 7.03
N ALA A 171 -28.05 -23.64 7.16
CA ALA A 171 -28.82 -22.76 8.01
C ALA A 171 -29.85 -22.12 7.11
N ASN A 172 -31.08 -22.61 7.14
CA ASN A 172 -32.17 -22.08 6.32
C ASN A 172 -32.91 -21.04 7.12
N PHE A 173 -33.12 -19.86 6.54
CA PHE A 173 -33.76 -18.73 7.20
C PHE A 173 -34.43 -17.79 6.21
N ALA A 174 -35.34 -16.95 6.70
CA ALA A 174 -36.04 -15.99 5.88
C ALA A 174 -35.32 -14.66 5.95
N LEU A 175 -35.20 -14.01 4.79
CA LEU A 175 -34.57 -12.72 4.65
C LEU A 175 -35.27 -11.95 3.53
N GLU A 176 -35.92 -10.82 3.88
CA GLU A 176 -36.67 -9.96 2.97
C GLU A 176 -37.75 -10.73 2.17
N ASP A 177 -38.60 -11.47 2.90
CA ASP A 177 -39.73 -12.27 2.41
C ASP A 177 -39.32 -13.43 1.45
N ARG A 178 -38.10 -14.00 1.58
CA ARG A 178 -37.63 -15.13 0.77
C ARG A 178 -36.72 -16.06 1.56
N LEU A 179 -36.76 -17.36 1.23
CA LEU A 179 -35.92 -18.38 1.87
C LEU A 179 -34.49 -18.23 1.41
N GLU A 180 -33.57 -18.41 2.35
CA GLU A 180 -32.15 -18.38 2.09
C GLU A 180 -31.48 -19.57 2.72
N SER A 181 -30.60 -20.26 1.99
CA SER A 181 -29.92 -21.47 2.46
C SER A 181 -28.41 -21.24 2.59
N LYS A 182 -27.87 -21.29 3.81
CA LYS A 182 -26.45 -21.00 4.07
C LYS A 182 -25.62 -22.18 4.58
N LEU A 183 -24.50 -22.50 3.91
CA LEU A 183 -23.59 -23.56 4.32
C LEU A 183 -22.31 -23.00 4.95
N ASP A 184 -21.76 -23.69 5.96
CA ASP A 184 -20.52 -23.21 6.59
C ASP A 184 -19.32 -24.10 6.29
N TYR A 185 -18.41 -23.62 5.42
CA TYR A 185 -17.17 -24.34 5.12
C TYR A 185 -16.12 -23.80 6.08
N GLN A 186 -15.42 -24.71 6.77
CA GLN A 186 -14.44 -24.33 7.78
C GLN A 186 -13.04 -24.84 7.52
N LEU A 187 -12.07 -23.93 7.47
CA LEU A 187 -10.67 -24.27 7.33
C LEU A 187 -10.03 -24.05 8.70
N ARG A 188 -9.51 -25.12 9.32
CA ARG A 188 -8.90 -25.09 10.64
C ARG A 188 -7.39 -24.96 10.55
N ILE A 189 -6.83 -23.98 11.28
CA ILE A 189 -5.40 -23.70 11.28
C ILE A 189 -4.85 -23.43 12.67
N SER A 190 -3.62 -23.90 12.95
CA SER A 190 -2.90 -23.68 14.20
C SER A 190 -1.63 -22.92 13.86
N ARG A 191 -1.15 -22.05 14.76
CA ARG A 191 0.04 -21.24 14.48
C ARG A 191 1.36 -21.96 14.74
N GLN A 192 2.41 -21.56 13.99
CA GLN A 192 3.78 -22.06 14.07
C GLN A 192 4.57 -21.10 14.96
N MET A 193 4.39 -21.29 16.27
CA MET A 193 4.94 -20.50 17.37
C MET A 193 6.42 -20.77 17.69
N GLY A 194 7.06 -21.71 17.00
CA GLY A 194 8.45 -22.06 17.22
C GLY A 194 9.39 -20.86 17.22
N TYR A 195 9.21 -19.99 16.20
CA TYR A 195 9.99 -18.78 15.93
C TYR A 195 9.94 -17.69 17.02
N TYR A 196 8.77 -17.55 17.67
CA TYR A 196 8.46 -16.51 18.66
C TYR A 196 9.50 -16.35 19.74
N LEU A 197 9.83 -17.42 20.46
CA LEU A 197 10.82 -17.39 21.55
C LEU A 197 12.17 -16.85 21.07
N ILE A 198 12.67 -17.42 19.96
CA ILE A 198 13.95 -17.15 19.31
C ILE A 198 14.24 -15.67 19.09
N GLN A 199 13.31 -14.94 18.45
CA GLN A 199 13.45 -13.54 18.04
C GLN A 199 12.57 -12.51 18.78
N MET A 200 11.38 -12.91 19.29
CA MET A 200 10.45 -11.99 19.99
C MET A 200 10.40 -12.15 21.52
N TYR A 201 9.97 -13.36 22.05
CA TYR A 201 9.78 -13.67 23.49
C TYR A 201 11.04 -13.58 24.34
N ILE A 202 12.11 -14.30 23.97
CA ILE A 202 13.39 -14.29 24.68
C ILE A 202 14.04 -12.88 24.65
N PRO A 203 14.26 -12.22 23.48
CA PRO A 203 14.92 -10.91 23.50
C PRO A 203 14.24 -9.78 24.27
N SER A 204 12.88 -9.83 24.44
CA SER A 204 12.12 -8.83 25.22
C SER A 204 12.39 -9.01 26.71
N LEU A 205 12.63 -10.30 27.12
CA LEU A 205 13.00 -10.74 28.48
C LEU A 205 14.46 -10.40 28.78
N LEU A 206 15.39 -10.61 27.81
CA LEU A 206 16.83 -10.27 27.97
C LEU A 206 17.11 -8.74 28.11
N ILE A 207 16.07 -7.88 28.06
CA ILE A 207 16.17 -6.42 28.29
C ILE A 207 15.75 -6.15 29.76
N VAL A 208 14.64 -6.77 30.21
CA VAL A 208 14.08 -6.70 31.57
C VAL A 208 14.96 -7.55 32.60
N ILE A 209 15.62 -8.65 32.11
CA ILE A 209 16.60 -9.40 32.91
C ILE A 209 17.81 -8.41 33.05
N LEU A 210 18.09 -7.58 31.99
CA LEU A 210 19.15 -6.55 32.03
C LEU A 210 18.72 -5.26 32.76
N SER A 211 17.53 -5.28 33.41
CA SER A 211 17.03 -4.23 34.29
C SER A 211 17.14 -4.78 35.68
N TRP A 212 17.05 -6.13 35.77
CA TRP A 212 17.14 -6.94 36.99
C TRP A 212 18.62 -7.19 37.45
N ILE A 213 19.62 -7.07 36.53
CA ILE A 213 21.07 -7.24 36.78
C ILE A 213 21.72 -5.87 37.10
N SER A 214 20.93 -5.01 37.78
CA SER A 214 21.30 -3.67 38.26
C SER A 214 20.65 -3.37 39.61
N PHE A 215 20.06 -4.41 40.25
CA PHE A 215 19.47 -4.34 41.59
C PHE A 215 20.48 -4.95 42.60
N TRP A 216 21.74 -5.20 42.13
CA TRP A 216 22.85 -5.79 42.90
C TRP A 216 23.96 -4.76 43.12
N ALA A 222 21.73 3.80 43.69
CA ALA A 222 22.97 4.04 42.98
C ALA A 222 22.79 4.95 41.72
N PRO A 223 23.83 5.73 41.29
CA PRO A 223 23.68 6.55 40.07
C PRO A 223 23.76 5.70 38.79
N ALA A 224 24.34 4.49 38.93
CA ALA A 224 24.50 3.47 37.89
C ALA A 224 23.15 2.79 37.64
N ARG A 225 22.23 2.83 38.66
CA ARG A 225 20.89 2.26 38.55
C ARG A 225 20.03 3.04 37.54
N VAL A 226 20.37 4.31 37.25
CA VAL A 226 19.68 5.13 36.26
C VAL A 226 20.07 4.67 34.85
N GLY A 227 21.37 4.60 34.61
CA GLY A 227 21.96 4.22 33.34
C GLY A 227 21.78 2.77 32.98
N LEU A 228 21.15 1.99 33.86
CA LEU A 228 20.89 0.57 33.72
C LEU A 228 19.38 0.30 33.83
N GLY A 229 18.69 1.15 34.59
CA GLY A 229 17.25 1.08 34.79
C GLY A 229 16.49 1.82 33.69
N ILE A 230 16.67 3.16 33.60
CA ILE A 230 16.03 4.03 32.59
C ILE A 230 16.41 3.70 31.14
N THR A 231 17.35 2.76 30.94
CA THR A 231 17.74 2.34 29.60
C THR A 231 16.91 1.14 29.15
N THR A 232 16.71 0.16 30.06
CA THR A 232 15.96 -1.08 29.82
C THR A 232 14.42 -0.88 29.90
N VAL A 233 14.01 0.35 29.53
CA VAL A 233 12.68 0.92 29.36
C VAL A 233 12.72 1.54 27.96
N LEU A 234 13.73 2.42 27.71
CA LEU A 234 13.95 3.07 26.43
C LEU A 234 14.20 2.01 25.36
N THR A 235 14.89 0.91 25.71
CA THR A 235 15.19 -0.18 24.79
C THR A 235 13.99 -1.15 24.71
N MET A 236 13.18 -1.30 25.79
CA MET A 236 11.99 -2.16 25.74
C MET A 236 10.95 -1.61 24.74
N THR A 237 10.73 -0.28 24.75
CA THR A 237 9.82 0.37 23.81
C THR A 237 10.40 0.35 22.37
N THR A 238 11.73 0.13 22.23
CA THR A 238 12.42 0.06 20.94
C THR A 238 12.34 -1.36 20.38
N GLN A 239 12.23 -2.39 21.23
CA GLN A 239 11.99 -3.74 20.71
C GLN A 239 10.48 -3.77 20.41
N SER A 240 9.67 -3.03 21.20
CA SER A 240 8.22 -2.94 20.99
C SER A 240 7.85 -2.14 19.74
N SER A 241 8.79 -1.29 19.27
CA SER A 241 8.66 -0.48 18.06
C SER A 241 9.32 -1.28 16.92
N GLY A 242 10.47 -1.85 17.22
CA GLY A 242 11.33 -2.63 16.35
C GLY A 242 10.84 -4.01 15.98
N SER A 243 9.78 -4.49 16.66
CA SER A 243 9.14 -5.78 16.39
C SER A 243 7.61 -5.70 16.53
N ARG A 244 7.04 -4.51 16.30
CA ARG A 244 5.58 -4.27 16.36
C ARG A 244 4.82 -5.06 15.29
N ALA A 245 5.48 -5.34 14.13
CA ALA A 245 4.95 -6.13 13.01
C ALA A 245 4.53 -7.55 13.47
N SER A 246 4.96 -7.96 14.68
CA SER A 246 4.69 -9.27 15.31
C SER A 246 3.87 -9.17 16.60
N LEU A 247 3.46 -7.95 17.01
CA LEU A 247 2.68 -7.71 18.24
C LEU A 247 1.30 -7.16 17.89
N PRO A 248 0.21 -7.81 18.37
CA PRO A 248 -1.14 -7.35 18.00
C PRO A 248 -1.86 -6.44 19.02
N LYS A 249 -2.43 -5.33 18.53
CA LYS A 249 -3.20 -4.42 19.38
C LYS A 249 -4.67 -4.64 19.07
N VAL A 250 -5.33 -5.39 19.95
CA VAL A 250 -6.74 -5.78 19.86
C VAL A 250 -7.65 -4.82 20.64
N SER A 251 -8.97 -4.90 20.41
CA SER A 251 -9.97 -4.08 21.10
C SER A 251 -10.16 -4.61 22.53
N TYR A 252 -9.80 -5.89 22.74
CA TYR A 252 -9.84 -6.65 24.00
C TYR A 252 -8.39 -6.94 24.44
N VAL A 253 -8.20 -7.85 25.42
CA VAL A 253 -6.86 -8.20 25.90
C VAL A 253 -6.45 -9.60 25.49
N LYS A 254 -5.18 -9.74 25.08
CA LYS A 254 -4.54 -10.99 24.70
C LYS A 254 -3.55 -11.41 25.80
N ALA A 255 -3.19 -12.72 25.86
CA ALA A 255 -2.24 -13.29 26.84
C ALA A 255 -0.81 -12.77 26.62
N ILE A 256 -0.66 -11.91 25.58
CA ILE A 256 0.56 -11.24 25.15
C ILE A 256 0.38 -9.70 25.30
N ASP A 257 -0.91 -9.25 25.27
CA ASP A 257 -1.29 -7.84 25.49
C ASP A 257 -1.09 -7.52 26.97
N ILE A 258 -1.28 -8.55 27.83
CA ILE A 258 -1.07 -8.55 29.27
C ILE A 258 0.41 -8.87 29.60
N TRP A 259 1.01 -9.87 28.89
CA TRP A 259 2.41 -10.31 29.05
C TRP A 259 3.41 -9.20 28.71
N MET A 260 2.90 -8.06 28.20
CA MET A 260 3.65 -6.86 27.84
C MET A 260 3.20 -5.73 28.76
N ALA A 261 1.97 -5.83 29.34
CA ALA A 261 1.39 -4.86 30.28
C ALA A 261 1.93 -5.06 31.68
N VAL A 262 2.43 -6.30 31.98
CA VAL A 262 3.08 -6.66 33.26
C VAL A 262 4.50 -6.08 33.21
N CYS A 263 5.09 -6.01 32.01
CA CYS A 263 6.42 -5.47 31.75
C CYS A 263 6.45 -3.99 31.97
N LEU A 264 5.32 -3.31 31.70
CA LEU A 264 5.20 -1.87 31.90
C LEU A 264 5.19 -1.54 33.41
N LEU A 265 4.53 -2.40 34.23
CA LEU A 265 4.48 -2.26 35.69
C LEU A 265 5.82 -2.68 36.32
N PHE A 266 6.45 -3.76 35.79
CA PHE A 266 7.72 -4.33 36.24
C PHE A 266 8.95 -3.47 35.91
N VAL A 267 8.83 -2.60 34.90
CA VAL A 267 9.89 -1.67 34.45
C VAL A 267 9.76 -0.35 35.28
N PHE A 268 8.54 -0.12 35.85
CA PHE A 268 8.18 1.02 36.66
C PHE A 268 8.47 0.76 38.12
N SER A 269 7.93 -0.36 38.66
CA SER A 269 8.14 -0.83 40.05
C SER A 269 9.63 -1.09 40.31
N ALA A 270 10.41 -1.30 39.23
CA ALA A 270 11.85 -1.48 39.22
C ALA A 270 12.53 -0.14 39.41
N LEU A 271 11.93 0.93 38.86
CA LEU A 271 12.46 2.28 38.98
C LEU A 271 11.72 3.12 40.03
N LEU A 272 10.87 2.44 40.82
CA LEU A 272 10.17 2.99 41.97
C LEU A 272 11.03 2.51 43.14
N GLU A 273 11.54 1.26 43.03
CA GLU A 273 12.46 0.59 43.95
C GLU A 273 13.80 1.35 43.98
N TYR A 274 14.41 1.60 42.80
CA TYR A 274 15.69 2.32 42.63
C TYR A 274 15.57 3.86 42.72
N ALA A 275 14.35 4.38 42.99
CA ALA A 275 14.09 5.80 43.20
C ALA A 275 13.81 6.03 44.69
N ALA A 276 13.51 4.92 45.42
CA ALA A 276 13.27 4.91 46.87
C ALA A 276 14.54 4.50 47.62
N VAL A 277 15.37 3.60 47.04
CA VAL A 277 16.62 3.13 47.64
C VAL A 277 17.73 4.19 47.53
N ASN A 278 17.81 4.93 46.42
CA ASN A 278 18.81 6.00 46.18
C ASN A 278 18.39 7.35 46.78
N PHE A 279 17.23 7.38 47.46
CA PHE A 279 16.66 8.56 48.15
C PHE A 279 16.56 8.34 49.69
N VAL A 280 16.49 7.06 50.14
CA VAL A 280 16.46 6.70 51.56
C VAL A 280 17.87 6.82 52.12
N SER A 281 18.89 6.27 51.41
CA SER A 281 20.32 6.30 51.76
C SER A 281 20.91 7.72 51.74
N ARG A 282 20.31 8.64 50.96
CA ARG A 282 20.73 10.04 50.85
C ARG A 282 20.09 10.92 51.93
N GLN A 283 18.92 10.50 52.48
CA GLN A 283 18.20 11.22 53.54
C GLN A 283 18.63 10.73 54.95
N SER A 284 19.95 10.46 55.13
CA SER A 284 20.63 10.00 56.36
C SER A 284 19.95 8.78 57.04
N GLN A 285 19.97 7.61 56.35
CA GLN A 285 19.43 6.32 56.85
C GLN A 285 20.05 5.04 56.17
N PRO A 286 21.29 5.08 55.59
CA PRO A 286 21.79 3.97 54.74
C PRO A 286 21.75 2.54 55.33
N GLN A 287 21.12 2.35 56.49
CA GLN A 287 20.96 1.05 57.13
C GLN A 287 19.83 0.25 56.46
N ARG A 288 18.62 0.82 56.40
CA ARG A 288 17.43 0.20 55.81
C ARG A 288 17.45 0.18 54.26
N ALA A 289 18.46 0.83 53.64
CA ALA A 289 18.67 0.90 52.19
C ALA A 289 19.02 -0.49 51.61
N LYS A 290 19.92 -1.23 52.27
CA LYS A 290 20.35 -2.57 51.87
C LYS A 290 19.33 -3.66 52.27
N LYS A 291 18.25 -3.28 52.96
CA LYS A 291 17.18 -4.18 53.42
C LYS A 291 16.14 -4.43 52.33
N ILE A 292 15.79 -3.39 51.54
CA ILE A 292 14.79 -3.47 50.46
C ILE A 292 15.42 -3.63 49.06
N ASP A 293 16.61 -3.04 48.83
CA ASP A 293 17.32 -3.10 47.54
C ASP A 293 17.87 -4.51 47.22
N LYS A 294 18.10 -5.33 48.27
CA LYS A 294 18.64 -6.68 48.15
C LYS A 294 17.56 -7.75 48.02
N ILE A 295 16.41 -7.58 48.70
CA ILE A 295 15.28 -8.53 48.67
C ILE A 295 14.45 -8.35 47.40
N SER A 296 14.43 -7.12 46.83
CA SER A 296 13.74 -6.84 45.57
C SER A 296 14.53 -7.50 44.42
N ARG A 297 15.84 -7.78 44.64
CA ARG A 297 16.76 -8.41 43.68
C ARG A 297 16.50 -9.90 43.48
N ILE A 298 15.77 -10.54 44.42
CA ILE A 298 15.36 -11.95 44.36
C ILE A 298 13.83 -12.04 44.44
N GLY A 299 13.21 -10.91 44.75
CA GLY A 299 11.76 -10.76 44.81
C GLY A 299 11.13 -10.59 43.43
N PHE A 300 11.75 -9.76 42.56
CA PHE A 300 11.30 -9.51 41.19
C PHE A 300 11.22 -10.77 40.33
N PRO A 301 12.31 -11.59 40.12
CA PRO A 301 12.16 -12.82 39.30
C PRO A 301 11.07 -13.79 39.76
N MET A 302 10.77 -13.84 41.08
CA MET A 302 9.74 -14.71 41.64
C MET A 302 8.34 -14.09 41.58
N ALA A 303 8.24 -12.75 41.68
CA ALA A 303 6.96 -12.04 41.56
C ALA A 303 6.47 -12.20 40.12
N PHE A 304 7.44 -12.15 39.17
CA PHE A 304 7.25 -12.23 37.73
C PHE A 304 6.67 -13.53 37.24
N LEU A 305 7.37 -14.66 37.42
CA LEU A 305 6.88 -15.97 36.98
C LEU A 305 5.59 -16.32 37.69
N ILE A 306 5.44 -15.91 38.98
CA ILE A 306 4.20 -16.14 39.74
C ILE A 306 3.09 -15.44 38.97
N PHE A 307 3.30 -14.16 38.59
CA PHE A 307 2.36 -13.36 37.80
C PHE A 307 2.10 -13.93 36.37
N ASN A 308 3.18 -14.21 35.60
CA ASN A 308 3.12 -14.78 34.26
C ASN A 308 2.48 -16.19 34.28
N MET A 309 2.69 -16.96 35.38
CA MET A 309 2.11 -18.29 35.61
C MET A 309 0.65 -18.17 36.05
N PHE A 310 0.30 -17.03 36.67
CA PHE A 310 -1.08 -16.72 37.08
C PHE A 310 -1.87 -16.34 35.83
N TYR A 311 -1.25 -15.53 34.93
CA TYR A 311 -1.83 -15.10 33.64
C TYR A 311 -2.09 -16.33 32.76
N TRP A 312 -1.06 -17.21 32.64
CA TRP A 312 -1.10 -18.46 31.88
C TRP A 312 -2.26 -19.38 32.28
N ILE A 313 -2.56 -19.46 33.60
CA ILE A 313 -3.65 -20.27 34.13
C ILE A 313 -5.01 -19.91 33.55
N ILE A 314 -5.32 -18.61 33.41
CA ILE A 314 -6.63 -18.19 32.89
C ILE A 314 -6.74 -18.33 31.36
N TYR A 315 -5.83 -17.71 30.55
CA TYR A 315 -5.88 -17.76 29.07
C TYR A 315 -5.74 -19.20 28.52
N PHE A 316 -4.73 -19.96 28.98
CA PHE A 316 -4.58 -21.35 28.57
C PHE A 316 -5.44 -22.29 29.41
N VAL B 4 -18.24 -25.08 -30.11
CA VAL B 4 -17.06 -25.91 -30.43
C VAL B 4 -16.86 -27.09 -29.45
N SER B 5 -16.32 -28.18 -29.96
CA SER B 5 -16.06 -29.38 -29.17
C SER B 5 -14.61 -29.83 -29.39
N PRO B 6 -14.00 -30.65 -28.50
CA PRO B 6 -12.59 -31.03 -28.70
C PRO B 6 -12.34 -31.90 -29.96
N PRO B 7 -11.09 -31.95 -30.47
CA PRO B 7 -10.81 -32.78 -31.65
C PRO B 7 -11.04 -34.26 -31.33
N PRO B 8 -11.69 -35.03 -32.23
CA PRO B 8 -11.94 -36.44 -31.93
C PRO B 8 -10.67 -37.29 -32.03
N PRO B 9 -10.51 -38.33 -31.18
CA PRO B 9 -9.30 -39.15 -31.27
C PRO B 9 -9.33 -40.11 -32.46
N ILE B 10 -8.20 -40.26 -33.17
CA ILE B 10 -8.11 -41.19 -34.31
C ILE B 10 -8.26 -42.64 -33.85
N ALA B 11 -7.67 -42.97 -32.69
CA ALA B 11 -7.75 -44.29 -32.07
C ALA B 11 -8.46 -44.16 -30.71
N ASP B 12 -7.71 -43.90 -29.63
CA ASP B 12 -8.25 -43.71 -28.29
C ASP B 12 -7.41 -42.66 -27.56
N GLU B 13 -6.12 -42.53 -27.94
CA GLU B 13 -5.08 -41.68 -27.37
C GLU B 13 -5.43 -40.25 -26.90
N PRO B 14 -4.91 -39.82 -25.74
CA PRO B 14 -5.27 -38.50 -25.22
C PRO B 14 -4.74 -37.40 -26.15
N LEU B 15 -5.33 -36.20 -26.08
CA LEU B 15 -4.87 -35.09 -26.90
C LEU B 15 -3.64 -34.45 -26.25
N THR B 16 -2.53 -34.42 -26.99
CA THR B 16 -1.30 -33.82 -26.51
C THR B 16 -1.26 -32.35 -26.90
N VAL B 17 -1.14 -31.48 -25.88
CA VAL B 17 -1.02 -30.04 -26.05
C VAL B 17 0.40 -29.67 -25.68
N ASN B 18 1.19 -29.32 -26.68
CA ASN B 18 2.59 -28.94 -26.52
C ASN B 18 2.65 -27.50 -26.02
N THR B 19 3.40 -27.27 -24.94
CA THR B 19 3.51 -25.98 -24.32
C THR B 19 4.88 -25.37 -24.34
N GLY B 20 4.93 -24.08 -24.13
CA GLY B 20 6.13 -23.27 -24.02
C GLY B 20 5.89 -21.92 -23.37
N ILE B 21 6.81 -21.49 -22.50
CA ILE B 21 6.76 -20.20 -21.85
C ILE B 21 8.03 -19.44 -22.18
N TYR B 22 7.92 -18.25 -22.74
CA TYR B 22 9.08 -17.43 -23.04
C TYR B 22 8.99 -16.17 -22.20
N LEU B 23 9.88 -16.04 -21.20
CA LEU B 23 9.88 -14.88 -20.28
C LEU B 23 10.31 -13.61 -20.96
N ILE B 24 9.44 -12.56 -20.93
CA ILE B 24 9.70 -11.24 -21.49
C ILE B 24 10.12 -10.33 -20.36
N GLU B 25 9.42 -10.39 -19.21
CA GLU B 25 9.76 -9.62 -18.02
C GLU B 25 9.56 -10.39 -16.73
N CYS B 26 10.47 -10.15 -15.77
CA CYS B 26 10.38 -10.69 -14.42
C CYS B 26 10.61 -9.59 -13.50
N TYR B 27 9.70 -9.43 -12.56
CA TYR B 27 9.74 -8.30 -11.66
C TYR B 27 8.97 -8.55 -10.39
N SER B 28 9.13 -7.62 -9.44
CA SER B 28 8.48 -7.59 -8.14
C SER B 28 8.61 -8.91 -7.35
N LEU B 29 9.86 -9.38 -7.14
CA LEU B 29 10.02 -10.55 -6.31
C LEU B 29 9.84 -10.02 -4.89
N ASP B 30 8.66 -10.26 -4.33
CA ASP B 30 8.24 -9.83 -2.99
C ASP B 30 8.59 -10.94 -2.03
N ASP B 31 9.65 -10.74 -1.25
CA ASP B 31 10.14 -11.74 -0.30
C ASP B 31 9.10 -12.02 0.80
N LYS B 32 8.46 -10.96 1.33
CA LYS B 32 7.44 -11.08 2.38
C LYS B 32 6.17 -11.81 1.90
N ALA B 33 5.63 -11.44 0.72
CA ALA B 33 4.41 -12.06 0.17
C ALA B 33 4.69 -13.39 -0.54
N GLU B 34 5.97 -13.69 -0.83
CA GLU B 34 6.46 -14.89 -1.53
C GLU B 34 5.82 -15.01 -2.92
N THR B 35 5.78 -13.87 -3.61
CA THR B 35 5.25 -13.71 -4.96
C THR B 35 6.26 -13.02 -5.87
N PHE B 36 6.03 -13.16 -7.16
CA PHE B 36 6.81 -12.52 -8.20
C PHE B 36 5.88 -12.35 -9.36
N LYS B 37 6.06 -11.28 -10.11
CA LYS B 37 5.21 -11.04 -11.24
C LYS B 37 5.97 -11.47 -12.49
N VAL B 38 5.22 -11.97 -13.47
CA VAL B 38 5.83 -12.43 -14.71
C VAL B 38 5.04 -11.90 -15.91
N ASN B 39 5.76 -11.64 -17.02
CA ASN B 39 5.17 -11.19 -18.28
C ASN B 39 5.85 -12.05 -19.30
N ALA B 40 5.08 -12.92 -19.94
CA ALA B 40 5.67 -13.87 -20.86
C ALA B 40 4.76 -14.24 -22.01
N PHE B 41 5.33 -15.01 -22.94
CA PHE B 41 4.58 -15.55 -24.05
C PHE B 41 4.19 -16.94 -23.60
N LEU B 42 3.01 -17.40 -23.98
CA LEU B 42 2.60 -18.77 -23.72
C LEU B 42 2.24 -19.33 -25.09
N SER B 43 2.95 -20.39 -25.50
CA SER B 43 2.69 -21.00 -26.80
C SER B 43 2.06 -22.37 -26.60
N LEU B 44 1.03 -22.69 -27.40
CA LEU B 44 0.31 -23.97 -27.32
C LEU B 44 0.19 -24.58 -28.71
N SER B 45 0.31 -25.92 -28.83
CA SER B 45 0.17 -26.65 -30.10
C SER B 45 -0.57 -27.93 -29.89
N TRP B 46 -1.56 -28.18 -30.75
CA TRP B 46 -2.33 -29.42 -30.73
C TRP B 46 -2.88 -29.71 -32.13
N LYS B 47 -3.16 -30.99 -32.41
CA LYS B 47 -3.67 -31.42 -33.71
C LYS B 47 -5.19 -31.51 -33.70
N ASP B 48 -5.83 -30.75 -34.62
CA ASP B 48 -7.27 -30.72 -34.80
C ASP B 48 -7.52 -30.98 -36.28
N ARG B 49 -7.66 -32.27 -36.62
CA ARG B 49 -7.86 -32.74 -37.98
C ARG B 49 -9.05 -32.12 -38.69
N ARG B 50 -10.05 -31.64 -37.93
CA ARG B 50 -11.24 -30.99 -38.48
C ARG B 50 -10.88 -29.68 -39.18
N LEU B 51 -9.66 -29.16 -38.92
CA LEU B 51 -9.16 -27.92 -39.50
C LEU B 51 -8.18 -28.14 -40.64
N ALA B 52 -7.99 -29.40 -41.06
CA ALA B 52 -7.11 -29.77 -42.18
C ALA B 52 -7.58 -29.13 -43.48
N PHE B 53 -6.65 -28.76 -44.37
CA PHE B 53 -6.98 -28.13 -45.66
C PHE B 53 -5.94 -28.45 -46.71
N ASP B 54 -6.29 -28.28 -47.99
CA ASP B 54 -5.37 -28.51 -49.11
C ASP B 54 -4.75 -27.17 -49.50
N PRO B 55 -3.41 -27.01 -49.40
CA PRO B 55 -2.78 -25.73 -49.78
C PRO B 55 -2.92 -25.40 -51.25
N VAL B 56 -3.05 -26.45 -52.09
CA VAL B 56 -3.23 -26.36 -53.53
C VAL B 56 -4.60 -25.70 -53.84
N ARG B 57 -5.69 -26.20 -53.21
CA ARG B 57 -7.07 -25.72 -53.39
C ARG B 57 -7.30 -24.33 -52.79
N SER B 58 -6.88 -24.12 -51.52
CA SER B 58 -7.06 -22.84 -50.83
C SER B 58 -6.05 -21.76 -51.20
N GLY B 59 -4.96 -22.17 -51.85
CA GLY B 59 -3.89 -21.28 -52.30
C GLY B 59 -2.82 -20.99 -51.26
N VAL B 60 -3.26 -20.78 -50.01
CA VAL B 60 -2.44 -20.44 -48.83
C VAL B 60 -1.91 -21.65 -48.10
N ARG B 61 -0.73 -21.48 -47.46
CA ARG B 61 -0.04 -22.53 -46.72
C ARG B 61 -0.45 -22.60 -45.25
N VAL B 62 -1.08 -21.52 -44.73
CA VAL B 62 -1.57 -21.37 -43.36
C VAL B 62 -2.86 -20.61 -43.30
N LYS B 63 -3.67 -20.96 -42.31
CA LYS B 63 -4.92 -20.30 -42.01
C LYS B 63 -4.78 -19.64 -40.64
N THR B 64 -5.21 -18.38 -40.53
CA THR B 64 -5.22 -17.64 -39.27
C THR B 64 -6.66 -17.58 -38.77
N TYR B 65 -6.89 -18.01 -37.52
CA TYR B 65 -8.22 -18.00 -36.92
C TYR B 65 -8.33 -17.09 -35.69
N GLU B 66 -9.58 -16.67 -35.37
CA GLU B 66 -9.92 -15.88 -34.21
C GLU B 66 -10.21 -16.87 -33.08
N PRO B 67 -9.86 -16.59 -31.81
CA PRO B 67 -10.06 -17.59 -30.72
C PRO B 67 -11.45 -18.24 -30.60
N GLU B 68 -12.49 -17.45 -30.89
CA GLU B 68 -13.89 -17.89 -30.85
C GLU B 68 -14.22 -18.87 -31.98
N ALA B 69 -13.56 -18.71 -33.15
CA ALA B 69 -13.79 -19.54 -34.34
C ALA B 69 -13.42 -21.00 -34.17
N ILE B 70 -12.41 -21.32 -33.37
CA ILE B 70 -11.94 -22.71 -33.21
C ILE B 70 -11.93 -23.19 -31.74
N TRP B 71 -11.68 -24.51 -31.55
CA TRP B 71 -11.58 -25.11 -30.22
C TRP B 71 -10.18 -24.84 -29.70
N ILE B 72 -10.09 -24.35 -28.45
CA ILE B 72 -8.81 -24.08 -27.78
C ILE B 72 -8.80 -24.74 -26.39
N PRO B 73 -7.73 -25.45 -25.98
CA PRO B 73 -7.69 -26.08 -24.65
C PRO B 73 -7.67 -25.07 -23.52
N GLU B 74 -8.46 -25.32 -22.45
CA GLU B 74 -8.48 -24.44 -21.28
C GLU B 74 -7.23 -24.75 -20.43
N ILE B 75 -6.14 -23.99 -20.65
CA ILE B 75 -4.86 -24.11 -19.91
C ILE B 75 -4.89 -23.11 -18.81
N ARG B 76 -4.58 -23.54 -17.57
CA ARG B 76 -4.61 -22.67 -16.39
C ARG B 76 -3.32 -22.74 -15.62
N PHE B 77 -3.05 -21.75 -14.78
CA PHE B 77 -1.85 -21.79 -13.95
C PHE B 77 -2.32 -22.21 -12.58
N VAL B 78 -1.58 -23.08 -11.90
CA VAL B 78 -1.96 -23.54 -10.58
C VAL B 78 -1.68 -22.46 -9.53
N ASN B 79 -0.39 -22.09 -9.40
CA ASN B 79 0.10 -21.19 -8.37
C ASN B 79 0.05 -19.70 -8.72
N VAL B 80 -1.12 -19.22 -9.14
CA VAL B 80 -1.33 -17.79 -9.44
C VAL B 80 -2.38 -17.23 -8.50
N GLU B 81 -2.23 -15.97 -8.12
CA GLU B 81 -3.17 -15.35 -7.21
C GLU B 81 -4.55 -15.26 -7.87
N ASN B 82 -4.63 -14.57 -9.03
CA ASN B 82 -5.82 -14.49 -9.87
C ASN B 82 -5.45 -15.09 -11.22
N ALA B 83 -6.44 -15.26 -12.11
CA ALA B 83 -6.13 -15.78 -13.45
C ALA B 83 -5.27 -14.75 -14.23
N ARG B 84 -4.38 -15.31 -15.09
CA ARG B 84 -3.46 -14.51 -15.93
C ARG B 84 -4.25 -13.51 -16.83
N ASP B 85 -3.67 -12.31 -17.04
CA ASP B 85 -4.19 -11.29 -17.95
C ASP B 85 -3.63 -11.75 -19.30
N ALA B 86 -4.48 -12.29 -20.19
CA ALA B 86 -3.93 -12.80 -21.47
C ALA B 86 -4.53 -12.05 -22.70
N ASP B 87 -3.67 -11.89 -23.72
CA ASP B 87 -3.99 -11.22 -24.96
C ASP B 87 -3.51 -12.19 -26.03
N VAL B 88 -4.42 -12.69 -26.88
CA VAL B 88 -4.01 -13.67 -27.92
C VAL B 88 -3.25 -12.88 -28.99
N VAL B 89 -2.02 -13.32 -29.29
CA VAL B 89 -1.17 -12.66 -30.28
C VAL B 89 -1.45 -13.24 -31.67
N ASP B 90 -1.48 -14.59 -31.76
CA ASP B 90 -1.69 -15.31 -33.01
C ASP B 90 -2.21 -16.75 -32.84
N ILE B 91 -3.11 -17.16 -33.78
CA ILE B 91 -3.61 -18.53 -33.93
C ILE B 91 -3.39 -18.97 -35.39
N SER B 92 -2.39 -19.87 -35.63
CA SER B 92 -2.04 -20.34 -36.97
C SER B 92 -2.34 -21.82 -37.13
N VAL B 93 -3.12 -22.14 -38.16
CA VAL B 93 -3.52 -23.50 -38.48
C VAL B 93 -2.82 -23.95 -39.77
N SER B 94 -2.06 -25.04 -39.67
CA SER B 94 -1.32 -25.61 -40.78
C SER B 94 -2.12 -26.73 -41.48
N PRO B 95 -1.79 -27.12 -42.73
CA PRO B 95 -2.61 -28.08 -43.47
C PRO B 95 -3.01 -29.39 -42.79
N ASP B 96 -2.19 -29.96 -41.91
CA ASP B 96 -2.51 -31.23 -41.25
C ASP B 96 -3.52 -31.07 -40.13
N GLY B 97 -3.75 -29.82 -39.75
CA GLY B 97 -4.67 -29.41 -38.70
C GLY B 97 -3.96 -29.04 -37.41
N THR B 98 -2.62 -28.92 -37.46
CA THR B 98 -1.79 -28.58 -36.30
C THR B 98 -1.98 -27.11 -36.05
N VAL B 99 -2.55 -26.80 -34.88
CA VAL B 99 -2.81 -25.45 -34.43
C VAL B 99 -1.61 -24.97 -33.63
N GLN B 100 -1.20 -23.73 -33.90
CA GLN B 100 -0.13 -23.05 -33.20
C GLN B 100 -0.69 -21.78 -32.61
N TYR B 101 -0.86 -21.80 -31.29
CA TYR B 101 -1.47 -20.75 -30.48
C TYR B 101 -0.38 -19.97 -29.74
N LEU B 102 -0.52 -18.60 -29.70
CA LEU B 102 0.41 -17.76 -28.98
C LEU B 102 -0.32 -16.64 -28.34
N GLU B 103 -0.08 -16.48 -27.04
CA GLU B 103 -0.65 -15.37 -26.26
C GLU B 103 0.44 -14.75 -25.42
N ARG B 104 0.32 -13.47 -25.15
CA ARG B 104 1.23 -12.82 -24.23
C ARG B 104 0.41 -12.61 -22.94
N PHE B 105 0.94 -13.10 -21.82
CA PHE B 105 0.23 -12.97 -20.57
C PHE B 105 1.10 -12.33 -19.51
N SER B 106 0.46 -11.88 -18.43
CA SER B 106 1.11 -11.35 -17.25
C SER B 106 0.42 -12.04 -16.12
N ALA B 107 1.11 -12.39 -15.03
CA ALA B 107 0.50 -13.08 -13.86
C ALA B 107 1.30 -12.88 -12.58
N ARG B 108 0.60 -12.87 -11.41
CA ARG B 108 1.26 -12.80 -10.09
C ARG B 108 1.39 -14.24 -9.58
N VAL B 109 2.61 -14.72 -9.47
CA VAL B 109 2.85 -16.11 -9.11
C VAL B 109 3.19 -16.29 -7.62
N LEU B 110 2.56 -17.29 -6.97
CA LEU B 110 2.80 -17.73 -5.60
C LEU B 110 3.93 -18.78 -5.71
N SER B 111 5.09 -18.48 -5.14
CA SER B 111 6.18 -19.43 -5.12
C SER B 111 6.93 -19.30 -3.80
N PRO B 112 6.89 -20.37 -2.95
CA PRO B 112 7.56 -20.29 -1.66
C PRO B 112 9.07 -20.09 -1.78
N LEU B 113 9.64 -19.34 -0.84
CA LEU B 113 11.07 -19.06 -0.79
C LEU B 113 11.69 -19.62 0.49
N ASP B 114 12.88 -20.25 0.36
CA ASP B 114 13.60 -20.83 1.50
C ASP B 114 14.65 -19.81 1.92
N PHE B 115 14.42 -19.16 3.06
CA PHE B 115 15.30 -18.11 3.58
C PHE B 115 16.40 -18.60 4.54
N ARG B 116 16.50 -19.92 4.77
CA ARG B 116 17.50 -20.53 5.66
C ARG B 116 18.93 -20.03 5.44
N ARG B 117 19.34 -19.81 4.18
CA ARG B 117 20.69 -19.37 3.83
C ARG B 117 20.81 -17.88 3.48
N PHE B 118 19.78 -17.07 3.74
CA PHE B 118 19.75 -15.63 3.45
C PHE B 118 20.92 -14.89 4.11
N PRO B 119 21.63 -13.98 3.42
CA PRO B 119 21.41 -13.49 2.04
C PRO B 119 22.22 -14.23 0.97
N MET B 120 22.72 -15.42 1.30
CA MET B 120 23.52 -16.23 0.38
C MET B 120 22.70 -17.41 -0.13
N ASP B 121 21.42 -17.17 -0.38
CA ASP B 121 20.46 -18.18 -0.82
C ASP B 121 20.24 -18.21 -2.31
N SER B 122 19.76 -19.36 -2.78
CA SER B 122 19.35 -19.58 -4.16
C SER B 122 17.96 -20.17 -4.12
N GLN B 123 17.13 -19.83 -5.13
CA GLN B 123 15.74 -20.29 -5.20
C GLN B 123 15.36 -20.84 -6.56
N THR B 124 14.33 -21.68 -6.56
CA THR B 124 13.73 -22.25 -7.75
C THR B 124 12.28 -21.80 -7.71
N LEU B 125 11.95 -20.78 -8.52
CA LEU B 125 10.60 -20.24 -8.64
C LEU B 125 9.83 -21.15 -9.58
N HIS B 126 8.58 -21.47 -9.26
CA HIS B 126 7.81 -22.38 -10.09
C HIS B 126 6.63 -21.72 -10.74
N ILE B 127 6.29 -22.18 -11.95
CA ILE B 127 5.12 -21.73 -12.68
C ILE B 127 4.48 -23.03 -13.11
N TYR B 128 3.37 -23.44 -12.50
CA TYR B 128 2.75 -24.72 -12.84
C TYR B 128 1.65 -24.57 -13.84
N LEU B 129 1.78 -25.21 -15.00
CA LEU B 129 0.77 -25.17 -16.04
C LEU B 129 -0.12 -26.36 -15.85
N ILE B 130 -1.43 -26.23 -16.02
CA ILE B 130 -2.35 -27.35 -15.82
C ILE B 130 -3.50 -27.36 -16.85
N VAL B 131 -4.00 -28.56 -17.16
CA VAL B 131 -5.15 -28.73 -18.04
C VAL B 131 -6.05 -29.81 -17.45
N ARG B 132 -7.38 -29.59 -17.46
CA ARG B 132 -8.36 -30.56 -16.99
C ARG B 132 -8.97 -31.25 -18.21
N SER B 133 -9.03 -32.58 -18.17
CA SER B 133 -9.61 -33.39 -19.23
C SER B 133 -11.13 -33.17 -19.32
N VAL B 134 -11.67 -33.28 -20.53
CA VAL B 134 -13.10 -33.12 -20.75
C VAL B 134 -13.75 -34.48 -20.87
N ASP B 135 -15.07 -34.50 -20.99
CA ASP B 135 -15.79 -35.77 -21.06
C ASP B 135 -15.58 -36.51 -22.37
N THR B 136 -15.50 -35.77 -23.49
CA THR B 136 -15.25 -36.30 -24.83
C THR B 136 -13.89 -36.98 -24.88
N ARG B 137 -12.81 -36.32 -24.35
CA ARG B 137 -11.48 -36.94 -24.32
C ARG B 137 -10.49 -36.34 -23.31
N ASN B 138 -9.44 -37.10 -23.02
CA ASN B 138 -8.40 -36.73 -22.08
C ASN B 138 -7.36 -35.83 -22.70
N ILE B 139 -6.94 -34.79 -21.96
CA ILE B 139 -5.94 -33.85 -22.45
C ILE B 139 -4.69 -33.96 -21.60
N VAL B 140 -3.53 -34.08 -22.27
CA VAL B 140 -2.22 -34.21 -21.65
C VAL B 140 -1.30 -33.10 -22.16
N LEU B 141 -0.45 -32.53 -21.29
CA LEU B 141 0.51 -31.46 -21.60
C LEU B 141 1.92 -31.97 -21.88
N ALA B 142 2.62 -31.31 -22.80
CA ALA B 142 3.99 -31.66 -23.17
C ALA B 142 4.82 -30.41 -23.28
N VAL B 143 6.14 -30.51 -23.21
CA VAL B 143 7.03 -29.33 -23.30
C VAL B 143 7.70 -29.29 -24.66
N ASP B 144 7.56 -28.17 -25.35
CA ASP B 144 8.23 -27.97 -26.62
C ASP B 144 9.44 -27.13 -26.25
N LEU B 145 10.60 -27.77 -26.08
CA LEU B 145 11.82 -27.09 -25.62
C LEU B 145 12.28 -25.96 -26.54
N GLU B 146 11.84 -25.99 -27.82
CA GLU B 146 12.13 -24.97 -28.82
C GLU B 146 11.39 -23.64 -28.48
N LYS B 147 10.31 -23.74 -27.68
CA LYS B 147 9.47 -22.61 -27.32
C LYS B 147 9.53 -22.25 -25.83
N VAL B 148 10.61 -22.67 -25.13
CA VAL B 148 10.86 -22.35 -23.72
C VAL B 148 12.11 -21.49 -23.74
N GLY B 149 12.08 -20.40 -23.02
CA GLY B 149 13.25 -19.53 -22.97
C GLY B 149 13.01 -18.24 -22.24
N LYS B 150 13.91 -17.30 -22.42
CA LYS B 150 13.81 -15.99 -21.79
C LYS B 150 14.57 -14.96 -22.57
N ASN B 151 14.10 -13.73 -22.56
CA ASN B 151 14.73 -12.60 -23.20
C ASN B 151 16.05 -12.33 -22.46
N ASP B 152 17.07 -11.87 -23.19
CA ASP B 152 18.39 -11.60 -22.61
C ASP B 152 18.33 -10.48 -21.57
N ASP B 153 17.42 -9.52 -21.78
CA ASP B 153 17.18 -8.36 -20.93
C ASP B 153 16.40 -8.68 -19.66
N VAL B 154 15.87 -9.92 -19.49
CA VAL B 154 15.10 -10.32 -18.30
C VAL B 154 15.94 -10.12 -17.07
N PHE B 155 15.57 -9.16 -16.23
CA PHE B 155 16.34 -8.82 -15.04
C PHE B 155 15.49 -8.87 -13.83
N LEU B 156 16.02 -9.46 -12.77
CA LEU B 156 15.32 -9.49 -11.50
C LEU B 156 16.30 -8.83 -10.52
N THR B 157 16.06 -7.53 -10.20
CA THR B 157 16.94 -6.71 -9.35
C THR B 157 17.28 -7.42 -8.07
N GLY B 158 18.59 -7.50 -7.80
CA GLY B 158 19.13 -8.17 -6.62
C GLY B 158 19.29 -9.67 -6.75
N TRP B 159 19.03 -10.19 -7.94
CA TRP B 159 19.15 -11.61 -8.20
C TRP B 159 19.86 -11.88 -9.51
N ASP B 160 20.52 -13.06 -9.59
CA ASP B 160 21.16 -13.54 -10.81
C ASP B 160 20.28 -14.64 -11.33
N ILE B 161 19.89 -14.51 -12.60
CA ILE B 161 19.04 -15.50 -13.25
C ILE B 161 19.92 -16.55 -13.89
N GLU B 162 19.78 -17.80 -13.43
CA GLU B 162 20.57 -18.90 -13.92
C GLU B 162 19.91 -19.58 -15.10
N SER B 163 18.76 -20.18 -14.88
CA SER B 163 18.10 -20.96 -15.92
C SER B 163 16.62 -20.95 -15.82
N PHE B 164 15.96 -21.13 -16.96
CA PHE B 164 14.53 -21.25 -17.04
C PHE B 164 14.28 -22.50 -17.86
N THR B 165 13.92 -23.57 -17.16
CA THR B 165 13.70 -24.89 -17.74
C THR B 165 12.36 -25.44 -17.36
N ALA B 166 11.95 -26.51 -18.00
CA ALA B 166 10.69 -27.14 -17.66
C ALA B 166 10.90 -28.62 -17.41
N VAL B 167 10.21 -29.18 -16.42
CA VAL B 167 10.24 -30.61 -16.12
C VAL B 167 9.37 -31.20 -17.23
N VAL B 168 10.02 -31.84 -18.23
CA VAL B 168 9.41 -32.38 -19.47
C VAL B 168 8.29 -33.39 -19.26
N LYS B 169 8.31 -34.11 -18.15
CA LYS B 169 7.30 -35.10 -17.82
C LYS B 169 6.17 -34.46 -17.02
N PRO B 170 4.91 -34.45 -17.53
CA PRO B 170 3.83 -33.87 -16.75
C PRO B 170 3.41 -34.77 -15.60
N ALA B 171 2.81 -34.20 -14.57
CA ALA B 171 2.29 -34.95 -13.44
C ALA B 171 0.82 -35.16 -13.73
N ASN B 172 0.45 -36.35 -14.19
CA ASN B 172 -0.93 -36.66 -14.52
C ASN B 172 -1.58 -37.31 -13.32
N PHE B 173 -2.76 -36.82 -12.93
CA PHE B 173 -3.47 -37.28 -11.73
C PHE B 173 -4.97 -37.03 -11.81
N ALA B 174 -5.74 -37.72 -10.96
CA ALA B 174 -7.19 -37.58 -10.90
C ALA B 174 -7.56 -36.57 -9.84
N LEU B 175 -8.52 -35.72 -10.17
CA LEU B 175 -9.02 -34.67 -9.28
C LEU B 175 -10.49 -34.42 -9.59
N GLU B 176 -11.36 -34.66 -8.60
CA GLU B 176 -12.81 -34.50 -8.69
C GLU B 176 -13.42 -35.24 -9.90
N ASP B 177 -13.11 -36.55 -9.99
CA ASP B 177 -13.59 -37.50 -11.00
C ASP B 177 -13.15 -37.17 -12.46
N ARG B 178 -12.00 -36.50 -12.65
CA ARG B 178 -11.45 -36.19 -13.99
C ARG B 178 -9.93 -36.13 -13.99
N LEU B 179 -9.29 -36.31 -15.17
CA LEU B 179 -7.84 -36.26 -15.30
C LEU B 179 -7.32 -34.84 -15.40
N GLU B 180 -6.19 -34.58 -14.75
CA GLU B 180 -5.48 -33.30 -14.75
C GLU B 180 -4.02 -33.56 -15.18
N SER B 181 -3.47 -32.72 -16.08
CA SER B 181 -2.10 -32.83 -16.55
C SER B 181 -1.31 -31.58 -16.15
N LYS B 182 -0.33 -31.71 -15.24
CA LYS B 182 0.42 -30.58 -14.70
C LYS B 182 1.89 -30.52 -15.09
N LEU B 183 2.36 -29.41 -15.66
CA LEU B 183 3.76 -29.20 -16.01
C LEU B 183 4.46 -28.25 -15.03
N ASP B 184 5.74 -28.49 -14.72
CA ASP B 184 6.47 -27.62 -13.80
C ASP B 184 7.54 -26.78 -14.50
N TYR B 185 7.30 -25.48 -14.69
CA TYR B 185 8.30 -24.57 -15.27
C TYR B 185 9.06 -23.97 -14.11
N GLN B 186 10.40 -24.03 -14.17
CA GLN B 186 11.25 -23.57 -13.09
C GLN B 186 12.23 -22.48 -13.48
N LEU B 187 12.19 -21.37 -12.77
CA LEU B 187 13.13 -20.28 -12.97
C LEU B 187 14.09 -20.32 -11.77
N ARG B 188 15.40 -20.56 -12.02
CA ARG B 188 16.44 -20.67 -11.01
C ARG B 188 17.14 -19.36 -10.83
N ILE B 189 17.10 -18.83 -9.62
CA ILE B 189 17.70 -17.54 -9.35
C ILE B 189 18.57 -17.60 -8.13
N SER B 190 19.64 -16.80 -8.10
CA SER B 190 20.58 -16.74 -6.96
C SER B 190 20.68 -15.31 -6.44
N ARG B 191 21.06 -15.12 -5.14
CA ARG B 191 21.12 -13.78 -4.54
C ARG B 191 22.48 -13.13 -4.61
N GLN B 192 22.47 -11.83 -4.99
CA GLN B 192 23.63 -10.94 -5.14
C GLN B 192 23.96 -10.33 -3.77
N MET B 193 24.64 -11.14 -2.94
CA MET B 193 25.01 -10.88 -1.56
C MET B 193 26.20 -9.90 -1.34
N GLY B 194 26.81 -9.41 -2.43
CA GLY B 194 27.94 -8.48 -2.35
C GLY B 194 27.68 -7.29 -1.45
N TYR B 195 26.49 -6.68 -1.59
CA TYR B 195 25.97 -5.51 -0.87
C TYR B 195 25.85 -5.68 0.66
N TYR B 196 25.49 -6.90 1.11
CA TYR B 196 25.21 -7.24 2.50
C TYR B 196 26.29 -6.80 3.48
N LEU B 197 27.57 -7.09 3.20
CA LEU B 197 28.70 -6.73 4.06
C LEU B 197 28.74 -5.22 4.35
N ILE B 198 28.84 -4.43 3.28
CA ILE B 198 28.93 -2.98 3.26
C ILE B 198 27.90 -2.27 4.15
N GLN B 199 26.60 -2.52 3.89
CA GLN B 199 25.46 -1.82 4.51
C GLN B 199 24.79 -2.57 5.69
N MET B 200 24.70 -3.92 5.67
CA MET B 200 24.05 -4.67 6.74
C MET B 200 25.00 -5.37 7.73
N TYR B 201 25.81 -6.39 7.26
CA TYR B 201 26.72 -7.27 8.05
C TYR B 201 27.76 -6.54 8.92
N ILE B 202 28.62 -5.70 8.32
CA ILE B 202 29.68 -4.95 9.02
C ILE B 202 29.10 -4.02 10.12
N PRO B 203 28.24 -2.99 9.90
CA PRO B 203 27.81 -2.15 11.03
C PRO B 203 27.02 -2.88 12.14
N SER B 204 26.33 -4.00 11.80
CA SER B 204 25.59 -4.81 12.79
C SER B 204 26.63 -5.28 13.83
N LEU B 205 27.84 -5.60 13.31
CA LEU B 205 29.03 -6.06 14.03
C LEU B 205 29.85 -4.95 14.70
N LEU B 206 30.02 -3.76 14.07
CA LEU B 206 30.75 -2.64 14.69
C LEU B 206 30.05 -2.07 15.97
N ILE B 207 28.95 -2.72 16.41
CA ILE B 207 28.15 -2.44 17.62
C ILE B 207 28.39 -3.57 18.61
N VAL B 208 28.59 -4.80 18.11
CA VAL B 208 28.95 -5.95 18.95
C VAL B 208 30.42 -5.78 19.34
N ILE B 209 31.27 -5.37 18.36
CA ILE B 209 32.71 -5.11 18.50
C ILE B 209 32.89 -3.95 19.49
N LEU B 210 32.12 -2.85 19.35
CA LEU B 210 32.20 -1.70 20.26
C LEU B 210 31.60 -1.99 21.64
N SER B 211 30.95 -3.15 21.82
CA SER B 211 30.44 -3.55 23.12
C SER B 211 31.56 -4.25 23.85
N TRP B 212 32.50 -4.87 23.09
CA TRP B 212 33.67 -5.59 23.64
C TRP B 212 34.84 -4.65 23.95
N ILE B 213 34.93 -3.50 23.22
CA ILE B 213 35.95 -2.46 23.43
C ILE B 213 35.68 -1.66 24.72
N SER B 214 34.93 -2.27 25.67
CA SER B 214 34.55 -1.75 26.98
C SER B 214 34.62 -2.83 28.07
N PHE B 215 35.27 -3.99 27.74
CA PHE B 215 35.55 -5.10 28.64
C PHE B 215 36.98 -4.91 29.21
N TRP B 216 37.47 -3.63 29.15
CA TRP B 216 38.78 -3.17 29.59
C TRP B 216 38.64 -1.96 30.54
N ALA B 222 35.11 1.31 34.96
CA ALA B 222 33.96 0.63 35.55
C ALA B 222 32.62 1.41 35.45
N PRO B 223 32.50 2.72 35.81
CA PRO B 223 31.18 3.39 35.66
C PRO B 223 30.86 3.72 34.19
N ALA B 224 31.91 3.77 33.36
CA ALA B 224 31.87 4.01 31.93
C ALA B 224 31.36 2.77 31.20
N ARG B 225 31.52 1.57 31.83
CA ARG B 225 31.04 0.28 31.31
C ARG B 225 29.50 0.24 31.24
N VAL B 226 28.82 1.05 32.08
CA VAL B 226 27.35 1.15 32.11
C VAL B 226 26.87 1.88 30.87
N GLY B 227 27.49 3.03 30.59
CA GLY B 227 27.16 3.86 29.45
C GLY B 227 27.55 3.29 28.11
N LEU B 228 28.58 2.48 28.07
CA LEU B 228 29.02 1.88 26.82
C LEU B 228 28.18 0.63 26.62
N GLY B 229 28.42 -0.37 27.46
CA GLY B 229 27.81 -1.69 27.43
C GLY B 229 26.34 -1.77 27.05
N ILE B 230 25.52 -0.83 27.57
CA ILE B 230 24.07 -0.81 27.34
C ILE B 230 23.69 -0.02 26.07
N THR B 231 24.55 0.91 25.61
CA THR B 231 24.29 1.69 24.40
C THR B 231 24.35 0.79 23.16
N THR B 232 25.31 -0.15 23.13
CA THR B 232 25.54 -1.09 22.03
C THR B 232 24.53 -2.30 22.05
N VAL B 233 23.32 -1.99 22.59
CA VAL B 233 22.10 -2.77 22.70
C VAL B 233 21.04 -1.85 22.11
N LEU B 234 20.95 -0.61 22.63
CA LEU B 234 20.01 0.40 22.15
C LEU B 234 20.31 0.75 20.69
N THR B 235 21.60 0.75 20.29
CA THR B 235 22.02 1.02 18.91
C THR B 235 21.89 -0.27 18.06
N MET B 236 22.06 -1.47 18.65
CA MET B 236 21.89 -2.73 17.91
C MET B 236 20.45 -2.87 17.42
N THR B 237 19.46 -2.55 18.29
CA THR B 237 18.04 -2.62 17.90
C THR B 237 17.67 -1.48 16.94
N THR B 238 18.52 -0.44 16.84
CA THR B 238 18.33 0.69 15.94
C THR B 238 18.94 0.37 14.58
N GLN B 239 20.03 -0.41 14.54
CA GLN B 239 20.59 -0.86 13.26
C GLN B 239 19.60 -1.92 12.74
N SER B 240 19.07 -2.79 13.63
CA SER B 240 18.05 -3.79 13.31
C SER B 240 16.76 -3.18 12.72
N SER B 241 15.98 -2.46 13.54
CA SER B 241 14.75 -1.82 13.09
C SER B 241 15.04 -0.71 12.08
N GLY B 242 16.28 -0.20 12.10
CA GLY B 242 16.75 0.82 11.18
C GLY B 242 17.01 0.30 9.79
N SER B 243 17.06 -1.04 9.66
CA SER B 243 17.27 -1.79 8.41
C SER B 243 16.57 -3.16 8.44
N ARG B 244 15.38 -3.22 9.09
CA ARG B 244 14.54 -4.42 9.22
C ARG B 244 13.94 -4.84 7.88
N ALA B 245 13.81 -3.88 6.92
CA ALA B 245 13.31 -4.09 5.57
C ALA B 245 14.19 -5.08 4.80
N SER B 246 15.40 -5.41 5.33
CA SER B 246 16.38 -6.35 4.78
C SER B 246 16.63 -7.59 5.68
N LEU B 247 15.90 -7.70 6.81
CA LEU B 247 16.02 -8.83 7.75
C LEU B 247 14.71 -9.64 7.79
N PRO B 248 14.78 -10.98 7.53
CA PRO B 248 13.53 -11.77 7.45
C PRO B 248 13.11 -12.53 8.70
N LYS B 249 11.82 -12.42 9.06
CA LYS B 249 11.25 -13.13 10.20
C LYS B 249 10.40 -14.27 9.65
N VAL B 250 10.97 -15.48 9.71
CA VAL B 250 10.37 -16.71 9.21
C VAL B 250 9.66 -17.49 10.32
N SER B 251 8.84 -18.49 9.95
CA SER B 251 8.14 -19.35 10.91
C SER B 251 9.12 -20.37 11.51
N TYR B 252 10.22 -20.63 10.79
CA TYR B 252 11.35 -21.50 11.12
C TYR B 252 12.59 -20.63 11.40
N VAL B 253 13.79 -21.23 11.49
CA VAL B 253 15.02 -20.48 11.77
C VAL B 253 15.94 -20.41 10.55
N LYS B 254 16.51 -19.23 10.34
CA LYS B 254 17.46 -18.93 9.27
C LYS B 254 18.85 -18.74 9.88
N ALA B 255 19.93 -18.89 9.08
CA ALA B 255 21.33 -18.68 9.49
C ALA B 255 21.60 -17.18 9.77
N ILE B 256 20.56 -16.34 9.57
CA ILE B 256 20.55 -14.89 9.77
C ILE B 256 19.61 -14.53 10.95
N ASP B 257 18.59 -15.41 11.21
CA ASP B 257 17.64 -15.34 12.33
C ASP B 257 18.33 -15.89 13.58
N ILE B 258 19.40 -16.68 13.33
CA ILE B 258 20.29 -17.30 14.29
C ILE B 258 21.45 -16.36 14.52
N TRP B 259 22.05 -15.80 13.44
CA TRP B 259 23.14 -14.83 13.55
C TRP B 259 22.73 -13.67 14.44
N MET B 260 21.46 -13.16 14.29
CA MET B 260 20.84 -12.05 15.04
C MET B 260 20.35 -12.38 16.50
N ALA B 261 20.23 -13.70 16.85
CA ALA B 261 19.80 -14.19 18.17
C ALA B 261 20.98 -14.48 19.05
N VAL B 262 22.16 -14.73 18.43
CA VAL B 262 23.43 -14.95 19.15
C VAL B 262 23.88 -13.60 19.68
N CYS B 263 23.53 -12.52 18.96
CA CYS B 263 23.84 -11.14 19.33
C CYS B 263 23.04 -10.70 20.53
N LEU B 264 21.83 -11.25 20.68
CA LEU B 264 20.96 -10.96 21.81
C LEU B 264 21.55 -11.59 23.10
N LEU B 265 22.14 -12.80 22.99
CA LEU B 265 22.80 -13.50 24.11
C LEU B 265 24.15 -12.86 24.42
N PHE B 266 24.91 -12.46 23.38
CA PHE B 266 26.24 -11.84 23.45
C PHE B 266 26.22 -10.39 23.97
N VAL B 267 25.07 -9.71 23.86
CA VAL B 267 24.85 -8.33 24.32
C VAL B 267 24.39 -8.38 25.81
N PHE B 268 23.85 -9.56 26.23
CA PHE B 268 23.34 -9.87 27.57
C PHE B 268 24.44 -10.41 28.45
N SER B 269 25.14 -11.47 27.97
CA SER B 269 26.28 -12.11 28.64
C SER B 269 27.44 -11.10 28.80
N ALA B 270 27.42 -10.00 27.98
CA ALA B 270 28.34 -8.85 27.99
C ALA B 270 27.96 -7.86 29.10
N LEU B 271 26.68 -7.89 29.52
CA LEU B 271 26.15 -7.06 30.61
C LEU B 271 25.79 -7.90 31.86
N LEU B 272 26.26 -9.17 31.87
CA LEU B 272 26.23 -10.14 32.97
C LEU B 272 27.65 -10.02 33.58
N GLU B 273 28.64 -9.71 32.72
CA GLU B 273 30.05 -9.48 33.03
C GLU B 273 30.22 -8.08 33.63
N TYR B 274 29.76 -7.01 32.92
CA TYR B 274 29.85 -5.61 33.37
C TYR B 274 29.06 -5.34 34.64
N ALA B 275 28.24 -6.32 35.08
CA ALA B 275 27.43 -6.31 36.30
C ALA B 275 28.15 -7.11 37.41
N ALA B 276 28.88 -8.18 37.02
CA ALA B 276 29.67 -9.01 37.95
C ALA B 276 30.98 -8.30 38.32
N VAL B 277 31.66 -7.68 37.33
CA VAL B 277 32.91 -6.92 37.48
C VAL B 277 32.72 -5.63 38.30
N ASN B 278 31.50 -5.08 38.28
CA ASN B 278 31.12 -3.89 39.04
C ASN B 278 30.74 -4.30 40.46
N PHE B 279 30.30 -5.57 40.64
CA PHE B 279 29.94 -6.16 41.93
C PHE B 279 31.18 -6.73 42.62
N VAL B 280 32.22 -7.06 41.83
CA VAL B 280 33.50 -7.60 42.29
C VAL B 280 34.51 -6.48 42.59
N SER B 281 34.49 -5.34 41.85
CA SER B 281 35.35 -4.18 42.11
C SER B 281 34.89 -3.43 43.38
N ARG B 282 33.75 -3.89 43.93
CA ARG B 282 33.10 -3.48 45.17
C ARG B 282 32.81 -4.76 45.95
N GLN B 283 32.01 -4.69 47.03
CA GLN B 283 31.64 -5.84 47.88
C GLN B 283 32.88 -6.58 48.43
N SER B 284 33.98 -5.83 48.65
CA SER B 284 35.27 -6.27 49.19
C SER B 284 35.78 -7.56 48.54
N GLN B 285 35.93 -7.54 47.21
CA GLN B 285 36.44 -8.66 46.42
C GLN B 285 37.31 -8.17 45.22
N PRO B 286 38.13 -7.08 45.37
CA PRO B 286 38.90 -6.57 44.21
C PRO B 286 39.80 -7.53 43.42
N GLN B 287 40.33 -8.56 44.06
CA GLN B 287 41.29 -9.49 43.43
C GLN B 287 40.83 -10.33 42.25
N ARG B 288 39.92 -11.28 42.51
CA ARG B 288 39.34 -12.15 41.49
C ARG B 288 38.58 -11.39 40.39
N ALA B 289 38.41 -10.05 40.56
CA ALA B 289 37.73 -9.16 39.62
C ALA B 289 38.52 -9.04 38.32
N LYS B 290 39.84 -8.85 38.39
CA LYS B 290 40.70 -8.73 37.21
C LYS B 290 41.05 -10.09 36.58
N LYS B 291 40.59 -11.20 37.20
CA LYS B 291 40.81 -12.58 36.73
C LYS B 291 39.82 -12.99 35.64
N ILE B 292 38.53 -12.58 35.77
CA ILE B 292 37.45 -12.91 34.83
C ILE B 292 37.11 -11.77 33.86
N ASP B 293 37.27 -10.51 34.28
CA ASP B 293 36.98 -9.32 33.45
C ASP B 293 38.00 -9.13 32.31
N LYS B 294 39.21 -9.67 32.48
CA LYS B 294 40.29 -9.58 31.51
C LYS B 294 40.30 -10.78 30.57
N ILE B 295 39.90 -11.96 31.09
CA ILE B 295 39.81 -13.23 30.35
C ILE B 295 38.62 -13.25 29.37
N SER B 296 37.50 -12.59 29.76
CA SER B 296 36.28 -12.46 28.94
C SER B 296 36.52 -11.46 27.79
N ARG B 297 37.51 -10.56 27.94
CA ARG B 297 37.92 -9.55 26.95
C ARG B 297 38.69 -10.14 25.75
N ILE B 298 39.19 -11.38 25.87
CA ILE B 298 39.87 -12.12 24.81
C ILE B 298 39.09 -13.42 24.53
N GLY B 299 38.20 -13.75 25.44
CA GLY B 299 37.33 -14.93 25.40
C GLY B 299 36.19 -14.87 24.40
N PHE B 300 35.39 -13.78 24.42
CA PHE B 300 34.23 -13.56 23.53
C PHE B 300 34.57 -13.39 22.05
N PRO B 301 35.51 -12.51 21.58
CA PRO B 301 35.79 -12.46 20.13
C PRO B 301 36.06 -13.87 19.59
N MET B 302 36.65 -14.74 20.43
CA MET B 302 36.93 -16.12 20.07
C MET B 302 35.74 -17.05 20.37
N ALA B 303 34.90 -16.74 21.38
CA ALA B 303 33.68 -17.51 21.70
C ALA B 303 32.67 -17.26 20.58
N PHE B 304 32.72 -16.05 19.99
CA PHE B 304 31.90 -15.60 18.88
C PHE B 304 32.37 -16.24 17.59
N LEU B 305 33.68 -16.10 17.30
CA LEU B 305 34.30 -16.68 16.11
C LEU B 305 33.95 -18.17 16.02
N ILE B 306 34.12 -18.92 17.14
CA ILE B 306 33.79 -20.34 17.28
C ILE B 306 32.30 -20.63 17.04
N PHE B 307 31.41 -19.85 17.70
CA PHE B 307 29.95 -19.98 17.60
C PHE B 307 29.41 -19.73 16.18
N ASN B 308 29.81 -18.60 15.54
CA ASN B 308 29.41 -18.24 14.18
C ASN B 308 29.94 -19.26 13.15
N MET B 309 31.14 -19.86 13.41
CA MET B 309 31.75 -20.91 12.57
C MET B 309 31.07 -22.26 12.82
N PHE B 310 30.52 -22.45 14.03
CA PHE B 310 29.77 -23.65 14.41
C PHE B 310 28.41 -23.58 13.73
N TYR B 311 27.77 -22.39 13.74
CA TYR B 311 26.48 -22.10 13.10
C TYR B 311 26.59 -22.32 11.59
N TRP B 312 27.64 -21.73 10.97
CA TRP B 312 27.97 -21.81 9.54
C TRP B 312 28.08 -23.26 9.04
N ILE B 313 28.68 -24.15 9.85
CA ILE B 313 28.85 -25.56 9.53
C ILE B 313 27.50 -26.26 9.26
N ILE B 314 26.48 -25.91 10.06
CA ILE B 314 25.12 -26.47 10.01
C ILE B 314 24.30 -26.02 8.82
N TYR B 315 24.05 -24.67 8.72
CA TYR B 315 23.22 -23.98 7.72
C TYR B 315 23.81 -23.93 6.29
N PHE B 316 24.92 -23.20 6.10
CA PHE B 316 25.56 -23.10 4.79
C PHE B 316 26.72 -24.09 4.69
N VAL C 4 -10.27 -9.68 -40.46
CA VAL C 4 -9.31 -8.86 -41.22
C VAL C 4 -7.93 -9.52 -41.40
N SER C 5 -7.26 -9.18 -42.51
CA SER C 5 -5.93 -9.72 -42.80
C SER C 5 -4.96 -8.58 -43.12
N PRO C 6 -3.62 -8.75 -43.01
CA PRO C 6 -2.71 -7.63 -43.28
C PRO C 6 -2.71 -7.16 -44.73
N PRO C 7 -2.25 -5.92 -45.03
CA PRO C 7 -2.23 -5.45 -46.42
C PRO C 7 -1.28 -6.29 -47.26
N PRO C 8 -1.67 -6.70 -48.48
CA PRO C 8 -0.77 -7.56 -49.26
C PRO C 8 0.42 -6.78 -49.83
N PRO C 9 1.61 -7.42 -49.91
CA PRO C 9 2.77 -6.69 -50.45
C PRO C 9 2.72 -6.59 -51.97
N ILE C 10 3.11 -5.42 -52.52
CA ILE C 10 3.13 -5.21 -53.97
C ILE C 10 4.21 -6.10 -54.62
N ALA C 11 5.36 -6.26 -53.96
CA ALA C 11 6.46 -7.12 -54.39
C ALA C 11 6.68 -8.23 -53.36
N ASP C 12 7.51 -7.98 -52.33
CA ASP C 12 7.77 -8.91 -51.23
C ASP C 12 8.01 -8.12 -49.95
N GLU C 13 8.39 -6.82 -50.10
CA GLU C 13 8.79 -5.86 -49.06
C GLU C 13 8.03 -5.97 -47.72
N PRO C 14 8.71 -5.76 -46.56
CA PRO C 14 7.97 -5.80 -45.30
C PRO C 14 7.08 -4.56 -45.14
N LEU C 15 6.02 -4.66 -44.35
CA LEU C 15 5.14 -3.51 -44.09
C LEU C 15 5.78 -2.60 -43.03
N THR C 16 6.00 -1.35 -43.41
CA THR C 16 6.58 -0.39 -42.50
C THR C 16 5.48 0.34 -41.76
N VAL C 17 5.53 0.25 -40.41
CA VAL C 17 4.61 0.92 -39.49
C VAL C 17 5.38 2.03 -38.82
N ASN C 18 5.08 3.26 -39.20
CA ASN C 18 5.71 4.46 -38.65
C ASN C 18 5.10 4.77 -37.31
N THR C 19 5.94 4.95 -36.30
CA THR C 19 5.50 5.19 -34.92
C THR C 19 5.89 6.54 -34.36
N GLY C 20 5.22 6.92 -33.29
CA GLY C 20 5.46 8.14 -32.55
C GLY C 20 4.81 8.12 -31.18
N ILE C 21 5.52 8.64 -30.18
CA ILE C 21 4.99 8.73 -28.83
C ILE C 21 5.06 10.19 -28.42
N TYR C 22 3.94 10.77 -27.99
CA TYR C 22 3.91 12.13 -27.50
C TYR C 22 3.49 12.09 -26.03
N LEU C 23 4.45 12.38 -25.12
CA LEU C 23 4.20 12.35 -23.67
C LEU C 23 3.28 13.44 -23.22
N ILE C 24 2.16 13.07 -22.56
CA ILE C 24 1.18 13.99 -21.98
C ILE C 24 1.49 14.11 -20.49
N GLU C 25 1.75 13.00 -19.82
CA GLU C 25 2.08 12.98 -18.40
C GLU C 25 3.15 11.95 -18.07
N CYS C 26 4.01 12.30 -17.11
CA CYS C 26 5.04 11.43 -16.55
C CYS C 26 4.96 11.56 -15.10
N TYR C 27 4.84 10.43 -14.43
CA TYR C 27 4.63 10.45 -12.99
C TYR C 27 5.04 9.16 -12.33
N SER C 28 5.05 9.17 -11.00
CA SER C 28 5.35 8.07 -10.12
C SER C 28 6.64 7.35 -10.45
N LEU C 29 7.76 8.10 -10.51
CA LEU C 29 9.04 7.41 -10.72
C LEU C 29 9.37 6.79 -9.36
N ASP C 30 9.12 5.49 -9.25
CA ASP C 30 9.31 4.70 -8.04
C ASP C 30 10.72 4.13 -8.11
N ASP C 31 11.62 4.69 -7.29
CA ASP C 31 13.03 4.28 -7.27
C ASP C 31 13.18 2.83 -6.81
N LYS C 32 12.43 2.41 -5.76
CA LYS C 32 12.47 1.05 -5.24
C LYS C 32 11.95 0.02 -6.23
N ALA C 33 10.79 0.26 -6.87
CA ALA C 33 10.18 -0.66 -7.83
C ALA C 33 10.81 -0.58 -9.24
N GLU C 34 11.58 0.51 -9.50
CA GLU C 34 12.26 0.82 -10.77
C GLU C 34 11.25 0.92 -11.91
N THR C 35 10.13 1.61 -11.61
CA THR C 35 8.99 1.86 -12.50
C THR C 35 8.65 3.33 -12.55
N PHE C 36 7.96 3.69 -13.59
CA PHE C 36 7.46 5.04 -13.80
C PHE C 36 6.19 4.87 -14.60
N LYS C 37 5.24 5.72 -14.37
CA LYS C 37 4.01 5.64 -15.11
C LYS C 37 4.06 6.69 -16.23
N VAL C 38 3.42 6.38 -17.34
CA VAL C 38 3.38 7.28 -18.49
C VAL C 38 1.96 7.39 -19.05
N ASN C 39 1.61 8.55 -19.58
CA ASN C 39 0.31 8.79 -20.20
C ASN C 39 0.68 9.54 -21.45
N ALA C 40 0.44 8.94 -22.60
CA ALA C 40 0.88 9.52 -23.85
C ALA C 40 0.00 9.19 -25.02
N PHE C 41 0.31 9.82 -26.16
CA PHE C 41 -0.35 9.54 -27.39
C PHE C 41 0.55 8.56 -28.09
N LEU C 42 -0.02 7.61 -28.80
CA LEU C 42 0.78 6.68 -29.62
C LEU C 42 0.20 6.82 -31.04
N SER C 43 1.04 7.23 -31.99
CA SER C 43 0.63 7.40 -33.37
C SER C 43 1.22 6.32 -34.23
N LEU C 44 0.41 5.74 -35.11
CA LEU C 44 0.85 4.67 -36.03
C LEU C 44 0.44 4.99 -37.47
N SER C 45 1.30 4.72 -38.46
CA SER C 45 1.01 4.97 -39.88
C SER C 45 1.51 3.84 -40.72
N TRP C 46 0.67 3.34 -41.63
CA TRP C 46 1.03 2.25 -42.55
C TRP C 46 0.19 2.37 -43.81
N LYS C 47 0.69 1.82 -44.93
CA LYS C 47 -0.03 1.87 -46.19
C LYS C 47 -0.87 0.59 -46.40
N ASP C 48 -2.18 0.78 -46.59
CA ASP C 48 -3.12 -0.30 -46.87
C ASP C 48 -3.83 0.07 -48.18
N ARG C 49 -3.34 -0.49 -49.30
CA ARG C 49 -3.85 -0.22 -50.65
C ARG C 49 -5.30 -0.61 -50.84
N ARG C 50 -5.78 -1.62 -50.10
CA ARG C 50 -7.18 -2.08 -50.16
C ARG C 50 -8.14 -0.97 -49.75
N LEU C 51 -7.62 0.05 -49.05
CA LEU C 51 -8.36 1.17 -48.52
C LEU C 51 -8.24 2.45 -49.34
N ALA C 52 -7.43 2.42 -50.42
CA ALA C 52 -7.22 3.56 -51.32
C ALA C 52 -8.51 3.97 -52.01
N PHE C 53 -8.67 5.27 -52.27
CA PHE C 53 -9.87 5.82 -52.90
C PHE C 53 -9.54 7.02 -53.78
N ASP C 54 -10.47 7.39 -54.68
CA ASP C 54 -10.31 8.54 -55.55
C ASP C 54 -10.85 9.80 -54.85
N PRO C 55 -10.04 10.89 -54.77
CA PRO C 55 -10.50 12.10 -54.08
C PRO C 55 -11.62 12.88 -54.78
N VAL C 56 -11.60 12.97 -56.12
CA VAL C 56 -12.61 13.72 -56.88
C VAL C 56 -13.98 12.97 -56.92
N ARG C 57 -13.98 11.62 -57.03
CA ARG C 57 -15.21 10.80 -57.06
C ARG C 57 -15.91 10.68 -55.71
N SER C 58 -15.16 10.40 -54.64
CA SER C 58 -15.70 10.23 -53.30
C SER C 58 -16.24 11.51 -52.66
N GLY C 59 -15.62 12.65 -52.98
CA GLY C 59 -15.99 13.96 -52.44
C GLY C 59 -15.27 14.29 -51.14
N VAL C 60 -14.95 13.24 -50.39
CA VAL C 60 -14.24 13.35 -49.12
C VAL C 60 -12.72 13.21 -49.33
N ARG C 61 -11.95 14.03 -48.62
CA ARG C 61 -10.50 14.00 -48.75
C ARG C 61 -9.85 13.02 -47.77
N VAL C 62 -10.61 12.64 -46.73
CA VAL C 62 -10.21 11.69 -45.69
C VAL C 62 -11.40 10.82 -45.29
N LYS C 63 -11.13 9.56 -44.97
CA LYS C 63 -12.14 8.61 -44.53
C LYS C 63 -11.80 8.13 -43.13
N THR C 64 -12.77 8.24 -42.23
CA THR C 64 -12.59 7.85 -40.85
C THR C 64 -13.19 6.47 -40.65
N TYR C 65 -12.42 5.56 -40.05
CA TYR C 65 -12.86 4.19 -39.78
C TYR C 65 -12.87 3.86 -38.27
N GLU C 66 -13.64 2.81 -37.91
CA GLU C 66 -13.70 2.26 -36.55
C GLU C 66 -12.59 1.19 -36.49
N PRO C 67 -11.86 1.02 -35.35
CA PRO C 67 -10.76 0.04 -35.31
C PRO C 67 -11.07 -1.37 -35.81
N GLU C 68 -12.30 -1.86 -35.54
CA GLU C 68 -12.77 -3.19 -35.96
C GLU C 68 -12.96 -3.30 -37.45
N ALA C 69 -13.33 -2.19 -38.13
CA ALA C 69 -13.58 -2.13 -39.57
C ALA C 69 -12.37 -2.42 -40.45
N ILE C 70 -11.17 -2.04 -40.00
CA ILE C 70 -9.94 -2.22 -40.79
C ILE C 70 -8.87 -3.04 -40.06
N TRP C 71 -7.79 -3.40 -40.78
CA TRP C 71 -6.66 -4.11 -40.20
C TRP C 71 -5.76 -3.09 -39.52
N ILE C 72 -5.38 -3.37 -38.25
CA ILE C 72 -4.49 -2.52 -37.45
C ILE C 72 -3.35 -3.37 -36.88
N PRO C 73 -2.08 -2.92 -36.97
CA PRO C 73 -0.96 -3.75 -36.46
C PRO C 73 -1.00 -3.92 -34.95
N GLU C 74 -0.73 -5.14 -34.45
CA GLU C 74 -0.70 -5.41 -33.01
C GLU C 74 0.68 -4.91 -32.50
N ILE C 75 0.72 -3.65 -32.01
CA ILE C 75 1.92 -3.05 -31.45
C ILE C 75 1.81 -3.26 -29.94
N ARG C 76 2.92 -3.74 -29.33
CA ARG C 76 3.01 -3.99 -27.88
C ARG C 76 4.21 -3.29 -27.25
N PHE C 77 4.17 -3.09 -25.94
CA PHE C 77 5.31 -2.51 -25.25
C PHE C 77 6.04 -3.66 -24.61
N VAL C 78 7.38 -3.64 -24.66
CA VAL C 78 8.15 -4.72 -24.09
C VAL C 78 8.19 -4.64 -22.56
N ASN C 79 8.75 -3.53 -22.08
CA ASN C 79 9.03 -3.32 -20.66
C ASN C 79 7.85 -2.68 -19.88
N VAL C 80 6.66 -3.27 -19.97
CA VAL C 80 5.48 -2.80 -19.22
C VAL C 80 5.04 -3.90 -18.28
N GLU C 81 4.54 -3.52 -17.11
CA GLU C 81 4.08 -4.50 -16.12
C GLU C 81 2.92 -5.30 -16.70
N ASN C 82 1.80 -4.61 -17.01
CA ASN C 82 0.64 -5.19 -17.71
C ASN C 82 0.48 -4.46 -19.01
N ALA C 83 -0.42 -4.96 -19.88
CA ALA C 83 -0.63 -4.30 -21.17
C ALA C 83 -1.21 -2.89 -20.96
N ARG C 84 -0.77 -1.92 -21.83
CA ARG C 84 -1.19 -0.51 -21.78
C ARG C 84 -2.73 -0.40 -21.82
N ASP C 85 -3.27 0.61 -21.11
CA ASP C 85 -4.69 0.93 -21.13
C ASP C 85 -4.79 1.85 -22.34
N ALA C 86 -5.43 1.40 -23.43
CA ALA C 86 -5.46 2.25 -24.62
C ALA C 86 -6.84 2.56 -25.08
N ASP C 87 -7.02 3.78 -25.57
CA ASP C 87 -8.28 4.34 -26.04
C ASP C 87 -7.98 4.94 -27.41
N VAL C 88 -8.64 4.46 -28.46
CA VAL C 88 -8.38 4.96 -29.81
C VAL C 88 -9.02 6.33 -29.91
N VAL C 89 -8.21 7.32 -30.33
CA VAL C 89 -8.69 8.70 -30.49
C VAL C 89 -9.22 8.91 -31.92
N ASP C 90 -8.42 8.50 -32.92
CA ASP C 90 -8.76 8.68 -34.33
C ASP C 90 -8.03 7.74 -35.29
N ILE C 91 -8.73 7.38 -36.38
CA ILE C 91 -8.22 6.59 -37.49
C ILE C 91 -8.61 7.31 -38.76
N SER C 92 -7.62 7.82 -39.50
CA SER C 92 -7.82 8.57 -40.73
C SER C 92 -7.11 7.91 -41.92
N VAL C 93 -7.79 7.79 -43.07
CA VAL C 93 -7.19 7.20 -44.27
C VAL C 93 -7.13 8.23 -45.37
N SER C 94 -5.93 8.46 -45.97
CA SER C 94 -5.71 9.38 -47.08
C SER C 94 -6.06 8.68 -48.42
N PRO C 95 -6.30 9.41 -49.55
CA PRO C 95 -6.67 8.73 -50.80
C PRO C 95 -5.76 7.59 -51.28
N ASP C 96 -4.44 7.69 -51.05
CA ASP C 96 -3.47 6.67 -51.47
C ASP C 96 -3.52 5.39 -50.62
N GLY C 97 -4.28 5.44 -49.53
CA GLY C 97 -4.42 4.32 -48.61
C GLY C 97 -3.49 4.34 -47.41
N THR C 98 -2.93 5.52 -47.09
CA THR C 98 -2.06 5.66 -45.94
C THR C 98 -2.97 5.87 -44.72
N VAL C 99 -2.88 4.94 -43.76
CA VAL C 99 -3.67 4.98 -42.53
C VAL C 99 -2.89 5.75 -41.47
N GLN C 100 -3.61 6.60 -40.74
CA GLN C 100 -3.06 7.38 -39.65
C GLN C 100 -3.88 7.08 -38.43
N TYR C 101 -3.26 6.35 -37.50
CA TYR C 101 -3.84 5.86 -36.26
C TYR C 101 -3.33 6.67 -35.08
N LEU C 102 -4.23 6.98 -34.13
CA LEU C 102 -3.86 7.70 -32.92
C LEU C 102 -4.64 7.19 -31.75
N GLU C 103 -3.93 6.83 -30.67
CA GLU C 103 -4.52 6.35 -29.43
C GLU C 103 -3.85 7.04 -28.29
N ARG C 104 -4.59 7.23 -27.22
CA ARG C 104 -4.03 7.77 -25.99
C ARG C 104 -3.92 6.56 -25.05
N PHE C 105 -2.72 6.31 -24.53
CA PHE C 105 -2.55 5.20 -23.64
C PHE C 105 -1.92 5.64 -22.33
N SER C 106 -2.00 4.78 -21.33
CA SER C 106 -1.36 4.97 -20.03
C SER C 106 -0.72 3.65 -19.75
N ALA C 107 0.51 3.62 -19.15
CA ALA C 107 1.24 2.35 -18.90
C ALA C 107 2.25 2.48 -17.79
N ARG C 108 2.50 1.36 -17.04
CA ARG C 108 3.49 1.30 -15.95
C ARG C 108 4.72 0.69 -16.56
N VAL C 109 5.78 1.47 -16.70
CA VAL C 109 6.99 1.03 -17.38
C VAL C 109 8.07 0.56 -16.42
N LEU C 110 8.68 -0.61 -16.71
CA LEU C 110 9.82 -1.19 -16.02
C LEU C 110 11.06 -0.59 -16.71
N SER C 111 11.83 0.19 -15.99
CA SER C 111 13.08 0.73 -16.53
C SER C 111 14.11 0.78 -15.40
N PRO C 112 15.21 0.00 -15.57
CA PRO C 112 16.23 -0.04 -14.53
C PRO C 112 16.89 1.32 -14.31
N LEU C 113 17.25 1.58 -13.04
CA LEU C 113 17.91 2.81 -12.63
C LEU C 113 19.30 2.53 -12.05
N ASP C 114 20.30 3.36 -12.44
CA ASP C 114 21.68 3.26 -11.97
C ASP C 114 21.86 4.25 -10.83
N PHE C 115 21.92 3.75 -9.60
CA PHE C 115 22.03 4.57 -8.41
C PHE C 115 23.47 4.84 -7.94
N ARG C 116 24.48 4.37 -8.70
CA ARG C 116 25.90 4.55 -8.36
C ARG C 116 26.28 5.99 -8.02
N ARG C 117 25.72 6.97 -8.71
CA ARG C 117 26.03 8.39 -8.50
C ARG C 117 24.97 9.17 -7.68
N PHE C 118 24.01 8.48 -7.05
CA PHE C 118 22.95 9.08 -6.24
C PHE C 118 23.51 9.97 -5.13
N PRO C 119 22.97 11.18 -4.90
CA PRO C 119 21.82 11.82 -5.56
C PRO C 119 22.19 12.74 -6.74
N MET C 120 23.39 12.57 -7.28
CA MET C 120 23.86 13.37 -8.39
C MET C 120 23.86 12.55 -9.68
N ASP C 121 22.83 11.70 -9.82
CA ASP C 121 22.67 10.79 -10.95
C ASP C 121 21.77 11.28 -12.05
N SER C 122 21.96 10.71 -13.23
CA SER C 122 21.16 10.94 -14.43
C SER C 122 20.72 9.59 -14.94
N GLN C 123 19.52 9.52 -15.54
CA GLN C 123 18.98 8.25 -16.05
C GLN C 123 18.41 8.39 -17.45
N THR C 124 18.34 7.26 -18.16
CA THR C 124 17.73 7.13 -19.48
C THR C 124 16.64 6.09 -19.31
N LEU C 125 15.39 6.55 -19.21
CA LEU C 125 14.21 5.69 -19.07
C LEU C 125 13.88 5.19 -20.46
N HIS C 126 13.55 3.90 -20.58
CA HIS C 126 13.24 3.36 -21.90
C HIS C 126 11.80 2.94 -22.03
N ILE C 127 11.26 3.09 -23.22
CA ILE C 127 9.92 2.63 -23.55
C ILE C 127 10.15 1.87 -24.83
N TYR C 128 10.11 0.52 -24.80
CA TYR C 128 10.38 -0.27 -26.01
C TYR C 128 9.12 -0.68 -26.72
N LEU C 129 9.00 -0.27 -27.99
CA LEU C 129 7.84 -0.59 -28.81
C LEU C 129 8.17 -1.83 -29.58
N ILE C 130 7.26 -2.78 -29.74
CA ILE C 130 7.54 -4.01 -30.50
C ILE C 130 6.36 -4.49 -31.35
N VAL C 131 6.67 -5.15 -32.47
CA VAL C 131 5.65 -5.74 -33.33
C VAL C 131 6.11 -7.12 -33.75
N ARG C 132 5.19 -8.13 -33.71
CA ARG C 132 5.51 -9.49 -34.18
C ARG C 132 4.90 -9.63 -35.60
N SER C 133 5.74 -10.11 -36.57
CA SER C 133 5.38 -10.30 -37.95
C SER C 133 4.38 -11.40 -38.11
N VAL C 134 3.53 -11.32 -39.14
CA VAL C 134 2.48 -12.32 -39.37
C VAL C 134 2.91 -13.28 -40.45
N ASP C 135 2.18 -14.40 -40.61
CA ASP C 135 2.53 -15.38 -41.63
C ASP C 135 2.45 -14.85 -43.05
N THR C 136 1.44 -13.99 -43.30
CA THR C 136 1.19 -13.34 -44.58
C THR C 136 2.35 -12.41 -44.92
N ARG C 137 2.81 -11.54 -43.99
CA ARG C 137 3.98 -10.68 -44.25
C ARG C 137 4.69 -10.14 -42.99
N ASN C 138 5.94 -9.71 -43.18
CA ASN C 138 6.81 -9.18 -42.14
C ASN C 138 6.50 -7.75 -41.87
N ILE C 139 6.37 -7.38 -40.59
CA ILE C 139 6.06 -6.02 -40.17
C ILE C 139 7.27 -5.44 -39.45
N VAL C 140 7.70 -4.25 -39.91
CA VAL C 140 8.87 -3.54 -39.41
C VAL C 140 8.42 -2.18 -38.89
N LEU C 141 9.03 -1.70 -37.79
CA LEU C 141 8.72 -0.41 -37.15
C LEU C 141 9.68 0.70 -37.54
N ALA C 142 9.18 1.93 -37.64
CA ALA C 142 9.98 3.10 -37.98
C ALA C 142 9.59 4.26 -37.09
N VAL C 143 10.44 5.29 -36.96
CA VAL C 143 10.14 6.46 -36.13
C VAL C 143 9.77 7.64 -37.00
N ASP C 144 8.61 8.25 -36.75
CA ASP C 144 8.20 9.45 -37.46
C ASP C 144 8.55 10.56 -36.48
N LEU C 145 9.72 11.21 -36.67
CA LEU C 145 10.23 12.23 -35.75
C LEU C 145 9.30 13.41 -35.56
N GLU C 146 8.39 13.64 -36.53
CA GLU C 146 7.38 14.71 -36.48
C GLU C 146 6.33 14.43 -35.41
N LYS C 147 6.17 13.14 -35.02
CA LYS C 147 5.18 12.68 -34.06
C LYS C 147 5.78 12.15 -32.75
N VAL C 148 7.01 12.56 -32.44
CA VAL C 148 7.70 12.23 -31.20
C VAL C 148 7.88 13.54 -30.46
N GLY C 149 7.51 13.57 -29.20
CA GLY C 149 7.65 14.78 -28.40
C GLY C 149 7.07 14.66 -27.02
N LYS C 150 6.88 15.80 -26.36
CA LYS C 150 6.34 15.88 -25.02
C LYS C 150 5.72 17.21 -24.77
N ASN C 151 4.67 17.22 -23.95
CA ASN C 151 3.97 18.42 -23.54
C ASN C 151 4.93 19.24 -22.66
N ASP C 152 4.85 20.56 -22.75
CA ASP C 152 5.73 21.45 -21.99
C ASP C 152 5.51 21.32 -20.48
N ASP C 153 4.28 21.01 -20.08
CA ASP C 153 3.84 20.81 -18.70
C ASP C 153 4.28 19.46 -18.09
N VAL C 154 4.88 18.55 -18.89
CA VAL C 154 5.33 17.23 -18.43
C VAL C 154 6.33 17.43 -17.32
N PHE C 155 5.96 17.03 -16.11
CA PHE C 155 6.83 17.21 -14.96
C PHE C 155 7.05 15.92 -14.26
N LEU C 156 8.29 15.66 -13.86
CA LEU C 156 8.60 14.49 -13.08
C LEU C 156 9.24 15.02 -11.80
N THR C 157 8.46 15.06 -10.71
CA THR C 157 8.82 15.58 -9.39
C THR C 157 10.18 15.06 -8.96
N GLY C 158 11.08 15.97 -8.63
CA GLY C 158 12.44 15.64 -8.19
C GLY C 158 13.43 15.39 -9.31
N TRP C 159 13.01 15.58 -10.56
CA TRP C 159 13.84 15.34 -11.72
C TRP C 159 13.71 16.45 -12.73
N ASP C 160 14.76 16.63 -13.53
CA ASP C 160 14.79 17.58 -14.63
C ASP C 160 14.68 16.76 -15.88
N ILE C 161 13.75 17.10 -16.77
CA ILE C 161 13.56 16.35 -18.01
C ILE C 161 14.44 16.98 -19.08
N GLU C 162 15.38 16.21 -19.62
CA GLU C 162 16.30 16.71 -20.62
C GLU C 162 15.77 16.54 -22.03
N SER C 163 15.52 15.29 -22.45
CA SER C 163 15.07 15.00 -23.80
C SER C 163 14.25 13.75 -23.90
N PHE C 164 13.37 13.70 -24.90
CA PHE C 164 12.59 12.51 -25.23
C PHE C 164 12.80 12.27 -26.70
N THR C 165 13.66 11.30 -27.01
CA THR C 165 14.07 10.95 -28.38
C THR C 165 13.85 9.48 -28.64
N ALA C 166 13.97 9.07 -29.89
CA ALA C 166 13.84 7.66 -30.23
C ALA C 166 15.01 7.22 -31.06
N VAL C 167 15.50 6.01 -30.83
CA VAL C 167 16.58 5.41 -31.60
C VAL C 167 15.87 4.99 -32.89
N VAL C 168 16.10 5.75 -33.99
CA VAL C 168 15.45 5.64 -35.30
C VAL C 168 15.54 4.27 -35.97
N LYS C 169 16.61 3.51 -35.68
CA LYS C 169 16.82 2.20 -36.26
C LYS C 169 16.22 1.12 -35.36
N PRO C 170 15.23 0.32 -35.85
CA PRO C 170 14.68 -0.73 -35.00
C PRO C 170 15.63 -1.90 -34.86
N ALA C 171 15.46 -2.67 -33.79
CA ALA C 171 16.24 -3.86 -33.54
C ALA C 171 15.39 -5.01 -34.05
N ASN C 172 15.71 -5.51 -35.25
CA ASN C 172 14.97 -6.61 -35.86
C ASN C 172 15.64 -7.90 -35.49
N PHE C 173 14.87 -8.89 -35.01
CA PHE C 173 15.39 -10.17 -34.57
C PHE C 173 14.33 -11.26 -34.62
N ALA C 174 14.78 -12.51 -34.57
CA ALA C 174 13.88 -13.65 -34.60
C ALA C 174 13.58 -14.11 -33.19
N LEU C 175 12.31 -14.41 -32.95
CA LEU C 175 11.81 -14.89 -31.66
C LEU C 175 10.67 -15.85 -31.89
N GLU C 176 10.85 -17.10 -31.44
CA GLU C 176 9.90 -18.21 -31.58
C GLU C 176 9.46 -18.42 -33.06
N ASP C 177 10.46 -18.51 -33.96
CA ASP C 177 10.35 -18.73 -35.41
C ASP C 177 9.55 -17.64 -36.17
N ARG C 178 9.61 -16.36 -35.72
CA ARG C 178 8.99 -15.20 -36.39
C ARG C 178 9.79 -13.92 -36.15
N LEU C 179 9.67 -12.96 -37.08
CA LEU C 179 10.39 -11.71 -36.95
C LEU C 179 9.69 -10.74 -36.00
N GLU C 180 10.52 -10.06 -35.19
CA GLU C 180 10.10 -9.08 -34.22
C GLU C 180 10.85 -7.79 -34.49
N SER C 181 10.17 -6.66 -34.54
CA SER C 181 10.78 -5.35 -34.79
C SER C 181 10.65 -4.45 -33.53
N LYS C 182 11.76 -4.09 -32.87
CA LYS C 182 11.75 -3.34 -31.62
C LYS C 182 12.36 -1.94 -31.70
N LEU C 183 11.61 -0.91 -31.29
CA LEU C 183 12.08 0.49 -31.23
C LEU C 183 12.39 0.95 -29.80
N ASP C 184 13.44 1.76 -29.62
CA ASP C 184 13.80 2.24 -28.31
C ASP C 184 13.52 3.73 -28.11
N TYR C 185 12.46 4.06 -27.35
CA TYR C 185 12.15 5.45 -27.02
C TYR C 185 12.81 5.74 -25.70
N GLN C 186 13.57 6.83 -25.64
CA GLN C 186 14.34 7.18 -24.46
C GLN C 186 13.99 8.53 -23.88
N LEU C 187 13.60 8.54 -22.59
CA LEU C 187 13.34 9.76 -21.85
C LEU C 187 14.54 9.97 -20.92
N ARG C 188 15.31 11.06 -21.11
CA ARG C 188 16.50 11.39 -20.35
C ARG C 188 16.18 12.34 -19.19
N ILE C 189 16.53 11.97 -17.96
CA ILE C 189 16.28 12.78 -16.75
C ILE C 189 17.48 12.83 -15.82
N SER C 190 17.60 13.91 -15.00
CA SER C 190 18.70 14.14 -14.04
C SER C 190 18.14 14.45 -12.66
N ARG C 191 18.93 14.26 -11.60
CA ARG C 191 18.40 14.53 -10.27
C ARG C 191 18.67 15.95 -9.77
N GLN C 192 17.63 16.56 -9.18
CA GLN C 192 17.65 17.89 -8.60
C GLN C 192 18.25 17.74 -7.20
N MET C 193 19.57 17.58 -7.12
CA MET C 193 20.34 17.30 -5.89
C MET C 193 20.52 18.47 -4.88
N GLY C 194 20.00 19.67 -5.20
CA GLY C 194 20.08 20.85 -4.34
C GLY C 194 19.58 20.63 -2.93
N TYR C 195 18.44 19.90 -2.81
CA TYR C 195 17.73 19.49 -1.59
C TYR C 195 18.61 18.78 -0.56
N TYR C 196 19.48 17.86 -1.04
CA TYR C 196 20.26 16.92 -0.25
C TYR C 196 21.07 17.61 0.85
N LEU C 197 21.83 18.67 0.50
CA LEU C 197 22.64 19.43 1.46
C LEU C 197 21.84 19.81 2.68
N ILE C 198 20.75 20.54 2.46
CA ILE C 198 19.82 21.03 3.46
C ILE C 198 19.41 19.96 4.47
N GLN C 199 18.64 18.96 4.00
CA GLN C 199 17.98 17.92 4.79
C GLN C 199 18.80 16.67 5.08
N MET C 200 19.46 16.10 4.07
CA MET C 200 20.20 14.86 4.27
C MET C 200 21.71 15.06 4.50
N TYR C 201 22.45 15.64 3.49
CA TYR C 201 23.92 15.82 3.38
C TYR C 201 24.61 16.47 4.58
N ILE C 202 24.40 17.78 4.83
CA ILE C 202 25.01 18.50 5.96
C ILE C 202 24.59 17.90 7.33
N PRO C 203 23.29 17.63 7.65
CA PRO C 203 22.96 17.08 8.98
C PRO C 203 23.51 15.69 9.32
N SER C 204 23.61 14.77 8.34
CA SER C 204 24.16 13.41 8.50
C SER C 204 25.61 13.55 9.09
N LEU C 205 26.36 14.54 8.57
CA LEU C 205 27.72 14.89 8.96
C LEU C 205 27.77 15.42 10.38
N LEU C 206 27.02 16.52 10.66
CA LEU C 206 26.97 17.22 11.96
C LEU C 206 26.91 16.28 13.17
N ILE C 207 26.39 15.04 12.98
CA ILE C 207 26.34 13.99 14.01
C ILE C 207 27.73 13.41 14.25
N VAL C 208 28.39 12.92 13.18
CA VAL C 208 29.72 12.30 13.28
C VAL C 208 30.86 13.42 13.15
N ILE C 209 30.44 14.72 13.03
CA ILE C 209 31.31 15.91 13.10
C ILE C 209 31.35 16.16 14.61
N LEU C 210 30.17 16.10 15.28
CA LEU C 210 29.98 16.20 16.72
C LEU C 210 30.58 14.99 17.47
N SER C 211 31.08 13.97 16.75
CA SER C 211 31.75 12.84 17.36
C SER C 211 33.20 13.22 17.53
N TRP C 212 33.70 14.15 16.67
CA TRP C 212 35.09 14.64 16.72
C TRP C 212 35.27 15.78 17.71
N ILE C 213 34.18 16.54 18.00
CA ILE C 213 34.16 17.65 18.99
C ILE C 213 34.30 17.14 20.44
N SER C 214 34.67 15.84 20.58
CA SER C 214 34.87 15.10 21.83
C SER C 214 36.22 14.35 21.86
N PHE C 215 37.11 14.67 20.89
CA PHE C 215 38.47 14.15 20.79
C PHE C 215 39.42 15.16 21.47
N TRP C 216 38.86 15.95 22.42
CA TRP C 216 39.57 16.97 23.19
C TRP C 216 39.37 16.82 24.71
N ALA C 222 37.87 13.37 29.13
CA ALA C 222 38.16 11.96 28.85
C ALA C 222 37.03 10.96 29.27
N PRO C 223 36.45 10.97 30.51
CA PRO C 223 35.38 10.00 30.81
C PRO C 223 34.05 10.38 30.14
N ALA C 224 33.93 11.68 29.79
CA ALA C 224 32.79 12.29 29.11
C ALA C 224 32.79 11.87 27.65
N ARG C 225 33.98 11.52 27.10
CA ARG C 225 34.14 11.05 25.73
C ARG C 225 33.44 9.70 25.47
N VAL C 226 33.22 8.90 26.55
CA VAL C 226 32.51 7.62 26.50
C VAL C 226 31.02 7.87 26.24
N GLY C 227 30.44 8.78 27.02
CA GLY C 227 29.05 9.17 26.91
C GLY C 227 28.73 9.95 25.64
N LEU C 228 29.70 10.76 25.15
CA LEU C 228 29.54 11.60 23.94
C LEU C 228 29.80 10.85 22.63
N GLY C 229 30.89 10.10 22.55
CA GLY C 229 31.29 9.34 21.37
C GLY C 229 30.35 8.21 20.93
N ILE C 230 29.68 7.52 21.90
CA ILE C 230 28.79 6.36 21.67
C ILE C 230 27.32 6.74 21.35
N THR C 231 26.80 7.84 21.90
CA THR C 231 25.43 8.20 21.52
C THR C 231 25.43 8.68 20.06
N THR C 232 26.63 9.09 19.52
CA THR C 232 26.85 9.52 18.13
C THR C 232 26.49 8.41 17.11
N VAL C 233 26.72 7.14 17.51
CA VAL C 233 26.37 5.96 16.73
C VAL C 233 24.87 5.80 16.86
N LEU C 234 24.32 6.09 18.07
CA LEU C 234 22.89 6.00 18.34
C LEU C 234 22.10 7.02 17.55
N THR C 235 22.64 8.21 17.35
CA THR C 235 21.99 9.29 16.59
C THR C 235 22.18 9.12 15.09
N MET C 236 23.35 8.62 14.65
CA MET C 236 23.63 8.42 13.23
C MET C 236 22.68 7.39 12.66
N THR C 237 22.46 6.28 13.41
CA THR C 237 21.55 5.20 13.05
C THR C 237 20.06 5.65 13.20
N THR C 238 19.80 6.86 13.76
CA THR C 238 18.48 7.50 13.89
C THR C 238 18.30 8.54 12.79
N GLN C 239 19.41 9.17 12.32
CA GLN C 239 19.40 10.10 11.19
C GLN C 239 19.15 9.24 9.95
N SER C 240 19.73 8.01 9.95
CA SER C 240 19.56 7.05 8.88
C SER C 240 18.13 6.51 8.82
N SER C 241 17.58 5.95 9.92
CA SER C 241 16.19 5.49 9.96
C SER C 241 15.25 6.67 9.75
N GLY C 242 15.65 7.82 10.28
CA GLY C 242 14.89 9.07 10.20
C GLY C 242 14.79 9.67 8.82
N SER C 243 15.63 9.21 7.87
CA SER C 243 15.63 9.68 6.47
C SER C 243 15.97 8.54 5.51
N ARG C 244 15.61 7.29 5.88
CA ARG C 244 15.90 6.10 5.05
C ARG C 244 15.11 6.12 3.74
N ALA C 245 13.93 6.80 3.71
CA ALA C 245 13.08 6.96 2.52
C ALA C 245 13.83 7.69 1.37
N SER C 246 15.01 8.31 1.69
CA SER C 246 15.88 9.03 0.77
C SER C 246 17.28 8.39 0.59
N LEU C 247 17.53 7.22 1.23
CA LEU C 247 18.79 6.46 1.13
C LEU C 247 18.56 5.11 0.43
N PRO C 248 19.30 4.81 -0.66
CA PRO C 248 19.03 3.56 -1.42
C PRO C 248 19.89 2.33 -1.08
N LYS C 249 19.24 1.16 -0.92
CA LYS C 249 19.95 -0.09 -0.66
C LYS C 249 19.90 -0.91 -1.94
N VAL C 250 21.02 -0.89 -2.66
CA VAL C 250 21.19 -1.54 -3.97
C VAL C 250 21.81 -2.92 -3.87
N SER C 251 21.79 -3.71 -4.95
CA SER C 251 22.46 -5.01 -4.99
C SER C 251 23.95 -4.79 -5.23
N TYR C 252 24.31 -3.58 -5.74
CA TYR C 252 25.67 -3.09 -5.99
C TYR C 252 26.05 -2.03 -4.92
N VAL C 253 27.16 -1.26 -5.13
CA VAL C 253 27.58 -0.19 -4.21
C VAL C 253 27.54 1.16 -4.90
N LYS C 254 27.25 2.26 -4.14
CA LYS C 254 27.21 3.65 -4.64
C LYS C 254 28.26 4.61 -3.96
N ALA C 255 28.32 5.92 -4.42
CA ALA C 255 29.18 7.00 -3.86
C ALA C 255 28.55 7.54 -2.57
N ILE C 256 27.35 6.99 -2.24
CA ILE C 256 26.46 7.23 -1.08
C ILE C 256 26.40 5.99 -0.15
N ASP C 257 26.22 4.78 -0.75
CA ASP C 257 26.20 3.49 -0.04
C ASP C 257 27.58 3.24 0.65
N ILE C 258 28.64 3.92 0.15
CA ILE C 258 30.00 3.94 0.65
C ILE C 258 30.16 5.14 1.55
N TRP C 259 29.62 6.33 1.17
CA TRP C 259 29.69 7.55 1.98
C TRP C 259 29.09 7.32 3.36
N MET C 260 28.08 6.40 3.46
CA MET C 260 27.40 5.96 4.69
C MET C 260 28.10 4.76 5.36
N ALA C 261 28.97 4.05 4.61
CA ALA C 261 29.75 2.90 5.08
C ALA C 261 31.10 3.35 5.62
N VAL C 262 31.58 4.58 5.21
CA VAL C 262 32.82 5.20 5.69
C VAL C 262 32.52 5.77 7.07
N CYS C 263 31.28 6.18 7.28
CA CYS C 263 30.78 6.71 8.54
C CYS C 263 30.68 5.64 9.59
N LEU C 264 30.44 4.39 9.18
CA LEU C 264 30.38 3.26 10.09
C LEU C 264 31.81 2.93 10.62
N LEU C 265 32.84 3.08 9.76
CA LEU C 265 34.26 2.87 10.12
C LEU C 265 34.77 4.06 10.94
N PHE C 266 34.38 5.30 10.57
CA PHE C 266 34.75 6.57 11.21
C PHE C 266 34.12 6.79 12.59
N VAL C 267 32.99 6.13 12.86
CA VAL C 267 32.24 6.16 14.12
C VAL C 267 32.84 5.07 15.08
N PHE C 268 33.51 4.06 14.47
CA PHE C 268 34.16 2.94 15.15
C PHE C 268 35.61 3.28 15.50
N SER C 269 36.40 3.72 14.49
CA SER C 269 37.81 4.13 14.61
C SER C 269 37.92 5.31 15.57
N ALA C 270 36.82 6.06 15.68
CA ALA C 270 36.65 7.17 16.60
C ALA C 270 36.64 6.57 18.01
N LEU C 271 35.82 5.51 18.25
CA LEU C 271 35.63 4.85 19.54
C LEU C 271 36.61 3.69 19.78
N LEU C 272 37.62 3.59 18.91
CA LEU C 272 38.73 2.65 19.03
C LEU C 272 39.85 3.49 19.64
N GLU C 273 39.98 4.75 19.16
CA GLU C 273 40.93 5.75 19.65
C GLU C 273 40.61 6.10 21.11
N TYR C 274 39.30 6.25 21.46
CA TYR C 274 38.85 6.55 22.82
C TYR C 274 38.83 5.30 23.70
N ALA C 275 38.87 4.11 23.07
CA ALA C 275 38.95 2.83 23.76
C ALA C 275 40.42 2.48 23.99
N ALA C 276 41.33 3.33 23.49
CA ALA C 276 42.78 3.16 23.64
C ALA C 276 43.40 4.28 24.45
N VAL C 277 42.95 5.53 24.25
CA VAL C 277 43.47 6.71 24.97
C VAL C 277 42.97 6.80 26.41
N ASN C 278 41.70 6.44 26.67
CA ASN C 278 41.10 6.46 28.02
C ASN C 278 41.42 5.18 28.83
N PHE C 279 42.19 4.25 28.22
CA PHE C 279 42.64 2.98 28.81
C PHE C 279 44.17 2.96 28.98
N VAL C 280 44.92 3.76 28.19
CA VAL C 280 46.38 3.88 28.27
C VAL C 280 46.77 4.79 29.42
N SER C 281 46.03 5.91 29.61
CA SER C 281 46.25 6.87 30.70
C SER C 281 45.88 6.28 32.07
N ARG C 282 44.94 5.31 32.08
CA ARG C 282 44.48 4.62 33.29
C ARG C 282 45.40 3.45 33.68
N GLN C 283 46.07 2.83 32.68
CA GLN C 283 46.99 1.70 32.88
C GLN C 283 48.45 2.16 33.07
N SER C 284 48.63 3.25 33.85
CA SER C 284 49.90 3.87 34.23
C SER C 284 50.86 4.17 33.04
N GLN C 285 50.46 5.12 32.17
CA GLN C 285 51.25 5.62 31.02
C GLN C 285 50.86 7.06 30.52
N PRO C 286 50.20 7.94 31.36
CA PRO C 286 49.58 9.19 30.84
C PRO C 286 50.46 10.14 30.02
N GLN C 287 51.70 9.75 29.69
CA GLN C 287 52.62 10.54 28.88
C GLN C 287 52.24 10.46 27.39
N ARG C 288 52.17 9.22 26.85
CA ARG C 288 51.84 8.93 25.45
C ARG C 288 50.34 9.11 25.12
N ALA C 289 49.50 9.36 26.15
CA ALA C 289 48.05 9.55 26.04
C ALA C 289 47.72 10.83 25.30
N LYS C 290 48.40 11.95 25.61
CA LYS C 290 48.20 13.25 24.95
C LYS C 290 48.91 13.35 23.59
N LYS C 291 49.68 12.30 23.22
CA LYS C 291 50.41 12.23 21.96
C LYS C 291 49.54 11.76 20.78
N ILE C 292 48.63 10.79 21.03
CA ILE C 292 47.73 10.21 20.03
C ILE C 292 46.30 10.77 20.09
N ASP C 293 45.82 11.18 21.28
CA ASP C 293 44.48 11.75 21.46
C ASP C 293 44.33 13.15 20.87
N LYS C 294 45.45 13.88 20.73
CA LYS C 294 45.49 15.23 20.19
C LYS C 294 45.76 15.21 18.69
N ILE C 295 46.54 14.22 18.20
CA ILE C 295 46.91 14.02 16.79
C ILE C 295 45.73 13.47 15.98
N SER C 296 44.88 12.62 16.60
CA SER C 296 43.67 12.03 16.00
C SER C 296 42.58 13.10 15.85
N ARG C 297 42.64 14.17 16.68
CA ARG C 297 41.70 15.29 16.68
C ARG C 297 41.86 16.23 15.46
N ILE C 298 43.01 16.15 14.76
CA ILE C 298 43.32 16.90 13.54
C ILE C 298 43.57 15.93 12.38
N GLY C 299 43.74 14.66 12.74
CA GLY C 299 43.96 13.55 11.81
C GLY C 299 42.68 13.09 11.15
N PHE C 300 41.59 12.92 11.94
CA PHE C 300 40.27 12.50 11.47
C PHE C 300 39.68 13.42 10.37
N PRO C 301 39.47 14.76 10.59
CA PRO C 301 38.92 15.59 9.49
C PRO C 301 39.71 15.56 8.17
N MET C 302 41.04 15.34 8.23
CA MET C 302 41.89 15.24 7.04
C MET C 302 41.93 13.83 6.45
N ALA C 303 41.77 12.78 7.29
CA ALA C 303 41.70 11.37 6.84
C ALA C 303 40.35 11.19 6.12
N PHE C 304 39.33 11.95 6.55
CA PHE C 304 37.99 11.97 5.99
C PHE C 304 37.99 12.73 4.69
N LEU C 305 38.52 13.98 4.71
CA LEU C 305 38.64 14.85 3.54
C LEU C 305 39.29 14.04 2.40
N ILE C 306 40.43 13.40 2.68
CA ILE C 306 41.19 12.57 1.74
C ILE C 306 40.37 11.38 1.23
N PHE C 307 39.69 10.62 2.13
CA PHE C 307 38.87 9.45 1.82
C PHE C 307 37.68 9.75 0.93
N ASN C 308 36.88 10.79 1.30
CA ASN C 308 35.70 11.23 0.54
C ASN C 308 36.11 11.75 -0.87
N MET C 309 37.31 12.38 -0.98
CA MET C 309 37.88 12.88 -2.25
C MET C 309 38.48 11.73 -3.06
N PHE C 310 38.92 10.66 -2.37
CA PHE C 310 39.44 9.45 -2.99
C PHE C 310 38.27 8.66 -3.57
N TYR C 311 37.15 8.57 -2.81
CA TYR C 311 35.91 7.89 -3.20
C TYR C 311 35.32 8.59 -4.41
N TRP C 312 35.22 9.93 -4.36
CA TRP C 312 34.72 10.82 -5.42
C TRP C 312 35.43 10.61 -6.76
N ILE C 313 36.76 10.41 -6.73
CA ILE C 313 37.58 10.19 -7.91
C ILE C 313 37.12 8.97 -8.70
N ILE C 314 36.76 7.88 -7.99
CA ILE C 314 36.32 6.60 -8.56
C ILE C 314 34.95 6.64 -9.21
N TYR C 315 33.90 6.92 -8.39
CA TYR C 315 32.49 6.91 -8.76
C TYR C 315 32.07 8.10 -9.64
N PHE C 316 32.05 9.35 -9.10
CA PHE C 316 31.66 10.54 -9.87
C PHE C 316 32.88 11.20 -10.54
N VAL D 4 -21.62 7.19 -36.51
CA VAL D 4 -21.99 8.60 -36.32
C VAL D 4 -20.88 9.55 -36.72
N SER D 5 -21.26 10.75 -37.19
CA SER D 5 -20.29 11.75 -37.61
C SER D 5 -20.60 13.08 -36.94
N PRO D 6 -19.65 14.04 -36.83
CA PRO D 6 -19.96 15.30 -36.12
C PRO D 6 -21.02 16.16 -36.79
N PRO D 7 -21.67 17.09 -36.06
CA PRO D 7 -22.69 17.94 -36.69
C PRO D 7 -22.07 18.83 -37.76
N PRO D 8 -22.70 18.97 -38.95
CA PRO D 8 -22.08 19.82 -40.00
C PRO D 8 -22.24 21.31 -39.70
N PRO D 9 -21.22 22.13 -40.04
CA PRO D 9 -21.33 23.57 -39.75
C PRO D 9 -22.25 24.29 -40.72
N ILE D 10 -23.07 25.24 -40.21
CA ILE D 10 -23.98 26.02 -41.06
C ILE D 10 -23.21 26.93 -42.00
N ALA D 11 -22.12 27.53 -41.49
CA ALA D 11 -21.22 28.40 -42.27
C ALA D 11 -19.84 27.75 -42.33
N ASP D 12 -18.98 28.02 -41.33
CA ASP D 12 -17.67 27.41 -41.22
C ASP D 12 -17.35 27.20 -39.74
N GLU D 13 -17.99 28.01 -38.85
CA GLU D 13 -17.78 28.11 -37.40
C GLU D 13 -17.42 26.82 -36.64
N PRO D 14 -16.47 26.86 -35.69
CA PRO D 14 -16.13 25.61 -34.98
C PRO D 14 -17.29 25.19 -34.09
N LEU D 15 -17.39 23.90 -33.74
CA LEU D 15 -18.46 23.46 -32.86
C LEU D 15 -18.09 23.78 -31.42
N THR D 16 -18.92 24.57 -30.76
CA THR D 16 -18.68 24.95 -29.38
C THR D 16 -19.38 23.94 -28.48
N VAL D 17 -18.57 23.29 -27.61
CA VAL D 17 -19.02 22.33 -26.61
C VAL D 17 -18.91 23.02 -25.26
N ASN D 18 -20.05 23.38 -24.71
CA ASN D 18 -20.14 24.06 -23.41
C ASN D 18 -19.94 23.03 -22.32
N THR D 19 -19.03 23.31 -21.39
CA THR D 19 -18.68 22.40 -20.31
C THR D 19 -18.99 22.92 -18.93
N GLY D 20 -19.04 21.99 -17.99
CA GLY D 20 -19.27 22.25 -16.59
C GLY D 20 -18.89 21.07 -15.72
N ILE D 21 -18.26 21.36 -14.58
CA ILE D 21 -17.87 20.35 -13.61
C ILE D 21 -18.49 20.72 -12.27
N TYR D 22 -19.28 19.81 -11.68
CA TYR D 22 -19.87 20.04 -10.38
C TYR D 22 -19.29 19.03 -9.42
N LEU D 23 -18.44 19.48 -8.46
CA LEU D 23 -17.79 18.60 -7.49
C LEU D 23 -18.74 18.00 -6.52
N ILE D 24 -18.82 16.67 -6.42
CA ILE D 24 -19.66 15.92 -5.50
C ILE D 24 -18.81 15.49 -4.31
N GLU D 25 -17.59 15.00 -4.59
CA GLU D 25 -16.65 14.56 -3.56
C GLU D 25 -15.21 14.91 -3.92
N CYS D 26 -14.43 15.28 -2.91
CA CYS D 26 -13.00 15.52 -3.04
C CYS D 26 -12.36 14.81 -1.93
N TYR D 27 -11.40 14.00 -2.25
CA TYR D 27 -10.75 13.15 -1.27
C TYR D 27 -9.36 12.72 -1.67
N SER D 28 -8.64 12.13 -0.71
CA SER D 28 -7.31 11.58 -0.85
C SER D 28 -6.31 12.58 -1.46
N LEU D 29 -6.17 13.78 -0.82
CA LEU D 29 -5.15 14.70 -1.30
C LEU D 29 -3.83 14.09 -0.77
N ASP D 30 -3.11 13.42 -1.66
CA ASP D 30 -1.85 12.74 -1.38
C ASP D 30 -0.74 13.73 -1.65
N ASP D 31 -0.15 14.27 -0.58
CA ASP D 31 0.91 15.26 -0.68
C ASP D 31 2.15 14.69 -1.35
N LYS D 32 2.54 13.44 -0.99
CA LYS D 32 3.71 12.77 -1.55
C LYS D 32 3.55 12.46 -3.04
N ALA D 33 2.40 11.88 -3.46
CA ALA D 33 2.12 11.52 -4.86
C ALA D 33 1.67 12.72 -5.72
N GLU D 34 1.30 13.83 -5.08
CA GLU D 34 0.81 15.06 -5.70
C GLU D 34 -0.42 14.79 -6.56
N THR D 35 -1.34 13.98 -5.98
CA THR D 35 -2.63 13.58 -6.53
C THR D 35 -3.76 13.85 -5.54
N PHE D 36 -4.96 13.87 -6.08
CA PHE D 36 -6.19 14.01 -5.33
C PHE D 36 -7.23 13.31 -6.17
N LYS D 37 -8.19 12.72 -5.49
CA LYS D 37 -9.24 12.02 -6.19
C LYS D 37 -10.47 12.93 -6.22
N VAL D 38 -11.23 12.84 -7.30
CA VAL D 38 -12.41 13.66 -7.47
C VAL D 38 -13.60 12.81 -7.94
N ASN D 39 -14.81 13.16 -7.52
CA ASN D 39 -16.03 12.52 -7.93
C ASN D 39 -16.94 13.67 -8.26
N ALA D 40 -17.31 13.82 -9.52
CA ALA D 40 -18.09 14.98 -9.96
C ALA D 40 -19.02 14.71 -11.10
N PHE D 41 -19.80 15.70 -11.45
CA PHE D 41 -20.70 15.65 -12.58
C PHE D 41 -19.95 16.34 -13.67
N LEU D 42 -20.08 15.88 -14.89
CA LEU D 42 -19.50 16.56 -16.03
C LEU D 42 -20.68 16.80 -16.99
N SER D 43 -20.94 18.07 -17.31
CA SER D 43 -22.01 18.42 -18.19
C SER D 43 -21.46 18.96 -19.48
N LEU D 44 -22.05 18.52 -20.60
CA LEU D 44 -21.64 18.93 -21.96
C LEU D 44 -22.85 19.38 -22.77
N SER D 45 -22.71 20.45 -23.57
CA SER D 45 -23.79 20.96 -24.43
C SER D 45 -23.25 21.37 -25.77
N TRP D 46 -23.93 20.96 -26.85
CA TRP D 46 -23.55 21.30 -28.22
C TRP D 46 -24.76 21.23 -29.12
N LYS D 47 -24.75 21.99 -30.22
CA LYS D 47 -25.89 21.99 -31.14
C LYS D 47 -25.68 21.01 -32.30
N ASP D 48 -26.65 20.10 -32.47
CA ASP D 48 -26.67 19.11 -33.54
C ASP D 48 -28.02 19.23 -34.21
N ARG D 49 -28.05 19.96 -35.32
CA ARG D 49 -29.25 20.23 -36.11
C ARG D 49 -29.94 19.00 -36.64
N ARG D 50 -29.18 17.94 -36.91
CA ARG D 50 -29.70 16.68 -37.43
C ARG D 50 -30.66 16.02 -36.44
N LEU D 51 -30.56 16.39 -35.16
CA LEU D 51 -31.42 15.85 -34.10
C LEU D 51 -32.65 16.72 -33.83
N ALA D 52 -32.74 17.92 -34.47
CA ALA D 52 -33.84 18.89 -34.28
C ALA D 52 -35.21 18.32 -34.60
N PHE D 53 -36.26 18.82 -33.94
CA PHE D 53 -37.62 18.36 -34.15
C PHE D 53 -38.63 19.46 -33.89
N ASP D 54 -39.87 19.30 -34.36
CA ASP D 54 -40.96 20.24 -34.11
C ASP D 54 -41.72 19.74 -32.88
N PRO D 55 -41.94 20.55 -31.82
CA PRO D 55 -42.60 20.01 -30.61
C PRO D 55 -44.07 19.70 -30.81
N VAL D 56 -44.77 20.46 -31.65
CA VAL D 56 -46.19 20.28 -31.93
C VAL D 56 -46.43 18.92 -32.61
N ARG D 57 -45.75 18.67 -33.75
CA ARG D 57 -45.86 17.45 -34.54
C ARG D 57 -45.43 16.19 -33.77
N SER D 58 -44.40 16.30 -32.92
CA SER D 58 -43.86 15.17 -32.14
C SER D 58 -44.62 14.91 -30.84
N GLY D 59 -45.21 15.97 -30.28
CA GLY D 59 -45.93 15.90 -29.02
C GLY D 59 -45.04 15.93 -27.80
N VAL D 60 -43.71 15.91 -28.01
CA VAL D 60 -42.70 15.95 -26.95
C VAL D 60 -41.89 17.24 -26.99
N ARG D 61 -41.56 17.78 -25.80
CA ARG D 61 -40.77 19.02 -25.68
C ARG D 61 -39.27 18.75 -25.51
N VAL D 62 -38.91 17.48 -25.24
CA VAL D 62 -37.54 16.95 -25.07
C VAL D 62 -37.43 15.52 -25.59
N LYS D 63 -36.26 15.16 -26.10
CA LYS D 63 -36.03 13.79 -26.56
C LYS D 63 -34.80 13.20 -25.87
N THR D 64 -34.97 12.04 -25.22
CA THR D 64 -33.89 11.38 -24.51
C THR D 64 -33.26 10.30 -25.38
N TYR D 65 -31.93 10.33 -25.53
CA TYR D 65 -31.20 9.36 -26.35
C TYR D 65 -30.18 8.55 -25.55
N GLU D 66 -29.75 7.39 -26.11
CA GLU D 66 -28.72 6.51 -25.56
C GLU D 66 -27.40 7.00 -26.15
N PRO D 67 -26.27 6.99 -25.40
CA PRO D 67 -25.01 7.54 -25.94
C PRO D 67 -24.57 7.05 -27.32
N GLU D 68 -24.84 5.77 -27.63
CA GLU D 68 -24.52 5.14 -28.90
C GLU D 68 -25.38 5.65 -30.04
N ALA D 69 -26.63 6.04 -29.75
CA ALA D 69 -27.59 6.54 -30.74
C ALA D 69 -27.21 7.85 -31.43
N ILE D 70 -26.49 8.73 -30.73
CA ILE D 70 -26.13 10.04 -31.28
C ILE D 70 -24.62 10.30 -31.25
N TRP D 71 -24.18 11.39 -31.89
CA TRP D 71 -22.78 11.82 -31.87
C TRP D 71 -22.51 12.55 -30.56
N ILE D 72 -21.43 12.19 -29.87
CA ILE D 72 -21.01 12.82 -28.62
C ILE D 72 -19.51 13.17 -28.72
N PRO D 73 -19.10 14.40 -28.32
CA PRO D 73 -17.68 14.77 -28.41
C PRO D 73 -16.81 13.97 -27.43
N GLU D 74 -15.64 13.48 -27.89
CA GLU D 74 -14.69 12.73 -27.05
C GLU D 74 -13.94 13.79 -26.20
N ILE D 75 -14.45 14.03 -24.98
CA ILE D 75 -13.84 14.94 -24.01
C ILE D 75 -12.92 14.11 -23.13
N ARG D 76 -11.65 14.55 -22.95
CA ARG D 76 -10.68 13.86 -22.11
C ARG D 76 -10.05 14.80 -21.08
N PHE D 77 -9.51 14.25 -20.01
CA PHE D 77 -8.86 15.09 -19.00
C PHE D 77 -7.39 14.97 -19.28
N VAL D 78 -6.65 16.09 -19.18
CA VAL D 78 -5.20 16.08 -19.46
C VAL D 78 -4.45 15.42 -18.29
N ASN D 79 -4.57 16.03 -17.09
CA ASN D 79 -3.83 15.65 -15.91
C ASN D 79 -4.48 14.57 -15.05
N VAL D 80 -4.85 13.45 -15.66
CA VAL D 80 -5.39 12.29 -14.95
C VAL D 80 -4.45 11.11 -15.11
N GLU D 81 -4.36 10.27 -14.07
CA GLU D 81 -3.47 9.11 -14.12
C GLU D 81 -3.95 8.15 -15.20
N ASN D 82 -5.20 7.65 -15.04
CA ASN D 82 -5.89 6.82 -16.02
C ASN D 82 -7.15 7.56 -16.40
N ALA D 83 -7.84 7.10 -17.46
CA ALA D 83 -9.08 7.69 -17.92
C ALA D 83 -10.14 7.58 -16.83
N ARG D 84 -10.97 8.66 -16.71
CA ARG D 84 -12.06 8.76 -15.71
C ARG D 84 -13.04 7.58 -15.82
N ASP D 85 -13.59 7.17 -14.68
CA ASP D 85 -14.60 6.13 -14.63
C ASP D 85 -15.90 6.94 -14.81
N ALA D 86 -16.56 6.78 -15.96
CA ALA D 86 -17.76 7.61 -16.20
C ALA D 86 -19.03 6.78 -16.43
N ASP D 87 -20.14 7.30 -15.91
CA ASP D 87 -21.47 6.71 -15.97
C ASP D 87 -22.39 7.82 -16.47
N VAL D 88 -23.00 7.61 -17.66
CA VAL D 88 -23.87 8.64 -18.26
C VAL D 88 -25.13 8.68 -17.42
N VAL D 89 -25.51 9.88 -16.96
CA VAL D 89 -26.71 10.08 -16.15
C VAL D 89 -27.87 10.40 -17.07
N ASP D 90 -27.68 11.35 -18.00
CA ASP D 90 -28.73 11.79 -18.91
C ASP D 90 -28.23 12.45 -20.18
N ILE D 91 -28.99 12.25 -21.28
CA ILE D 91 -28.78 12.89 -22.58
C ILE D 91 -30.14 13.43 -23.00
N SER D 92 -30.28 14.76 -23.06
CA SER D 92 -31.53 15.42 -23.42
C SER D 92 -31.37 16.31 -24.62
N VAL D 93 -32.30 16.21 -25.59
CA VAL D 93 -32.30 17.02 -26.80
C VAL D 93 -33.51 17.91 -26.84
N SER D 94 -33.25 19.22 -27.02
CA SER D 94 -34.29 20.25 -27.10
C SER D 94 -34.75 20.42 -28.59
N PRO D 95 -35.93 21.01 -28.90
CA PRO D 95 -36.35 21.13 -30.31
C PRO D 95 -35.32 21.66 -31.30
N ASP D 96 -34.45 22.63 -30.92
CA ASP D 96 -33.44 23.17 -31.85
C ASP D 96 -32.25 22.25 -32.04
N GLY D 97 -32.29 21.11 -31.38
CA GLY D 97 -31.25 20.11 -31.46
C GLY D 97 -30.10 20.36 -30.51
N THR D 98 -30.31 21.20 -29.50
CA THR D 98 -29.29 21.46 -28.51
C THR D 98 -29.24 20.23 -27.63
N VAL D 99 -28.09 19.58 -27.57
CA VAL D 99 -27.90 18.39 -26.77
C VAL D 99 -27.37 18.81 -25.41
N GLN D 100 -27.90 18.17 -24.37
CA GLN D 100 -27.48 18.38 -22.99
C GLN D 100 -27.11 17.03 -22.44
N TYR D 101 -25.81 16.85 -22.22
CA TYR D 101 -25.18 15.64 -21.75
C TYR D 101 -24.75 15.79 -20.30
N LEU D 102 -24.98 14.74 -19.50
CA LEU D 102 -24.57 14.72 -18.10
C LEU D 102 -24.09 13.37 -17.70
N GLU D 103 -22.90 13.31 -17.13
CA GLU D 103 -22.29 12.07 -16.63
C GLU D 103 -21.73 12.32 -15.25
N ARG D 104 -21.70 11.29 -14.43
CA ARG D 104 -21.04 11.37 -13.13
C ARG D 104 -19.73 10.56 -13.29
N PHE D 105 -18.61 11.20 -13.01
CA PHE D 105 -17.32 10.54 -13.15
C PHE D 105 -16.52 10.63 -11.88
N SER D 106 -15.50 9.76 -11.78
CA SER D 106 -14.53 9.74 -10.69
C SER D 106 -13.19 9.70 -11.38
N ALA D 107 -12.18 10.43 -10.87
CA ALA D 107 -10.85 10.47 -11.50
C ALA D 107 -9.73 10.79 -10.50
N ARG D 108 -8.50 10.24 -10.74
CA ARG D 108 -7.32 10.52 -9.92
C ARG D 108 -6.57 11.61 -10.67
N VAL D 109 -6.49 12.79 -10.09
CA VAL D 109 -5.89 13.94 -10.76
C VAL D 109 -4.46 14.21 -10.30
N LEU D 110 -3.55 14.44 -11.29
CA LEU D 110 -2.16 14.84 -11.10
C LEU D 110 -2.18 16.38 -11.02
N SER D 111 -1.82 16.91 -9.86
CA SER D 111 -1.74 18.36 -9.72
C SER D 111 -0.59 18.70 -8.77
N PRO D 112 0.47 19.36 -9.33
CA PRO D 112 1.62 19.73 -8.49
C PRO D 112 1.22 20.64 -7.31
N LEU D 113 1.92 20.45 -6.18
CA LEU D 113 1.72 21.24 -4.96
C LEU D 113 3.00 21.99 -4.59
N ASP D 114 2.85 23.27 -4.21
CA ASP D 114 3.97 24.13 -3.81
C ASP D 114 4.04 24.12 -2.28
N PHE D 115 5.04 23.41 -1.74
CA PHE D 115 5.22 23.26 -0.30
C PHE D 115 6.11 24.33 0.36
N ARG D 116 6.59 25.32 -0.42
CA ARG D 116 7.46 26.40 0.08
C ARG D 116 6.97 27.06 1.37
N ARG D 117 5.66 27.26 1.50
CA ARG D 117 5.06 27.93 2.66
C ARG D 117 4.40 26.98 3.68
N PHE D 118 4.62 25.67 3.57
CA PHE D 118 4.04 24.65 4.46
C PHE D 118 4.38 24.92 5.93
N PRO D 119 3.42 24.81 6.89
CA PRO D 119 2.01 24.42 6.74
C PRO D 119 1.04 25.58 6.56
N MET D 120 1.55 26.74 6.16
CA MET D 120 0.74 27.94 5.96
C MET D 120 0.58 28.22 4.47
N ASP D 121 0.43 27.14 3.69
CA ASP D 121 0.32 27.19 2.24
C ASP D 121 -1.09 27.13 1.72
N SER D 122 -1.26 27.63 0.50
CA SER D 122 -2.49 27.61 -0.27
C SER D 122 -2.17 26.99 -1.61
N GLN D 123 -3.11 26.23 -2.17
CA GLN D 123 -2.90 25.55 -3.45
C GLN D 123 -4.04 25.80 -4.43
N THR D 124 -3.72 25.69 -5.71
CA THR D 124 -4.67 25.77 -6.80
C THR D 124 -4.50 24.41 -7.51
N LEU D 125 -5.44 23.51 -7.26
CA LEU D 125 -5.46 22.18 -7.89
C LEU D 125 -6.13 22.38 -9.25
N HIS D 126 -5.62 21.74 -10.29
CA HIS D 126 -6.16 21.94 -11.61
C HIS D 126 -6.80 20.70 -12.15
N ILE D 127 -7.83 20.87 -12.96
CA ILE D 127 -8.48 19.77 -13.67
C ILE D 127 -8.55 20.30 -15.10
N TYR D 128 -7.72 19.77 -16.02
CA TYR D 128 -7.75 20.29 -17.38
C TYR D 128 -8.61 19.47 -18.31
N LEU D 129 -9.62 20.10 -18.90
CA LEU D 129 -10.50 19.45 -19.84
C LEU D 129 -9.96 19.67 -21.23
N ILE D 130 -10.00 18.66 -22.11
CA ILE D 130 -9.45 18.79 -23.47
C ILE D 130 -10.30 18.05 -24.52
N VAL D 131 -10.32 18.58 -25.75
CA VAL D 131 -11.04 17.96 -26.85
C VAL D 131 -10.16 18.05 -28.07
N ARG D 132 -10.12 16.99 -28.90
CA ARG D 132 -9.36 17.05 -30.14
C ARG D 132 -10.33 17.24 -31.28
N SER D 133 -9.98 18.11 -32.23
CA SER D 133 -10.82 18.40 -33.37
C SER D 133 -10.79 17.26 -34.33
N VAL D 134 -11.84 17.09 -35.12
CA VAL D 134 -11.93 16.03 -36.15
C VAL D 134 -11.68 16.61 -37.54
N ASP D 135 -11.48 15.76 -38.57
CA ASP D 135 -11.25 16.29 -39.90
C ASP D 135 -12.44 17.04 -40.48
N THR D 136 -13.66 16.55 -40.14
CA THR D 136 -14.92 17.13 -40.57
C THR D 136 -15.05 18.53 -40.02
N ARG D 137 -14.81 18.76 -38.70
CA ARG D 137 -14.80 20.12 -38.14
C ARG D 137 -14.06 20.28 -36.80
N ASN D 138 -13.69 21.54 -36.50
CA ASN D 138 -12.96 21.95 -35.32
C ASN D 138 -13.89 22.06 -34.15
N ILE D 139 -13.50 21.47 -33.01
CA ILE D 139 -14.30 21.45 -31.78
C ILE D 139 -13.57 22.26 -30.73
N VAL D 140 -14.25 23.30 -30.22
CA VAL D 140 -13.76 24.24 -29.23
C VAL D 140 -14.58 24.08 -27.96
N LEU D 141 -13.93 24.23 -26.79
CA LEU D 141 -14.57 24.14 -25.47
C LEU D 141 -14.93 25.50 -24.88
N ALA D 142 -16.04 25.57 -24.15
CA ALA D 142 -16.48 26.79 -23.50
C ALA D 142 -16.93 26.44 -22.10
N VAL D 143 -17.01 27.44 -21.20
CA VAL D 143 -17.45 27.22 -19.82
C VAL D 143 -18.86 27.71 -19.63
N ASP D 144 -19.75 26.85 -19.15
CA ASP D 144 -21.11 27.25 -18.82
C ASP D 144 -21.06 27.46 -17.32
N LEU D 145 -20.91 28.72 -16.88
CA LEU D 145 -20.72 29.08 -15.48
C LEU D 145 -21.87 28.62 -14.59
N GLU D 146 -23.06 28.41 -15.21
CA GLU D 146 -24.28 27.94 -14.53
C GLU D 146 -24.14 26.48 -14.10
N LYS D 147 -23.22 25.73 -14.76
CA LYS D 147 -23.00 24.33 -14.50
C LYS D 147 -21.64 24.01 -13.88
N VAL D 148 -21.01 25.01 -13.25
CA VAL D 148 -19.73 24.88 -12.54
C VAL D 148 -20.05 25.13 -11.09
N GLY D 149 -19.57 24.26 -10.21
CA GLY D 149 -19.83 24.44 -8.79
C GLY D 149 -19.37 23.30 -7.94
N LYS D 150 -19.86 23.25 -6.71
CA LYS D 150 -19.52 22.21 -5.76
C LYS D 150 -20.57 22.02 -4.72
N ASN D 151 -20.75 20.79 -4.25
CA ASN D 151 -21.68 20.44 -3.21
C ASN D 151 -21.16 21.08 -1.91
N ASP D 152 -22.09 21.50 -1.06
CA ASP D 152 -21.79 22.17 0.22
C ASP D 152 -20.99 21.24 1.15
N ASP D 153 -21.28 19.94 1.10
CA ASP D 153 -20.67 18.88 1.88
C ASP D 153 -19.28 18.50 1.41
N VAL D 154 -18.78 19.05 0.26
CA VAL D 154 -17.45 18.72 -0.27
C VAL D 154 -16.41 19.07 0.75
N PHE D 155 -15.75 18.03 1.28
CA PHE D 155 -14.77 18.23 2.32
C PHE D 155 -13.46 17.62 1.95
N LEU D 156 -12.40 18.36 2.20
CA LEU D 156 -11.06 17.87 1.98
C LEU D 156 -10.37 18.00 3.34
N THR D 157 -10.28 16.88 4.10
CA THR D 157 -9.72 16.79 5.46
C THR D 157 -8.39 17.52 5.53
N GLY D 158 -8.27 18.43 6.48
CA GLY D 158 -7.05 19.21 6.68
C GLY D 158 -6.92 20.43 5.80
N TRP D 159 -7.94 20.70 5.00
CA TRP D 159 -7.94 21.84 4.10
C TRP D 159 -9.27 22.59 4.14
N ASP D 160 -9.21 23.89 3.83
CA ASP D 160 -10.37 24.76 3.72
C ASP D 160 -10.57 24.96 2.23
N ILE D 161 -11.79 24.72 1.73
CA ILE D 161 -12.01 24.88 0.28
C ILE D 161 -12.42 26.30 0.01
N GLU D 162 -11.63 27.02 -0.82
CA GLU D 162 -11.91 28.41 -1.13
C GLU D 162 -12.86 28.58 -2.29
N SER D 163 -12.44 28.17 -3.47
CA SER D 163 -13.24 28.37 -4.68
C SER D 163 -12.99 27.31 -5.72
N PHE D 164 -14.00 27.07 -6.56
CA PHE D 164 -13.91 26.18 -7.69
C PHE D 164 -14.42 26.96 -8.89
N THR D 165 -13.49 27.45 -9.69
CA THR D 165 -13.77 28.29 -10.85
C THR D 165 -13.14 27.73 -12.09
N ALA D 166 -13.49 28.28 -13.25
CA ALA D 166 -12.87 27.82 -14.49
C ALA D 166 -12.36 29.02 -15.25
N VAL D 167 -11.20 28.90 -15.88
CA VAL D 167 -10.62 29.95 -16.71
C VAL D 167 -11.45 29.84 -17.99
N VAL D 168 -12.38 30.81 -18.19
CA VAL D 168 -13.40 30.85 -19.26
C VAL D 168 -12.87 30.79 -20.69
N LYS D 169 -11.63 31.25 -20.90
CA LYS D 169 -10.97 31.24 -22.20
C LYS D 169 -10.18 29.94 -22.39
N PRO D 170 -10.54 29.10 -23.40
CA PRO D 170 -9.78 27.86 -23.59
C PRO D 170 -8.43 28.16 -24.25
N ALA D 171 -7.48 27.25 -24.07
CA ALA D 171 -6.18 27.35 -24.68
C ALA D 171 -6.26 26.49 -25.92
N ASN D 172 -6.43 27.12 -27.09
CA ASN D 172 -6.52 26.41 -28.36
C ASN D 172 -5.14 26.33 -28.97
N PHE D 173 -4.74 25.13 -29.40
CA PHE D 173 -3.42 24.88 -29.95
C PHE D 173 -3.39 23.65 -30.85
N ALA D 174 -2.36 23.52 -31.68
CA ALA D 174 -2.24 22.39 -32.57
C ALA D 174 -1.37 21.34 -31.95
N LEU D 175 -1.78 20.08 -32.10
CA LEU D 175 -1.08 18.91 -31.56
C LEU D 175 -1.27 17.72 -32.49
N GLU D 176 -0.17 17.22 -33.06
CA GLU D 176 -0.13 16.12 -34.01
C GLU D 176 -1.07 16.32 -35.21
N ASP D 177 -0.94 17.48 -35.87
CA ASP D 177 -1.68 17.88 -37.07
C ASP D 177 -3.22 18.03 -36.87
N ARG D 178 -3.67 18.37 -35.65
CA ARG D 178 -5.08 18.67 -35.34
C ARG D 178 -5.13 19.65 -34.22
N LEU D 179 -6.19 20.43 -34.18
CA LEU D 179 -6.47 21.44 -33.16
C LEU D 179 -6.97 20.79 -31.87
N GLU D 180 -6.50 21.32 -30.74
CA GLU D 180 -6.89 20.88 -29.42
C GLU D 180 -7.36 22.05 -28.56
N SER D 181 -8.55 21.93 -27.92
CA SER D 181 -9.11 22.98 -27.09
C SER D 181 -9.05 22.59 -25.61
N LYS D 182 -8.28 23.33 -24.79
CA LYS D 182 -8.07 23.01 -23.37
C LYS D 182 -8.63 24.01 -22.39
N LEU D 183 -9.45 23.56 -21.44
CA LEU D 183 -10.01 24.42 -20.38
C LEU D 183 -9.33 24.16 -19.03
N ASP D 184 -9.14 25.20 -18.21
CA ASP D 184 -8.50 25.03 -16.91
C ASP D 184 -9.48 25.21 -15.75
N TYR D 185 -9.90 24.10 -15.10
CA TYR D 185 -10.78 24.17 -13.93
C TYR D 185 -9.87 24.21 -12.72
N GLN D 186 -10.08 25.19 -11.82
CA GLN D 186 -9.23 25.39 -10.67
C GLN D 186 -9.93 25.27 -9.37
N LEU D 187 -9.56 24.27 -8.58
CA LEU D 187 -10.10 24.16 -7.23
C LEU D 187 -9.02 24.74 -6.37
N ARG D 188 -9.31 25.88 -5.72
CA ARG D 188 -8.38 26.61 -4.86
C ARG D 188 -8.59 26.24 -3.41
N ILE D 189 -7.50 25.88 -2.71
CA ILE D 189 -7.55 25.47 -1.32
C ILE D 189 -6.47 26.15 -0.48
N SER D 190 -6.58 26.05 0.85
CA SER D 190 -5.64 26.58 1.83
C SER D 190 -5.64 25.66 3.05
N ARG D 191 -4.52 25.61 3.78
CA ARG D 191 -4.43 24.70 4.91
C ARG D 191 -5.09 25.19 6.17
N GLN D 192 -5.21 24.28 7.13
CA GLN D 192 -5.73 24.45 8.48
C GLN D 192 -4.49 24.34 9.42
N MET D 193 -3.68 25.40 9.43
CA MET D 193 -2.43 25.44 10.17
C MET D 193 -2.57 25.58 11.71
N GLY D 194 -3.80 25.74 12.22
CA GLY D 194 -4.04 25.88 13.66
C GLY D 194 -3.42 24.78 14.49
N TYR D 195 -3.58 23.52 14.04
CA TYR D 195 -3.10 22.28 14.65
C TYR D 195 -1.57 22.14 14.75
N TYR D 196 -0.83 22.71 13.79
CA TYR D 196 0.61 22.62 13.67
C TYR D 196 1.37 22.99 14.94
N LEU D 197 1.03 24.14 15.57
CA LEU D 197 1.69 24.62 16.80
C LEU D 197 1.64 23.59 17.92
N ILE D 198 0.43 23.18 18.28
CA ILE D 198 0.08 22.20 19.33
C ILE D 198 0.90 20.90 19.29
N GLN D 199 0.87 20.19 18.15
CA GLN D 199 1.46 18.87 17.99
C GLN D 199 2.83 18.83 17.27
N MET D 200 3.08 19.72 16.27
CA MET D 200 4.33 19.71 15.51
C MET D 200 5.34 20.82 15.86
N TYR D 201 4.99 22.12 15.67
CA TYR D 201 5.86 23.30 15.86
C TYR D 201 6.43 23.47 17.27
N ILE D 202 5.56 23.61 18.30
CA ILE D 202 5.98 23.84 19.69
C ILE D 202 6.75 22.64 20.27
N PRO D 203 6.26 21.37 20.33
CA PRO D 203 7.08 20.31 20.98
C PRO D 203 8.50 20.18 20.42
N SER D 204 8.68 20.41 19.08
CA SER D 204 9.99 20.33 18.42
C SER D 204 10.85 21.50 18.89
N LEU D 205 10.20 22.66 19.15
CA LEU D 205 10.83 23.88 19.67
C LEU D 205 11.22 23.73 21.13
N LEU D 206 10.39 23.01 21.95
CA LEU D 206 10.62 22.70 23.37
C LEU D 206 11.93 21.92 23.54
N ILE D 207 12.31 21.12 22.53
CA ILE D 207 13.56 20.35 22.45
C ILE D 207 14.75 21.32 22.29
N VAL D 208 14.61 22.38 21.45
CA VAL D 208 15.62 23.43 21.21
C VAL D 208 15.75 24.26 22.50
N ILE D 209 14.58 24.58 23.14
CA ILE D 209 14.48 25.34 24.39
C ILE D 209 15.17 24.56 25.51
N LEU D 210 14.91 23.23 25.62
CA LEU D 210 15.54 22.38 26.64
C LEU D 210 17.03 22.08 26.36
N SER D 211 17.53 22.51 25.20
CA SER D 211 18.95 22.37 24.88
C SER D 211 19.66 23.59 25.43
N TRP D 212 18.94 24.71 25.51
CA TRP D 212 19.47 25.99 26.02
C TRP D 212 19.37 26.05 27.55
N ILE D 213 18.43 25.31 28.18
CA ILE D 213 18.25 25.23 29.65
C ILE D 213 19.41 24.46 30.33
N SER D 214 20.50 24.25 29.57
CA SER D 214 21.75 23.59 29.97
C SER D 214 23.01 24.44 29.64
N PHE D 215 22.79 25.72 29.26
CA PHE D 215 23.81 26.75 29.02
C PHE D 215 23.95 27.58 30.33
N TRP D 216 23.48 26.99 31.45
CA TRP D 216 23.46 27.53 32.82
C TRP D 216 24.09 26.51 33.79
N ALA D 222 29.62 21.09 34.05
CA ALA D 222 30.34 21.03 32.78
C ALA D 222 30.38 19.62 32.12
N PRO D 223 30.76 18.47 32.77
CA PRO D 223 30.74 17.18 32.05
C PRO D 223 29.32 16.65 31.86
N ALA D 224 28.37 17.16 32.68
CA ALA D 224 26.95 16.86 32.67
C ALA D 224 26.29 17.56 31.47
N ARG D 225 26.89 18.68 30.98
CA ARG D 225 26.42 19.43 29.81
C ARG D 225 26.55 18.62 28.50
N VAL D 226 27.46 17.61 28.49
CA VAL D 226 27.66 16.69 27.36
C VAL D 226 26.48 15.73 27.27
N GLY D 227 26.08 15.15 28.40
CA GLY D 227 24.94 14.25 28.50
C GLY D 227 23.59 14.94 28.31
N LEU D 228 23.49 16.23 28.70
CA LEU D 228 22.26 17.02 28.58
C LEU D 228 22.05 17.66 27.18
N GLY D 229 23.09 18.32 26.66
CA GLY D 229 23.07 19.00 25.36
C GLY D 229 22.92 18.13 24.12
N ILE D 230 23.42 16.88 24.18
CA ILE D 230 23.37 15.91 23.06
C ILE D 230 22.06 15.12 23.03
N THR D 231 21.32 15.07 24.16
CA THR D 231 20.04 14.37 24.22
C THR D 231 18.99 15.09 23.37
N THR D 232 18.97 16.44 23.43
CA THR D 232 18.04 17.33 22.69
C THR D 232 18.44 17.51 21.19
N VAL D 233 19.08 16.45 20.66
CA VAL D 233 19.54 16.19 19.30
C VAL D 233 18.97 14.78 19.02
N LEU D 234 19.26 13.80 19.92
CA LEU D 234 18.74 12.43 19.80
C LEU D 234 17.21 12.44 19.88
N THR D 235 16.63 13.34 20.70
CA THR D 235 15.17 13.49 20.82
C THR D 235 14.63 14.37 19.69
N MET D 236 15.46 15.32 19.18
CA MET D 236 15.12 16.19 18.03
C MET D 236 14.82 15.34 16.78
N THR D 237 15.67 14.35 16.49
CA THR D 237 15.53 13.44 15.36
C THR D 237 14.44 12.37 15.63
N THR D 238 14.00 12.22 16.90
CA THR D 238 12.92 11.30 17.29
C THR D 238 11.58 11.99 17.16
N GLN D 239 11.53 13.33 17.40
CA GLN D 239 10.31 14.11 17.18
C GLN D 239 10.13 14.11 15.63
N SER D 240 11.24 14.33 14.89
CA SER D 240 11.27 14.31 13.43
C SER D 240 10.72 12.99 12.88
N SER D 241 11.37 11.83 13.19
CA SER D 241 10.92 10.48 12.77
C SER D 241 9.54 10.14 13.32
N GLY D 242 9.27 10.59 14.55
CA GLY D 242 8.01 10.39 15.25
C GLY D 242 6.83 11.15 14.68
N SER D 243 7.10 12.16 13.84
CA SER D 243 6.09 12.98 13.16
C SER D 243 6.49 13.32 11.72
N ARG D 244 7.28 12.44 11.06
CA ARG D 244 7.76 12.67 9.70
C ARG D 244 6.61 12.64 8.68
N ALA D 245 5.52 11.92 9.01
CA ALA D 245 4.33 11.84 8.17
C ALA D 245 3.69 13.24 7.92
N SER D 246 4.13 14.26 8.71
CA SER D 246 3.66 15.66 8.65
C SER D 246 4.79 16.66 8.26
N LEU D 247 6.00 16.15 7.93
CA LEU D 247 7.16 16.97 7.51
C LEU D 247 7.53 16.65 6.06
N PRO D 248 7.60 17.67 5.16
CA PRO D 248 7.87 17.36 3.73
C PRO D 248 9.34 17.54 3.25
N LYS D 249 9.84 16.53 2.54
CA LYS D 249 11.17 16.56 1.95
C LYS D 249 10.97 16.80 0.45
N VAL D 250 11.18 18.05 0.02
CA VAL D 250 11.01 18.48 -1.38
C VAL D 250 12.33 18.43 -2.17
N SER D 251 12.26 18.57 -3.50
CA SER D 251 13.44 18.60 -4.36
C SER D 251 14.13 19.96 -4.25
N TYR D 252 13.35 20.99 -3.83
CA TYR D 252 13.74 22.38 -3.58
C TYR D 252 13.68 22.66 -2.06
N VAL D 253 13.74 23.94 -1.63
CA VAL D 253 13.69 24.28 -0.21
C VAL D 253 12.38 24.94 0.20
N LYS D 254 11.85 24.53 1.35
CA LYS D 254 10.64 25.06 1.97
C LYS D 254 11.07 25.88 3.19
N ALA D 255 10.26 26.89 3.61
CA ALA D 255 10.56 27.71 4.80
C ALA D 255 10.61 26.83 6.06
N ILE D 256 9.91 25.66 6.03
CA ILE D 256 9.90 24.66 7.10
C ILE D 256 11.09 23.70 6.92
N ASP D 257 11.48 23.42 5.64
CA ASP D 257 12.65 22.57 5.32
C ASP D 257 13.94 23.33 5.75
N ILE D 258 13.83 24.68 5.83
CA ILE D 258 14.84 25.62 6.28
C ILE D 258 14.73 25.80 7.79
N TRP D 259 13.50 25.86 8.33
CA TRP D 259 13.25 25.96 9.77
C TRP D 259 13.79 24.69 10.46
N MET D 260 13.67 23.53 9.80
CA MET D 260 14.22 22.26 10.30
C MET D 260 15.75 22.30 10.15
N ALA D 261 16.27 22.92 9.02
CA ALA D 261 17.72 23.07 8.74
C ALA D 261 18.45 23.96 9.74
N VAL D 262 17.76 25.04 10.25
CA VAL D 262 18.30 26.01 11.23
C VAL D 262 18.48 25.33 12.57
N CYS D 263 17.62 24.35 12.86
CA CYS D 263 17.64 23.56 14.08
C CYS D 263 18.82 22.63 14.11
N LEU D 264 19.27 22.18 12.93
CA LEU D 264 20.43 21.32 12.81
C LEU D 264 21.71 22.13 13.13
N LEU D 265 21.76 23.42 12.71
CA LEU D 265 22.89 24.32 12.98
C LEU D 265 22.86 24.80 14.44
N PHE D 266 21.64 25.08 15.00
CA PHE D 266 21.42 25.56 16.38
C PHE D 266 21.66 24.49 17.46
N VAL D 267 21.55 23.21 17.06
CA VAL D 267 21.75 22.04 17.92
C VAL D 267 23.28 21.69 17.90
N PHE D 268 23.99 22.16 16.85
CA PHE D 268 25.43 21.99 16.62
C PHE D 268 26.22 23.12 17.27
N SER D 269 25.87 24.39 16.94
CA SER D 269 26.48 25.60 17.49
C SER D 269 26.30 25.66 18.99
N ALA D 270 25.28 24.94 19.50
CA ALA D 270 24.95 24.77 20.92
C ALA D 270 25.94 23.79 21.55
N LEU D 271 26.39 22.79 20.79
CA LEU D 271 27.34 21.79 21.26
C LEU D 271 28.76 22.06 20.76
N LEU D 272 28.95 23.24 20.17
CA LEU D 272 30.24 23.78 19.74
C LEU D 272 30.62 24.72 20.89
N GLU D 273 29.62 25.44 21.45
CA GLU D 273 29.73 26.33 22.60
C GLU D 273 30.04 25.50 23.86
N TYR D 274 29.28 24.40 24.11
CA TYR D 274 29.44 23.50 25.27
C TYR D 274 30.61 22.51 25.10
N ALA D 275 31.34 22.61 23.99
CA ALA D 275 32.53 21.81 23.70
C ALA D 275 33.75 22.72 23.80
N ALA D 276 33.53 24.06 23.73
CA ALA D 276 34.56 25.11 23.84
C ALA D 276 34.66 25.67 25.26
N VAL D 277 33.50 25.79 25.95
CA VAL D 277 33.44 26.30 27.32
C VAL D 277 33.92 25.28 28.35
N ASN D 278 33.60 23.97 28.14
CA ASN D 278 34.00 22.86 29.02
C ASN D 278 35.44 22.34 28.71
N PHE D 279 36.12 22.98 27.73
CA PHE D 279 37.49 22.68 27.32
C PHE D 279 38.43 23.86 27.61
N VAL D 280 37.89 25.10 27.70
CA VAL D 280 38.66 26.31 28.03
C VAL D 280 38.93 26.38 29.55
N SER D 281 37.90 26.05 30.36
CA SER D 281 37.98 26.02 31.82
C SER D 281 38.87 24.88 32.34
N ARG D 282 39.00 23.79 31.54
CA ARG D 282 39.83 22.63 31.86
C ARG D 282 41.29 22.82 31.42
N GLN D 283 41.54 23.67 30.41
CA GLN D 283 42.88 23.99 29.89
C GLN D 283 43.50 25.22 30.58
N SER D 284 43.29 25.32 31.91
CA SER D 284 43.79 26.37 32.81
C SER D 284 43.51 27.81 32.33
N GLN D 285 42.21 28.20 32.29
N GLN D 285 42.29 28.26 32.32
CA GLN D 285 41.73 29.55 31.92
CA GLN D 285 41.81 29.60 31.95
C GLN D 285 40.31 29.92 32.48
C GLN D 285 40.39 29.98 32.51
N PRO D 286 39.80 29.29 33.59
CA PRO D 286 38.37 29.44 33.97
C PRO D 286 37.80 30.86 34.14
N GLN D 287 38.58 31.90 33.79
CA GLN D 287 38.15 33.28 33.85
C GLN D 287 37.26 33.64 32.66
N ARG D 288 37.76 33.41 31.42
CA ARG D 288 37.04 33.70 30.17
C ARG D 288 35.93 32.68 29.85
N ALA D 289 35.83 31.60 30.66
CA ALA D 289 34.82 30.54 30.54
C ALA D 289 33.42 31.07 30.84
N LYS D 290 33.26 31.86 31.91
CA LYS D 290 31.98 32.46 32.31
C LYS D 290 31.62 33.70 31.48
N LYS D 291 32.51 34.11 30.56
CA LYS D 291 32.32 35.27 29.69
C LYS D 291 31.50 34.93 28.43
N ILE D 292 31.72 33.72 27.86
CA ILE D 292 31.04 33.26 26.65
C ILE D 292 29.90 32.27 26.95
N ASP D 293 30.00 31.46 28.03
CA ASP D 293 28.97 30.48 28.43
C ASP D 293 27.69 31.14 28.97
N LYS D 294 27.81 32.37 29.49
CA LYS D 294 26.69 33.12 30.05
C LYS D 294 26.05 34.02 29.00
N ILE D 295 26.87 34.54 28.06
CA ILE D 295 26.44 35.42 26.96
C ILE D 295 25.68 34.65 25.88
N SER D 296 26.07 33.38 25.64
CA SER D 296 25.44 32.46 24.68
C SER D 296 24.08 31.99 25.19
N ARG D 297 23.87 32.04 26.54
CA ARG D 297 22.63 31.65 27.23
C ARG D 297 21.48 32.66 27.02
N ILE D 298 21.80 33.90 26.59
CA ILE D 298 20.84 34.96 26.27
C ILE D 298 20.99 35.35 24.80
N GLY D 299 22.09 34.91 24.19
CA GLY D 299 22.43 35.14 22.79
C GLY D 299 21.68 34.23 21.84
N PHE D 300 21.58 32.92 22.17
CA PHE D 300 20.88 31.89 21.37
C PHE D 300 19.40 32.21 21.16
N PRO D 301 18.53 32.39 22.21
CA PRO D 301 17.12 32.71 21.94
C PRO D 301 16.87 33.94 21.05
N MET D 302 17.79 34.95 21.11
CA MET D 302 17.68 36.17 20.29
C MET D 302 18.31 36.00 18.91
N ALA D 303 19.34 35.14 18.77
CA ALA D 303 19.98 34.85 17.48
C ALA D 303 18.99 34.03 16.67
N PHE D 304 18.16 33.22 17.36
CA PHE D 304 17.11 32.37 16.81
C PHE D 304 15.93 33.21 16.34
N LEU D 305 15.34 34.04 17.22
CA LEU D 305 14.21 34.90 16.85
C LEU D 305 14.57 35.80 15.69
N ILE D 306 15.78 36.38 15.70
CA ILE D 306 16.27 37.20 14.59
C ILE D 306 16.34 36.38 13.29
N PHE D 307 16.95 35.17 13.33
CA PHE D 307 17.12 34.26 12.18
C PHE D 307 15.79 33.78 11.60
N ASN D 308 14.89 33.25 12.45
CA ASN D 308 13.57 32.76 12.06
C ASN D 308 12.70 33.90 11.50
N MET D 309 12.86 35.16 12.02
CA MET D 309 12.16 36.35 11.56
C MET D 309 12.77 36.87 10.26
N PHE D 310 14.07 36.61 10.05
CA PHE D 310 14.80 36.97 8.84
C PHE D 310 14.37 36.02 7.73
N TYR D 311 14.27 34.70 8.05
CA TYR D 311 13.84 33.63 7.14
C TYR D 311 12.40 33.89 6.70
N TRP D 312 11.50 34.17 7.68
CA TRP D 312 10.09 34.48 7.50
C TRP D 312 9.84 35.61 6.51
N ILE D 313 10.67 36.67 6.58
CA ILE D 313 10.58 37.85 5.70
C ILE D 313 10.69 37.45 4.22
N ILE D 314 11.58 36.50 3.91
CA ILE D 314 11.87 36.03 2.55
C ILE D 314 10.75 35.17 1.95
N TYR D 315 10.49 34.00 2.57
CA TYR D 315 9.54 32.98 2.12
C TYR D 315 8.05 33.39 2.32
N PHE D 316 7.56 33.47 3.57
CA PHE D 316 6.16 33.83 3.83
C PHE D 316 6.01 35.34 4.00
N VAL E 4 -36.36 2.21 -23.18
CA VAL E 4 -37.31 2.32 -22.06
C VAL E 4 -37.43 3.75 -21.54
N SER E 5 -38.62 4.11 -21.08
CA SER E 5 -38.91 5.44 -20.56
C SER E 5 -39.58 5.29 -19.19
N PRO E 6 -39.60 6.32 -18.31
CA PRO E 6 -40.20 6.14 -16.99
C PRO E 6 -41.71 5.88 -17.00
N PRO E 7 -42.30 5.29 -15.93
CA PRO E 7 -43.75 5.05 -15.93
C PRO E 7 -44.52 6.37 -15.97
N PRO E 8 -45.57 6.50 -16.81
CA PRO E 8 -46.27 7.78 -16.91
C PRO E 8 -47.13 8.04 -15.67
N PRO E 9 -47.24 9.32 -15.25
CA PRO E 9 -48.06 9.61 -14.08
C PRO E 9 -49.56 9.58 -14.39
N ILE E 10 -50.37 9.03 -13.46
CA ILE E 10 -51.82 8.97 -13.65
C ILE E 10 -52.41 10.38 -13.62
N ALA E 11 -51.90 11.25 -12.73
CA ALA E 11 -52.30 12.64 -12.61
C ALA E 11 -51.10 13.54 -12.95
N ASP E 12 -50.27 13.88 -11.96
CA ASP E 12 -49.04 14.66 -12.14
C ASP E 12 -47.99 14.19 -11.12
N GLU E 13 -48.43 13.50 -10.05
CA GLU E 13 -47.65 13.02 -8.91
C GLU E 13 -46.23 12.49 -9.21
N PRO E 14 -45.23 12.71 -8.32
CA PRO E 14 -43.89 12.18 -8.61
C PRO E 14 -43.85 10.67 -8.41
N LEU E 15 -42.91 9.98 -9.07
CA LEU E 15 -42.77 8.54 -8.89
C LEU E 15 -41.98 8.24 -7.62
N THR E 16 -42.62 7.51 -6.70
CA THR E 16 -42.02 7.16 -5.44
C THR E 16 -41.31 5.86 -5.56
N VAL E 17 -40.00 5.87 -5.29
CA VAL E 17 -39.13 4.69 -5.30
C VAL E 17 -38.80 4.37 -3.85
N ASN E 18 -39.40 3.29 -3.34
CA ASN E 18 -39.19 2.82 -1.97
C ASN E 18 -37.87 2.09 -1.89
N THR E 19 -37.04 2.48 -0.92
CA THR E 19 -35.71 1.95 -0.76
C THR E 19 -35.49 1.22 0.54
N GLY E 20 -34.44 0.41 0.57
CA GLY E 20 -34.00 -0.34 1.73
C GLY E 20 -32.59 -0.85 1.56
N ILE E 21 -31.80 -0.79 2.64
CA ILE E 21 -30.44 -1.29 2.66
C ILE E 21 -30.32 -2.29 3.77
N TYR E 22 -29.91 -3.50 3.46
CA TYR E 22 -29.71 -4.54 4.47
C TYR E 22 -28.21 -4.89 4.50
N LEU E 23 -27.51 -4.48 5.60
CA LEU E 23 -26.07 -4.71 5.73
C LEU E 23 -25.73 -6.17 5.91
N ILE E 24 -24.88 -6.71 5.02
CA ILE E 24 -24.39 -8.10 5.07
C ILE E 24 -23.01 -8.10 5.71
N GLU E 25 -22.15 -7.16 5.31
CA GLU E 25 -20.82 -7.02 5.87
C GLU E 25 -20.40 -5.55 6.05
N CYS E 26 -19.66 -5.28 7.11
CA CYS E 26 -19.05 -3.98 7.38
C CYS E 26 -17.66 -4.23 7.75
N TYR E 27 -16.75 -3.58 7.06
CA TYR E 27 -15.35 -3.81 7.24
C TYR E 27 -14.50 -2.63 6.83
N SER E 28 -13.21 -2.70 7.18
CA SER E 28 -12.17 -1.74 6.88
C SER E 28 -12.55 -0.29 7.25
N LEU E 29 -12.90 -0.04 8.53
CA LEU E 29 -13.13 1.34 8.92
C LEU E 29 -11.73 1.93 9.06
N ASP E 30 -11.33 2.70 8.06
CA ASP E 30 -10.02 3.35 7.95
C ASP E 30 -10.15 4.73 8.56
N ASP E 31 -9.61 4.90 9.77
CA ASP E 31 -9.69 6.16 10.51
C ASP E 31 -8.96 7.29 9.78
N LYS E 32 -7.76 6.99 9.23
CA LYS E 32 -6.96 7.97 8.49
C LYS E 32 -7.62 8.43 7.19
N ALA E 33 -8.13 7.49 6.37
CA ALA E 33 -8.80 7.80 5.10
C ALA E 33 -10.25 8.25 5.26
N GLU E 34 -10.83 8.02 6.45
CA GLU E 34 -12.22 8.34 6.81
C GLU E 34 -13.19 7.64 5.85
N THR E 35 -12.89 6.34 5.61
CA THR E 35 -13.68 5.44 4.77
C THR E 35 -14.00 4.15 5.50
N PHE E 36 -14.98 3.45 4.99
CA PHE E 36 -15.39 2.14 5.47
C PHE E 36 -15.96 1.43 4.28
N LYS E 37 -15.78 0.12 4.23
CA LYS E 37 -16.31 -0.64 3.12
C LYS E 37 -17.61 -1.30 3.59
N VAL E 38 -18.56 -1.45 2.68
CA VAL E 38 -19.86 -2.03 2.99
C VAL E 38 -20.26 -3.05 1.93
N ASN E 39 -20.94 -4.11 2.33
CA ASN E 39 -21.45 -5.13 1.42
C ASN E 39 -22.87 -5.34 1.87
N ALA E 40 -23.83 -4.98 1.02
CA ALA E 40 -25.23 -5.00 1.43
C ALA E 40 -26.20 -5.30 0.33
N PHE E 41 -27.47 -5.46 0.70
CA PHE E 41 -28.55 -5.65 -0.24
C PHE E 41 -29.13 -4.28 -0.44
N LEU E 42 -29.55 -3.95 -1.65
CA LEU E 42 -30.25 -2.70 -1.90
C LEU E 42 -31.55 -3.11 -2.56
N SER E 43 -32.67 -2.75 -1.92
CA SER E 43 -33.99 -3.09 -2.42
C SER E 43 -34.68 -1.85 -2.90
N LEU E 44 -35.32 -1.95 -4.07
CA LEU E 44 -36.06 -0.83 -4.69
C LEU E 44 -37.46 -1.27 -5.10
N SER E 45 -38.49 -0.41 -4.90
CA SER E 45 -39.87 -0.70 -5.27
C SER E 45 -40.52 0.51 -5.85
N TRP E 46 -41.21 0.35 -6.98
CA TRP E 46 -41.94 1.43 -7.65
C TRP E 46 -43.08 0.85 -8.48
N LYS E 47 -44.11 1.66 -8.75
CA LYS E 47 -45.25 1.20 -9.55
C LYS E 47 -45.09 1.57 -11.03
N ASP E 48 -45.20 0.55 -11.89
CA ASP E 48 -45.16 0.70 -13.33
C ASP E 48 -46.38 0.00 -13.88
N ARG E 49 -47.41 0.80 -14.19
CA ARG E 49 -48.70 0.34 -14.71
C ARG E 49 -48.61 -0.36 -16.05
N ARG E 50 -47.61 0.00 -16.87
CA ARG E 50 -47.36 -0.61 -18.18
C ARG E 50 -47.03 -2.09 -18.05
N LEU E 51 -46.64 -2.51 -16.84
CA LEU E 51 -46.28 -3.89 -16.51
C LEU E 51 -47.40 -4.68 -15.83
N ALA E 52 -48.55 -4.02 -15.55
CA ALA E 52 -49.69 -4.66 -14.90
C ALA E 52 -50.26 -5.79 -15.74
N PHE E 53 -50.75 -6.84 -15.08
CA PHE E 53 -51.29 -8.01 -15.75
C PHE E 53 -52.45 -8.61 -14.97
N ASP E 54 -53.28 -9.44 -15.63
CA ASP E 54 -54.42 -10.11 -15.00
C ASP E 54 -53.92 -11.43 -14.41
N PRO E 55 -54.07 -11.68 -13.09
CA PRO E 55 -53.55 -12.96 -12.54
C PRO E 55 -54.35 -14.20 -12.95
N VAL E 56 -55.66 -14.02 -13.19
CA VAL E 56 -56.58 -15.08 -13.57
C VAL E 56 -56.23 -15.61 -14.98
N ARG E 57 -56.11 -14.70 -15.97
CA ARG E 57 -55.79 -15.01 -17.38
C ARG E 57 -54.35 -15.51 -17.58
N SER E 58 -53.37 -14.89 -16.88
CA SER E 58 -51.95 -15.25 -16.95
C SER E 58 -51.60 -16.56 -16.23
N GLY E 59 -52.35 -16.86 -15.16
CA GLY E 59 -52.13 -18.04 -14.32
C GLY E 59 -50.95 -17.91 -13.40
N VAL E 60 -50.15 -16.85 -13.58
CA VAL E 60 -48.97 -16.56 -12.80
C VAL E 60 -49.22 -15.39 -11.83
N ARG E 61 -48.78 -15.57 -10.57
CA ARG E 61 -48.92 -14.56 -9.51
C ARG E 61 -47.89 -13.45 -9.69
N VAL E 62 -46.69 -13.85 -10.15
CA VAL E 62 -45.54 -12.97 -10.33
C VAL E 62 -44.84 -13.21 -11.65
N LYS E 63 -44.27 -12.15 -12.19
CA LYS E 63 -43.48 -12.21 -13.41
C LYS E 63 -42.08 -11.73 -13.05
N THR E 64 -41.07 -12.43 -13.55
CA THR E 64 -39.67 -12.10 -13.31
C THR E 64 -39.11 -11.52 -14.61
N TYR E 65 -38.44 -10.36 -14.53
CA TYR E 65 -37.85 -9.69 -15.68
C TYR E 65 -36.34 -9.55 -15.57
N GLU E 66 -35.68 -9.33 -16.73
CA GLU E 66 -34.25 -9.06 -16.84
C GLU E 66 -34.10 -7.53 -16.75
N PRO E 67 -33.05 -6.99 -16.08
CA PRO E 67 -32.95 -5.52 -15.92
C PRO E 67 -33.12 -4.66 -17.18
N GLU E 68 -32.64 -5.17 -18.32
CA GLU E 68 -32.71 -4.50 -19.63
C GLU E 68 -34.12 -4.46 -20.18
N ALA E 69 -34.95 -5.47 -19.84
CA ALA E 69 -36.33 -5.59 -20.31
C ALA E 69 -37.28 -4.51 -19.82
N ILE E 70 -37.05 -3.99 -18.61
CA ILE E 70 -37.94 -2.97 -18.02
C ILE E 70 -37.21 -1.69 -17.62
N TRP E 71 -37.97 -0.65 -17.25
CA TRP E 71 -37.41 0.61 -16.79
C TRP E 71 -37.06 0.44 -15.30
N ILE E 72 -35.85 0.85 -14.93
CA ILE E 72 -35.36 0.81 -13.55
C ILE E 72 -34.80 2.20 -13.18
N PRO E 73 -35.13 2.75 -11.99
CA PRO E 73 -34.61 4.07 -11.61
C PRO E 73 -33.12 4.09 -11.38
N GLU E 74 -32.43 5.14 -11.88
CA GLU E 74 -30.96 5.27 -11.72
C GLU E 74 -30.71 5.82 -10.29
N ILE E 75 -30.47 4.89 -9.33
CA ILE E 75 -30.18 5.20 -7.95
C ILE E 75 -28.68 5.22 -7.80
N ARG E 76 -28.13 6.28 -7.21
CA ARG E 76 -26.68 6.43 -6.99
C ARG E 76 -26.35 6.71 -5.52
N PHE E 77 -25.09 6.44 -5.13
CA PHE E 77 -24.70 6.78 -3.75
C PHE E 77 -23.95 8.09 -3.86
N VAL E 78 -24.19 9.02 -2.91
CA VAL E 78 -23.50 10.30 -2.96
C VAL E 78 -22.02 10.16 -2.50
N ASN E 79 -21.86 9.71 -1.25
CA ASN E 79 -20.56 9.65 -0.59
C ASN E 79 -19.77 8.35 -0.82
N VAL E 80 -19.60 7.97 -2.09
CA VAL E 80 -18.80 6.77 -2.43
C VAL E 80 -17.61 7.17 -3.24
N GLU E 81 -16.50 6.45 -3.07
CA GLU E 81 -15.27 6.79 -3.79
C GLU E 81 -15.49 6.63 -5.31
N ASN E 82 -15.79 5.38 -5.73
CA ASN E 82 -16.22 5.04 -7.11
C ASN E 82 -17.62 4.46 -7.03
N ALA E 83 -18.21 4.18 -8.20
CA ALA E 83 -19.58 3.64 -8.14
C ALA E 83 -19.56 2.21 -7.52
N ARG E 84 -20.68 1.89 -6.80
CA ARG E 84 -20.86 0.58 -6.15
C ARG E 84 -20.72 -0.60 -7.17
N ASP E 85 -20.18 -1.72 -6.71
CA ASP E 85 -20.09 -2.94 -7.53
C ASP E 85 -21.46 -3.60 -7.28
N ALA E 86 -22.34 -3.64 -8.29
CA ALA E 86 -23.67 -4.22 -8.05
C ALA E 86 -23.99 -5.41 -8.95
N ASP E 87 -24.69 -6.39 -8.37
CA ASP E 87 -25.10 -7.63 -9.01
C ASP E 87 -26.58 -7.75 -8.74
N VAL E 88 -27.42 -7.77 -9.80
CA VAL E 88 -28.88 -7.85 -9.61
C VAL E 88 -29.20 -9.26 -9.15
N VAL E 89 -29.92 -9.38 -8.04
CA VAL E 89 -30.31 -10.67 -7.48
C VAL E 89 -31.67 -11.08 -8.05
N ASP E 90 -32.66 -10.17 -7.99
CA ASP E 90 -34.01 -10.43 -8.44
C ASP E 90 -34.82 -9.19 -8.81
N ILE E 91 -35.72 -9.34 -9.80
CA ILE E 91 -36.70 -8.35 -10.25
C ILE E 91 -38.03 -9.08 -10.34
N SER E 92 -38.99 -8.72 -9.47
CA SER E 92 -40.31 -9.33 -9.42
C SER E 92 -41.43 -8.30 -9.62
N VAL E 93 -42.43 -8.64 -10.46
CA VAL E 93 -43.56 -7.76 -10.75
C VAL E 93 -44.87 -8.40 -10.30
N SER E 94 -45.63 -7.69 -9.46
CA SER E 94 -46.94 -8.13 -8.97
C SER E 94 -48.02 -7.78 -10.02
N PRO E 95 -49.24 -8.39 -9.99
CA PRO E 95 -50.24 -8.08 -11.05
C PRO E 95 -50.61 -6.61 -11.22
N ASP E 96 -50.59 -5.82 -10.15
CA ASP E 96 -50.90 -4.39 -10.21
C ASP E 96 -49.79 -3.55 -10.85
N GLY E 97 -48.65 -4.19 -11.11
CA GLY E 97 -47.48 -3.55 -11.73
C GLY E 97 -46.42 -3.04 -10.78
N THR E 98 -46.50 -3.41 -9.48
CA THR E 98 -45.54 -2.99 -8.47
C THR E 98 -44.28 -3.82 -8.65
N VAL E 99 -43.17 -3.13 -8.96
CA VAL E 99 -41.88 -3.77 -9.21
C VAL E 99 -41.12 -3.86 -7.89
N GLN E 100 -40.48 -5.02 -7.67
CA GLN E 100 -39.64 -5.28 -6.52
C GLN E 100 -38.28 -5.68 -7.03
N TYR E 101 -37.32 -4.77 -6.85
CA TYR E 101 -35.94 -4.89 -7.30
C TYR E 101 -35.03 -5.20 -6.11
N LEU E 102 -34.04 -6.12 -6.32
CA LEU E 102 -33.06 -6.45 -5.31
C LEU E 102 -31.72 -6.69 -5.93
N GLU E 103 -30.70 -5.99 -5.41
CA GLU E 103 -29.31 -6.16 -5.85
C GLU E 103 -28.42 -6.28 -4.63
N ARG E 104 -27.33 -7.01 -4.76
CA ARG E 104 -26.35 -7.06 -3.70
C ARG E 104 -25.18 -6.20 -4.20
N PHE E 105 -24.76 -5.22 -3.39
CA PHE E 105 -23.67 -4.33 -3.79
C PHE E 105 -22.61 -4.27 -2.73
N SER E 106 -21.46 -3.75 -3.11
CA SER E 106 -20.33 -3.50 -2.23
C SER E 106 -19.90 -2.11 -2.58
N ALA E 107 -19.47 -1.31 -1.61
CA ALA E 107 -19.02 0.06 -1.88
C ALA E 107 -18.04 0.60 -0.82
N ARG E 108 -17.11 1.50 -1.23
CA ARG E 108 -16.21 2.17 -0.30
C ARG E 108 -16.86 3.52 -0.01
N VAL E 109 -17.27 3.74 1.23
CA VAL E 109 -17.99 4.94 1.62
C VAL E 109 -17.10 5.98 2.30
N LEU E 110 -17.23 7.23 1.89
CA LEU E 110 -16.58 8.41 2.47
C LEU E 110 -17.53 8.89 3.59
N SER E 111 -17.07 8.82 4.84
CA SER E 111 -17.86 9.30 5.95
C SER E 111 -16.93 9.92 6.97
N PRO E 112 -17.08 11.25 7.18
CA PRO E 112 -16.22 11.95 8.14
C PRO E 112 -16.37 11.43 9.56
N LEU E 113 -15.26 11.42 10.29
CA LEU E 113 -15.22 10.97 11.67
C LEU E 113 -14.78 12.10 12.60
N ASP E 114 -15.46 12.25 13.76
CA ASP E 114 -15.13 13.27 14.76
C ASP E 114 -14.27 12.61 15.82
N PHE E 115 -12.97 12.93 15.82
CA PHE E 115 -12.00 12.34 16.73
C PHE E 115 -11.79 13.10 18.04
N ARG E 116 -12.53 14.20 18.26
CA ARG E 116 -12.43 15.04 19.46
C ARG E 116 -12.44 14.25 20.78
N ARG E 117 -13.26 13.19 20.88
CA ARG E 117 -13.40 12.38 22.08
C ARG E 117 -12.64 11.04 22.06
N PHE E 118 -11.76 10.83 21.07
CA PHE E 118 -10.97 9.60 20.91
C PHE E 118 -10.15 9.28 22.17
N PRO E 119 -10.12 8.00 22.64
CA PRO E 119 -10.74 6.79 22.09
C PRO E 119 -12.12 6.47 22.66
N MET E 120 -12.77 7.45 23.28
CA MET E 120 -14.07 7.27 23.88
C MET E 120 -15.15 7.95 23.03
N ASP E 121 -14.98 7.87 21.71
CA ASP E 121 -15.87 8.47 20.74
C ASP E 121 -16.92 7.54 20.18
N SER E 122 -17.99 8.14 19.67
CA SER E 122 -19.06 7.46 18.97
C SER E 122 -19.24 8.18 17.65
N GLN E 123 -19.61 7.43 16.60
CA GLN E 123 -19.76 7.98 15.25
C GLN E 123 -21.05 7.57 14.60
N THR E 124 -21.49 8.38 13.64
CA THR E 124 -22.66 8.16 12.81
C THR E 124 -22.12 8.13 11.39
N LEU E 125 -21.96 6.92 10.84
CA LEU E 125 -21.49 6.72 9.47
C LEU E 125 -22.71 6.92 8.57
N HIS E 126 -22.53 7.59 7.44
CA HIS E 126 -23.65 7.86 6.55
C HIS E 126 -23.51 7.19 5.23
N ILE E 127 -24.64 6.78 4.67
CA ILE E 127 -24.71 6.21 3.34
C ILE E 127 -25.84 7.01 2.68
N TYR E 128 -25.51 7.92 1.76
CA TYR E 128 -26.54 8.75 1.14
C TYR E 128 -26.99 8.19 -0.19
N LEU E 129 -28.28 7.87 -0.29
CA LEU E 129 -28.87 7.38 -1.52
C LEU E 129 -29.41 8.56 -2.26
N ILE E 130 -29.29 8.59 -3.58
CA ILE E 130 -29.81 9.74 -4.38
C ILE E 130 -30.41 9.31 -5.72
N VAL E 131 -31.38 10.06 -6.22
CA VAL E 131 -31.98 9.83 -7.52
C VAL E 131 -32.18 11.16 -8.23
N ARG E 132 -31.93 11.23 -9.57
CA ARG E 132 -32.14 12.46 -10.33
C ARG E 132 -33.40 12.28 -11.17
N SER E 133 -34.28 13.31 -11.18
CA SER E 133 -35.54 13.37 -11.92
C SER E 133 -35.33 13.46 -13.45
N VAL E 134 -36.27 12.91 -14.21
CA VAL E 134 -36.21 13.02 -15.66
C VAL E 134 -37.19 14.11 -16.10
N ASP E 135 -37.09 14.59 -17.36
CA ASP E 135 -38.03 15.60 -17.85
C ASP E 135 -39.47 15.09 -17.95
N THR E 136 -39.63 13.79 -18.22
CA THR E 136 -40.92 13.11 -18.29
C THR E 136 -41.60 13.19 -16.93
N ARG E 137 -40.90 12.84 -15.80
CA ARG E 137 -41.45 12.99 -14.45
C ARG E 137 -40.41 13.00 -13.32
N ASN E 138 -40.81 13.55 -12.16
CA ASN E 138 -39.98 13.67 -10.97
C ASN E 138 -39.96 12.39 -10.21
N ILE E 139 -38.77 11.99 -9.78
CA ILE E 139 -38.55 10.77 -9.02
C ILE E 139 -38.16 11.18 -7.60
N VAL E 140 -38.86 10.59 -6.63
CA VAL E 140 -38.68 10.84 -5.21
C VAL E 140 -38.40 9.52 -4.52
N LEU E 141 -37.50 9.52 -3.50
CA LEU E 141 -37.12 8.35 -2.70
C LEU E 141 -37.86 8.25 -1.38
N ALA E 142 -38.16 7.02 -0.95
CA ALA E 142 -38.84 6.75 0.31
C ALA E 142 -38.16 5.59 1.01
N VAL E 143 -38.36 5.43 2.33
CA VAL E 143 -37.75 4.34 3.09
C VAL E 143 -38.78 3.28 3.41
N ASP E 144 -38.51 2.02 3.04
CA ASP E 144 -39.38 0.89 3.39
C ASP E 144 -38.69 0.30 4.61
N LEU E 145 -39.15 0.65 5.81
CA LEU E 145 -38.53 0.24 7.08
C LEU E 145 -38.46 -1.28 7.25
N GLU E 146 -39.32 -2.04 6.54
CA GLU E 146 -39.35 -3.50 6.55
C GLU E 146 -38.11 -4.08 5.83
N LYS E 147 -37.48 -3.26 4.97
CA LYS E 147 -36.34 -3.68 4.18
C LYS E 147 -35.03 -2.95 4.55
N VAL E 148 -34.97 -2.39 5.77
CA VAL E 148 -33.78 -1.75 6.33
C VAL E 148 -33.36 -2.60 7.50
N GLY E 149 -32.10 -2.95 7.57
CA GLY E 149 -31.60 -3.77 8.67
C GLY E 149 -30.14 -4.17 8.52
N LYS E 150 -29.72 -5.12 9.36
CA LYS E 150 -28.36 -5.65 9.37
C LYS E 150 -28.33 -7.09 9.83
N ASN E 151 -27.42 -7.87 9.26
CA ASN E 151 -27.19 -9.26 9.65
C ASN E 151 -26.63 -9.20 11.08
N ASP E 152 -26.98 -10.19 11.89
CA ASP E 152 -26.55 -10.27 13.29
C ASP E 152 -25.03 -10.38 13.41
N ASP E 153 -24.41 -11.08 12.44
CA ASP E 153 -22.97 -11.33 12.34
C ASP E 153 -22.16 -10.12 11.87
N VAL E 154 -22.82 -8.99 11.47
CA VAL E 154 -22.13 -7.78 11.01
C VAL E 154 -21.23 -7.29 12.11
N PHE E 155 -19.94 -7.36 11.87
CA PHE E 155 -18.96 -6.98 12.88
C PHE E 155 -18.03 -5.94 12.34
N LEU E 156 -17.76 -4.93 13.16
CA LEU E 156 -16.78 -3.92 12.81
C LEU E 156 -15.77 -3.95 13.96
N THR E 157 -14.63 -4.64 13.76
CA THR E 157 -13.57 -4.84 14.76
C THR E 157 -13.20 -3.53 15.44
N GLY E 158 -13.24 -3.53 16.76
CA GLY E 158 -12.92 -2.36 17.57
C GLY E 158 -14.08 -1.41 17.78
N TRP E 159 -15.26 -1.77 17.27
CA TRP E 159 -16.44 -0.93 17.40
C TRP E 159 -17.65 -1.76 17.78
N ASP E 160 -18.60 -1.12 18.46
CA ASP E 160 -19.85 -1.77 18.82
C ASP E 160 -20.91 -1.16 17.91
N ILE E 161 -21.67 -2.01 17.22
CA ILE E 161 -22.70 -1.54 16.31
C ILE E 161 -23.99 -1.36 17.07
N GLU E 162 -24.49 -0.13 17.16
CA GLU E 162 -25.72 0.15 17.88
C GLU E 162 -26.94 0.02 17.01
N SER E 163 -27.05 0.85 15.96
CA SER E 163 -28.23 0.88 15.12
C SER E 163 -27.94 1.26 13.71
N PHE E 164 -28.81 0.79 12.81
CA PHE E 164 -28.75 1.13 11.39
C PHE E 164 -30.15 1.55 11.03
N THR E 165 -30.35 2.86 10.93
CA THR E 165 -31.64 3.48 10.67
C THR E 165 -31.55 4.40 9.47
N ALA E 166 -32.70 4.83 8.98
CA ALA E 166 -32.74 5.75 7.87
C ALA E 166 -33.60 6.94 8.21
N VAL E 167 -33.17 8.14 7.81
CA VAL E 167 -33.93 9.36 7.99
C VAL E 167 -35.00 9.24 6.89
N VAL E 168 -36.24 8.92 7.30
CA VAL E 168 -37.41 8.62 6.44
C VAL E 168 -37.79 9.71 5.44
N LYS E 169 -37.48 10.97 5.76
CA LYS E 169 -37.79 12.12 4.93
C LYS E 169 -36.60 12.40 3.99
N PRO E 170 -36.81 12.33 2.65
CA PRO E 170 -35.71 12.64 1.75
C PRO E 170 -35.46 14.13 1.66
N ALA E 171 -34.27 14.51 1.30
CA ALA E 171 -33.90 15.89 1.10
C ALA E 171 -34.04 16.16 -0.38
N ASN E 172 -35.13 16.80 -0.80
CA ASN E 172 -35.38 17.10 -2.20
C ASN E 172 -34.85 18.46 -2.51
N PHE E 173 -34.07 18.59 -3.58
CA PHE E 173 -33.42 19.83 -3.98
C PHE E 173 -33.08 19.86 -5.46
N ALA E 174 -32.80 21.04 -6.00
CA ALA E 174 -32.46 21.20 -7.39
C ALA E 174 -30.97 21.21 -7.54
N LEU E 175 -30.47 20.48 -8.55
CA LEU E 175 -29.05 20.40 -8.87
C LEU E 175 -28.89 20.34 -10.38
N GLU E 176 -28.24 21.36 -10.94
CA GLU E 176 -28.02 21.54 -12.38
C GLU E 176 -29.35 21.48 -13.20
N ASP E 177 -30.35 22.28 -12.74
CA ASP E 177 -31.68 22.48 -13.28
C ASP E 177 -32.55 21.20 -13.35
N ARG E 178 -32.43 20.33 -12.34
CA ARG E 178 -33.27 19.14 -12.17
C ARG E 178 -33.41 18.76 -10.74
N LEU E 179 -34.43 17.98 -10.44
CA LEU E 179 -34.64 17.58 -9.06
C LEU E 179 -33.83 16.38 -8.71
N GLU E 180 -33.37 16.35 -7.46
CA GLU E 180 -32.56 15.33 -6.84
C GLU E 180 -33.21 14.96 -5.50
N SER E 181 -33.50 13.69 -5.24
CA SER E 181 -34.10 13.20 -4.00
C SER E 181 -33.06 12.40 -3.19
N LYS E 182 -32.61 12.89 -2.05
CA LYS E 182 -31.55 12.27 -1.24
C LYS E 182 -31.98 11.68 0.11
N LEU E 183 -31.69 10.41 0.36
CA LEU E 183 -31.99 9.75 1.64
C LEU E 183 -30.76 9.58 2.49
N ASP E 184 -30.86 9.70 3.80
CA ASP E 184 -29.70 9.52 4.69
C ASP E 184 -29.78 8.23 5.52
N TYR E 185 -29.01 7.20 5.18
CA TYR E 185 -28.94 5.97 5.95
C TYR E 185 -27.80 6.13 6.94
N GLN E 186 -28.07 5.87 8.22
CA GLN E 186 -27.08 6.09 9.28
C GLN E 186 -26.75 4.85 10.09
N LEU E 187 -25.46 4.50 10.16
CA LEU E 187 -24.97 3.40 10.97
C LEU E 187 -24.27 4.01 12.16
N ARG E 188 -24.74 3.68 13.38
CA ARG E 188 -24.23 4.18 14.67
C ARG E 188 -23.24 3.22 15.32
N ILE E 189 -22.08 3.75 15.68
CA ILE E 189 -21.01 2.96 16.29
C ILE E 189 -20.40 3.63 17.51
N SER E 190 -19.70 2.86 18.35
CA SER E 190 -19.01 3.32 19.57
C SER E 190 -17.72 2.53 19.76
N ARG E 191 -16.64 3.19 20.21
CA ARG E 191 -15.34 2.54 20.34
C ARG E 191 -15.17 1.74 21.58
N GLN E 192 -14.67 0.49 21.42
CA GLN E 192 -14.35 -0.43 22.52
C GLN E 192 -13.00 0.03 23.16
N MET E 193 -13.08 1.17 23.85
CA MET E 193 -11.99 1.83 24.56
C MET E 193 -11.35 1.04 25.73
N GLY E 194 -11.87 -0.17 26.02
CA GLY E 194 -11.36 -1.03 27.08
C GLY E 194 -9.87 -1.27 27.00
N TYR E 195 -9.37 -1.55 25.78
CA TYR E 195 -7.98 -1.84 25.41
C TYR E 195 -6.98 -0.69 25.67
N TYR E 196 -7.44 0.58 25.49
CA TYR E 196 -6.64 1.80 25.60
C TYR E 196 -5.81 1.88 26.87
N LEU E 197 -6.41 1.63 28.04
CA LEU E 197 -5.73 1.71 29.34
C LEU E 197 -4.51 0.80 29.39
N ILE E 198 -4.75 -0.50 29.16
CA ILE E 198 -3.79 -1.60 29.19
C ILE E 198 -2.50 -1.31 28.40
N GLN E 199 -2.62 -1.02 27.10
CA GLN E 199 -1.51 -0.86 26.16
C GLN E 199 -1.07 0.58 25.86
N MET E 200 -2.01 1.54 25.78
CA MET E 200 -1.72 2.94 25.43
C MET E 200 -1.67 3.92 26.61
N TYR E 201 -2.79 4.14 27.37
CA TYR E 201 -2.94 5.13 28.46
C TYR E 201 -1.97 4.94 29.62
N ILE E 202 -1.95 3.75 30.26
CA ILE E 202 -1.08 3.45 31.40
C ILE E 202 0.43 3.51 31.03
N PRO E 203 0.97 2.68 30.08
CA PRO E 203 2.42 2.72 29.83
C PRO E 203 3.00 4.06 29.38
N SER E 204 2.21 4.94 28.72
CA SER E 204 2.69 6.27 28.28
C SER E 204 2.84 7.17 29.50
N LEU E 205 1.96 6.93 30.52
CA LEU E 205 1.95 7.61 31.81
C LEU E 205 3.04 7.13 32.75
N LEU E 206 3.36 5.81 32.78
CA LEU E 206 4.42 5.28 33.63
C LEU E 206 5.81 5.81 33.21
N ILE E 207 5.88 6.63 32.11
CA ILE E 207 7.06 7.34 31.61
C ILE E 207 7.02 8.74 32.24
N VAL E 208 5.82 9.39 32.19
CA VAL E 208 5.48 10.72 32.75
C VAL E 208 5.69 10.72 34.28
N ILE E 209 5.09 9.71 34.95
CA ILE E 209 5.14 9.47 36.39
C ILE E 209 6.62 9.24 36.81
N LEU E 210 7.39 8.48 35.97
CA LEU E 210 8.82 8.23 36.19
C LEU E 210 9.69 9.44 35.94
N SER E 211 9.11 10.58 35.50
CA SER E 211 9.88 11.80 35.36
C SER E 211 9.98 12.51 36.70
N TRP E 212 9.13 12.15 37.72
CA TRP E 212 9.15 12.79 39.07
C TRP E 212 9.57 11.81 40.18
N ALA E 222 21.87 16.15 41.61
CA ALA E 222 21.49 17.21 40.67
C ALA E 222 22.01 17.01 39.22
N PRO E 223 23.31 16.70 38.92
CA PRO E 223 23.69 16.49 37.50
C PRO E 223 23.22 15.14 36.97
N ALA E 224 22.91 14.20 37.89
CA ALA E 224 22.40 12.86 37.62
C ALA E 224 20.91 12.94 37.24
N ARG E 225 20.22 14.02 37.71
CA ARG E 225 18.81 14.30 37.39
C ARG E 225 18.65 14.71 35.90
N VAL E 226 19.78 15.18 35.28
CA VAL E 226 19.89 15.57 33.87
C VAL E 226 19.81 14.33 32.96
N GLY E 227 20.41 13.22 33.40
CA GLY E 227 20.35 11.93 32.74
C GLY E 227 19.03 11.22 33.03
N LEU E 228 18.42 11.47 34.22
CA LEU E 228 17.15 10.84 34.64
C LEU E 228 15.86 11.45 34.04
N GLY E 229 15.67 12.76 34.22
CA GLY E 229 14.49 13.49 33.78
C GLY E 229 14.33 13.72 32.29
N ILE E 230 15.44 13.61 31.49
CA ILE E 230 15.46 13.79 30.02
C ILE E 230 15.20 12.45 29.30
N THR E 231 15.40 11.31 29.98
CA THR E 231 15.12 9.99 29.41
C THR E 231 13.59 9.79 29.21
N THR E 232 12.79 10.23 30.21
CA THR E 232 11.31 10.18 30.29
C THR E 232 10.61 11.14 29.27
N VAL E 233 11.40 11.60 28.27
CA VAL E 233 11.08 12.49 27.15
C VAL E 233 11.45 11.68 25.91
N LEU E 234 12.71 11.16 25.88
CA LEU E 234 13.21 10.32 24.79
C LEU E 234 12.37 9.06 24.67
N THR E 235 11.89 8.52 25.80
CA THR E 235 11.04 7.32 25.84
C THR E 235 9.57 7.69 25.56
N MET E 236 9.12 8.92 25.93
CA MET E 236 7.74 9.37 25.61
C MET E 236 7.54 9.48 24.07
N THR E 237 8.53 10.04 23.36
CA THR E 237 8.47 10.15 21.89
C THR E 237 8.64 8.77 21.24
N THR E 238 9.14 7.76 21.99
CA THR E 238 9.29 6.39 21.51
C THR E 238 8.02 5.61 21.78
N GLN E 239 7.27 5.95 22.85
CA GLN E 239 5.96 5.33 23.11
C GLN E 239 5.04 5.90 22.03
N SER E 240 5.16 7.24 21.74
CA SER E 240 4.42 7.93 20.67
C SER E 240 4.65 7.23 19.30
N SER E 241 5.91 7.19 18.78
CA SER E 241 6.27 6.52 17.52
C SER E 241 5.96 5.03 17.58
N GLY E 242 6.17 4.42 18.74
CA GLY E 242 5.93 3.00 19.00
C GLY E 242 4.47 2.60 19.04
N SER E 243 3.55 3.59 19.08
CA SER E 243 2.09 3.36 19.08
C SER E 243 1.36 4.49 18.34
N ARG E 244 2.02 5.13 17.36
CA ARG E 244 1.41 6.25 16.64
C ARG E 244 0.29 5.80 15.69
N ALA E 245 0.31 4.51 15.29
CA ALA E 245 -0.71 3.87 14.46
C ALA E 245 -2.10 3.93 15.16
N SER E 246 -2.13 4.24 16.50
CA SER E 246 -3.30 4.36 17.38
C SER E 246 -3.54 5.79 17.92
N LEU E 247 -2.70 6.78 17.49
CA LEU E 247 -2.81 8.19 17.91
C LEU E 247 -3.15 9.05 16.68
N PRO E 248 -4.25 9.84 16.75
CA PRO E 248 -4.66 10.61 15.56
C PRO E 248 -4.20 12.07 15.48
N LYS E 249 -3.66 12.46 14.30
CA LYS E 249 -3.26 13.84 14.04
C LYS E 249 -4.31 14.46 13.14
N VAL E 250 -5.20 15.25 13.74
CA VAL E 250 -6.33 15.93 13.08
C VAL E 250 -5.98 17.36 12.68
N SER E 251 -6.82 18.00 11.85
CA SER E 251 -6.64 19.39 11.44
C SER E 251 -7.02 20.34 12.58
N TYR E 252 -7.84 19.84 13.51
CA TYR E 252 -8.32 20.49 14.73
C TYR E 252 -7.68 19.80 15.95
N VAL E 253 -8.19 20.04 17.17
CA VAL E 253 -7.63 19.43 18.38
C VAL E 253 -8.58 18.42 19.01
N LYS E 254 -8.01 17.29 19.44
CA LYS E 254 -8.72 16.20 20.13
C LYS E 254 -8.34 16.23 21.63
N ALA E 255 -9.20 15.66 22.52
CA ALA E 255 -8.99 15.61 23.98
C ALA E 255 -7.78 14.76 24.35
N ILE E 256 -7.12 14.23 23.32
CA ILE E 256 -5.95 13.37 23.38
C ILE E 256 -4.75 14.05 22.68
N ASP E 257 -5.06 14.96 21.72
CA ASP E 257 -4.09 15.79 21.00
C ASP E 257 -3.79 17.02 21.87
N ILE E 258 -4.53 17.11 23.01
CA ILE E 258 -4.45 18.10 24.08
C ILE E 258 -3.77 17.48 25.31
N TRP E 259 -4.05 16.18 25.57
CA TRP E 259 -3.38 15.42 26.63
C TRP E 259 -1.91 15.24 26.18
N MET E 260 -1.66 15.46 24.86
CA MET E 260 -0.36 15.41 24.19
C MET E 260 0.41 16.73 24.37
N ALA E 261 -0.24 17.90 24.14
CA ALA E 261 0.36 19.23 24.32
C ALA E 261 0.62 19.54 25.78
N VAL E 262 -0.01 18.75 26.76
CA VAL E 262 0.13 18.80 28.25
C VAL E 262 1.34 17.95 28.71
N CYS E 263 1.54 16.74 28.12
CA CYS E 263 2.70 15.89 28.41
C CYS E 263 3.97 16.53 27.90
N LEU E 264 3.88 17.27 26.80
CA LEU E 264 5.01 18.00 26.22
C LEU E 264 5.37 19.17 27.13
N LEU E 265 4.37 19.84 27.73
CA LEU E 265 4.57 20.96 28.66
C LEU E 265 5.03 20.45 30.03
N PHE E 266 4.47 19.32 30.50
CA PHE E 266 4.77 18.66 31.77
C PHE E 266 6.15 17.98 31.83
N VAL E 267 6.70 17.63 30.67
CA VAL E 267 8.01 16.99 30.52
C VAL E 267 9.08 18.13 30.41
N PHE E 268 8.63 19.35 30.04
CA PHE E 268 9.43 20.56 29.87
C PHE E 268 9.52 21.32 31.16
N SER E 269 8.34 21.64 31.78
CA SER E 269 8.21 22.34 33.06
C SER E 269 8.89 21.57 34.19
N ALA E 270 9.02 20.23 34.05
CA ALA E 270 9.73 19.41 35.02
C ALA E 270 11.24 19.66 34.83
N LEU E 271 11.71 19.76 33.54
CA LEU E 271 13.12 19.99 33.22
C LEU E 271 13.48 21.48 33.13
N LEU E 272 12.53 22.35 33.52
CA LEU E 272 12.69 23.78 33.65
C LEU E 272 12.95 23.96 35.14
N GLU E 273 12.23 23.16 35.98
CA GLU E 273 12.36 23.11 37.43
C GLU E 273 13.73 22.52 37.82
N TYR E 274 14.13 21.38 37.21
CA TYR E 274 15.42 20.73 37.46
C TYR E 274 16.61 21.40 36.74
N ALA E 275 16.35 22.48 35.98
CA ALA E 275 17.36 23.31 35.29
C ALA E 275 17.52 24.63 36.04
N ALA E 276 16.50 24.96 36.90
CA ALA E 276 16.47 26.15 37.75
C ALA E 276 16.93 25.82 39.18
N VAL E 277 16.64 24.59 39.67
CA VAL E 277 17.04 24.14 41.01
C VAL E 277 18.54 23.80 41.07
N ASN E 278 19.10 23.18 40.02
CA ASN E 278 20.53 22.81 39.92
C ASN E 278 21.42 23.99 39.47
N PHE E 279 20.81 25.17 39.22
CA PHE E 279 21.47 26.41 38.81
C PHE E 279 21.33 27.51 39.87
N VAL E 280 20.30 27.42 40.75
CA VAL E 280 20.06 28.36 41.85
C VAL E 280 20.99 28.02 43.02
N SER E 281 21.16 26.71 43.33
CA SER E 281 22.05 26.21 44.38
C SER E 281 23.54 26.43 44.03
N ARG E 282 23.87 26.51 42.72
CA ARG E 282 25.22 26.74 42.21
C ARG E 282 25.56 28.24 42.14
N GLN E 283 24.54 29.11 41.98
CA GLN E 283 24.69 30.57 41.90
C GLN E 283 24.55 31.25 43.28
N SER E 284 25.14 30.61 44.32
CA SER E 284 25.20 31.04 45.72
C SER E 284 23.84 31.42 46.36
N GLN E 285 22.92 30.42 46.48
CA GLN E 285 21.61 30.56 47.10
C GLN E 285 20.99 29.22 47.64
N PRO E 286 21.79 28.17 48.01
CA PRO E 286 21.21 26.83 48.28
C PRO E 286 20.10 26.72 49.34
N GLN E 287 19.63 27.85 49.87
CA GLN E 287 18.56 27.90 50.86
C GLN E 287 17.20 27.72 50.19
N ARG E 288 16.88 28.58 49.20
CA ARG E 288 15.63 28.58 48.45
C ARG E 288 15.53 27.43 47.42
N ALA E 289 16.63 26.65 47.24
CA ALA E 289 16.72 25.50 46.33
C ALA E 289 15.81 24.35 46.79
N LYS E 290 15.83 24.03 48.10
CA LYS E 290 15.01 22.97 48.68
C LYS E 290 13.54 23.41 48.93
N LYS E 291 13.24 24.70 48.68
CA LYS E 291 11.91 25.30 48.85
C LYS E 291 10.99 25.05 47.66
N ILE E 292 11.53 25.08 46.42
CA ILE E 292 10.78 24.88 45.18
C ILE E 292 10.94 23.46 44.62
N ASP E 293 12.12 22.82 44.85
CA ASP E 293 12.47 21.47 44.40
C ASP E 293 11.97 20.33 45.33
N LYS E 294 11.06 20.67 46.26
CA LYS E 294 10.33 19.75 47.15
C LYS E 294 8.81 20.00 47.01
N ILE E 295 8.42 21.27 46.76
CA ILE E 295 7.03 21.72 46.56
C ILE E 295 6.49 21.30 45.19
N SER E 296 7.37 21.27 44.16
CA SER E 296 7.06 20.84 42.78
C SER E 296 6.86 19.32 42.74
N ARG E 297 7.42 18.58 43.74
CA ARG E 297 7.32 17.11 43.88
C ARG E 297 5.91 16.64 44.33
N ILE E 298 5.10 17.57 44.88
CA ILE E 298 3.72 17.32 45.30
C ILE E 298 2.78 18.22 44.50
N GLY E 299 3.36 19.23 43.85
CA GLY E 299 2.67 20.20 43.01
C GLY E 299 2.30 19.67 41.63
N PHE E 300 3.26 18.96 40.97
CA PHE E 300 3.07 18.35 39.65
C PHE E 300 1.91 17.35 39.60
N PRO E 301 1.86 16.25 40.41
CA PRO E 301 0.71 15.31 40.32
C PRO E 301 -0.67 15.96 40.51
N MET E 302 -0.76 17.06 41.31
CA MET E 302 -2.02 17.77 41.54
C MET E 302 -2.30 18.85 40.48
N ALA E 303 -1.24 19.44 39.87
CA ALA E 303 -1.37 20.41 38.78
C ALA E 303 -1.85 19.65 37.54
N PHE E 304 -1.45 18.36 37.43
CA PHE E 304 -1.82 17.43 36.38
C PHE E 304 -3.25 16.99 36.52
N LEU E 305 -3.65 16.42 37.67
CA LEU E 305 -5.02 15.96 37.90
C LEU E 305 -6.00 17.10 37.67
N ILE E 306 -5.68 18.31 38.17
CA ILE E 306 -6.50 19.50 37.95
C ILE E 306 -6.62 19.82 36.45
N PHE E 307 -5.49 19.85 35.71
CA PHE E 307 -5.43 20.14 34.27
C PHE E 307 -6.18 19.12 33.40
N ASN E 308 -5.92 17.80 33.60
CA ASN E 308 -6.58 16.70 32.89
C ASN E 308 -8.09 16.69 33.18
N MET E 309 -8.51 17.06 34.42
CA MET E 309 -9.91 17.16 34.83
C MET E 309 -10.54 18.43 34.28
N PHE E 310 -9.73 19.48 34.04
CA PHE E 310 -10.16 20.74 33.45
C PHE E 310 -10.38 20.52 31.96
N TYR E 311 -9.46 19.77 31.29
CA TYR E 311 -9.51 19.40 29.87
C TYR E 311 -10.75 18.55 29.61
N TRP E 312 -10.95 17.50 30.45
CA TRP E 312 -12.08 16.57 30.43
C TRP E 312 -13.44 17.28 30.48
N ILE E 313 -13.57 18.34 31.31
CA ILE E 313 -14.79 19.13 31.45
C ILE E 313 -15.25 19.74 30.12
N ILE E 314 -14.27 20.21 29.31
CA ILE E 314 -14.51 20.86 28.01
C ILE E 314 -14.95 19.92 26.91
N TYR E 315 -14.10 18.93 26.57
CA TYR E 315 -14.29 18.01 25.46
C TYR E 315 -15.32 16.87 25.79
N PHE E 316 -15.01 15.95 26.73
CA PHE E 316 -15.93 14.86 27.08
C PHE E 316 -16.88 15.25 28.22
#